data_5X5Q
#
_entry.id   5X5Q
#
_cell.length_a   107.835
_cell.length_b   107.835
_cell.length_c   314.951
_cell.angle_alpha   90.000
_cell.angle_beta   90.000
_cell.angle_gamma   90.000
#
_symmetry.space_group_name_H-M   'P 43 21 2'
#
loop_
_entity.id
_entity.type
_entity.pdbx_description
1 polymer 'Thymidylate synthase'
2 non-polymer "2'-DEOXYURIDINE 5'-MONOPHOSPHATE"
3 non-polymer TOMUDEX
4 water water
#
_entity_poly.entity_id   1
_entity_poly.type   'polypeptide(L)'
_entity_poly.pdbx_seq_one_letter_code
;SMPPHGELQYLGQIQHILRCGVRKDDRTGTGTLSVFGMQARYSLRDEFPLLTTKRVFWKGVLEELLWFIKGSTNAKELSS
KGVKIWDANGSRDFLDSLGFSTREEGDLGPVYGFQWRHFGAEYRDMESDYSGQGVDQLQRVIDTIKTNPDDRRIIMCAWN
PRDLPLMALPPCHALCQFYVVNSELSCQLYQRSGDMGLGVPFNIASYALLTYMIAHITGLKPGDFIHTLGDAHIYLNHIE
PLKIQLQREPRPFPKLRILRKVEKIDDFKAEDFQIEGYNPHPTIKMEMAV
;
_entity_poly.pdbx_strand_id   A,B,C,D,E,F
#
# COMPACT_ATOMS: atom_id res chain seq x y z
N PRO A 3 -5.67 15.44 31.13
CA PRO A 3 -5.32 14.02 30.87
C PRO A 3 -4.65 13.81 29.49
N PRO A 4 -3.60 12.98 29.40
CA PRO A 4 -2.84 12.90 28.14
C PRO A 4 -3.62 12.34 26.88
N HIS A 5 -3.08 12.73 25.73
CA HIS A 5 -3.62 12.40 24.44
C HIS A 5 -3.40 10.92 24.12
N GLY A 6 -4.48 10.20 23.82
CA GLY A 6 -4.46 8.77 23.50
C GLY A 6 -3.48 8.35 22.40
N GLU A 7 -3.26 9.25 21.45
CA GLU A 7 -2.30 9.03 20.35
C GLU A 7 -0.84 8.89 20.80
N LEU A 8 -0.52 9.42 21.98
CA LEU A 8 0.80 9.25 22.54
C LEU A 8 1.14 7.80 22.86
N GLN A 9 0.11 6.97 23.05
CA GLN A 9 0.33 5.53 23.19
C GLN A 9 0.86 4.87 21.93
N TYR A 10 0.20 5.11 20.80
CA TYR A 10 0.68 4.63 19.50
C TYR A 10 2.10 5.15 19.24
N LEU A 11 2.32 6.44 19.45
CA LEU A 11 3.65 6.98 19.21
C LEU A 11 4.68 6.36 20.17
N GLY A 12 4.30 6.17 21.43
CA GLY A 12 5.09 5.41 22.40
C GLY A 12 5.49 4.05 21.89
N GLN A 13 4.54 3.32 21.33
CA GLN A 13 4.81 2.01 20.72
C GLN A 13 5.84 2.09 19.59
N ILE A 14 5.76 3.11 18.76
CA ILE A 14 6.75 3.31 17.69
C ILE A 14 8.14 3.50 18.28
N GLN A 15 8.26 4.39 19.27
CA GLN A 15 9.55 4.64 19.89
C GLN A 15 10.13 3.39 20.53
N HIS A 16 9.28 2.65 21.23
CA HIS A 16 9.70 1.40 21.83
C HIS A 16 10.25 0.39 20.80
N ILE A 17 9.66 0.32 19.62
CA ILE A 17 10.11 -0.61 18.59
C ILE A 17 11.44 -0.13 17.97
N LEU A 18 11.62 1.17 17.85
CA LEU A 18 12.87 1.74 17.33
C LEU A 18 14.04 1.56 18.29
N ARG A 19 13.81 1.74 19.58
CA ARG A 19 14.86 1.58 20.59
C ARG A 19 15.11 0.13 21.02
N CYS A 20 14.05 -0.68 21.16
CA CYS A 20 14.14 -2.04 21.69
C CYS A 20 13.83 -3.15 20.72
N GLY A 21 13.46 -2.83 19.47
CA GLY A 21 13.10 -3.85 18.47
C GLY A 21 14.31 -4.68 18.04
N VAL A 22 14.03 -5.82 17.42
CA VAL A 22 15.04 -6.75 16.94
C VAL A 22 14.88 -6.94 15.42
N ARG A 23 16.00 -7.12 14.73
CA ARG A 23 16.00 -7.35 13.27
C ARG A 23 15.41 -8.74 13.01
N LYS A 24 14.49 -8.81 12.06
CA LYS A 24 13.74 -10.02 11.81
C LYS A 24 13.27 -9.98 10.38
N ASP A 25 13.49 -11.09 9.66
CA ASP A 25 13.22 -11.12 8.20
C ASP A 25 11.76 -11.49 7.94
N ASP A 26 11.31 -11.28 6.70
CA ASP A 26 9.93 -11.59 6.34
C ASP A 26 9.89 -12.16 4.93
N ARG A 27 8.67 -12.40 4.42
CA ARG A 27 8.49 -12.93 3.07
C ARG A 27 9.12 -12.03 2.01
N THR A 28 8.91 -10.73 2.13
CA THR A 28 9.28 -9.75 1.08
C THR A 28 10.79 -9.35 1.04
N GLY A 29 11.63 -9.93 1.92
CA GLY A 29 13.07 -9.65 1.91
C GLY A 29 13.46 -8.29 2.47
N THR A 30 12.47 -7.49 2.90
CA THR A 30 12.71 -6.12 3.31
C THR A 30 13.32 -6.06 4.70
N GLY A 31 12.84 -6.93 5.60
CA GLY A 31 13.24 -6.94 6.98
C GLY A 31 12.38 -6.02 7.84
N THR A 32 12.45 -6.24 9.14
CA THR A 32 11.68 -5.46 10.09
C THR A 32 12.43 -5.32 11.39
N LEU A 33 12.12 -4.25 12.10
CA LEU A 33 12.35 -4.16 13.56
C LEU A 33 11.07 -4.62 14.20
N SER A 34 11.17 -5.57 15.12
CA SER A 34 10.00 -6.28 15.65
C SER A 34 10.01 -6.41 17.18
N VAL A 35 8.85 -6.18 17.81
CA VAL A 35 8.64 -6.53 19.21
C VAL A 35 7.37 -7.40 19.33
N PHE A 36 7.42 -8.42 20.17
CA PHE A 36 6.32 -9.33 20.42
C PHE A 36 5.56 -8.99 21.73
N GLY A 37 4.27 -8.68 21.61
CA GLY A 37 3.43 -8.38 22.77
C GLY A 37 3.43 -6.93 23.15
N MET A 38 2.44 -6.19 22.68
CA MET A 38 2.18 -4.82 23.10
C MET A 38 0.66 -4.68 23.30
N GLN A 39 0.31 -3.65 24.05
CA GLN A 39 -1.09 -3.33 24.34
C GLN A 39 -1.22 -1.82 24.51
N ALA A 40 -2.27 -1.25 23.92
CA ALA A 40 -2.57 0.18 24.06
C ALA A 40 -4.06 0.35 24.27
N ARG A 41 -4.44 1.42 24.94
CA ARG A 41 -5.82 1.72 25.30
C ARG A 41 -6.20 3.08 24.73
N TYR A 42 -7.31 3.17 24.02
CA TYR A 42 -7.80 4.43 23.42
C TYR A 42 -9.22 4.72 23.89
N SER A 43 -9.41 5.79 24.66
CA SER A 43 -10.74 6.19 25.10
C SER A 43 -11.57 6.58 23.87
N LEU A 44 -12.79 6.07 23.81
CA LEU A 44 -13.76 6.45 22.80
C LEU A 44 -14.82 7.40 23.36
N ARG A 45 -14.63 7.89 24.59
CA ARG A 45 -15.62 8.77 25.23
C ARG A 45 -15.52 10.18 24.70
N ASP A 46 -16.53 10.58 23.93
CA ASP A 46 -16.58 11.88 23.25
C ASP A 46 -15.36 12.20 22.36
N GLU A 47 -14.73 11.17 21.81
CA GLU A 47 -13.67 11.34 20.81
C GLU A 47 -13.54 10.06 19.99
N PHE A 48 -12.95 10.18 18.80
CA PHE A 48 -12.74 9.07 17.92
C PHE A 48 -11.27 8.97 17.56
N PRO A 49 -10.61 7.82 17.83
CA PRO A 49 -9.15 7.69 17.68
C PRO A 49 -8.65 7.50 16.25
N LEU A 50 -8.81 8.55 15.45
CA LEU A 50 -8.32 8.60 14.09
C LEU A 50 -7.05 9.41 14.15
N LEU A 51 -5.90 8.78 13.91
CA LEU A 51 -4.61 9.40 14.21
C LEU A 51 -4.34 10.69 13.42
N THR A 52 -3.83 11.70 14.12
CA THR A 52 -3.57 13.02 13.56
C THR A 52 -2.12 13.26 13.12
N THR A 53 -1.16 12.48 13.57
CA THR A 53 0.24 12.72 13.20
C THR A 53 0.57 12.29 11.77
N LYS A 54 -0.35 11.56 11.19
CA LYS A 54 -0.30 11.10 9.83
C LYS A 54 -1.73 10.86 9.43
N ARG A 55 -2.12 11.27 8.24
CA ARG A 55 -3.49 11.08 7.83
C ARG A 55 -3.83 9.60 7.67
N VAL A 56 -5.00 9.23 8.20
CA VAL A 56 -5.53 7.90 8.05
C VAL A 56 -6.61 7.96 6.97
N PHE A 57 -6.66 6.92 6.13
CA PHE A 57 -7.55 6.84 5.00
C PHE A 57 -8.96 6.51 5.47
N TRP A 58 -9.65 7.51 5.99
CA TRP A 58 -10.99 7.33 6.59
C TRP A 58 -12.00 6.68 5.67
N LYS A 59 -12.08 7.15 4.43
CA LYS A 59 -13.02 6.63 3.46
C LYS A 59 -12.86 5.10 3.34
N GLY A 60 -11.62 4.65 3.28
CA GLY A 60 -11.31 3.23 3.24
C GLY A 60 -11.69 2.45 4.49
N VAL A 61 -11.50 3.06 5.66
CA VAL A 61 -11.90 2.46 6.94
C VAL A 61 -13.40 2.15 6.90
N LEU A 62 -14.17 3.17 6.53
CA LEU A 62 -15.63 3.09 6.54
C LEU A 62 -16.19 2.09 5.53
N GLU A 63 -15.74 2.19 4.27
CA GLU A 63 -16.20 1.31 3.22
C GLU A 63 -15.77 -0.16 3.46
N GLU A 64 -14.55 -0.35 3.95
CA GLU A 64 -14.06 -1.69 4.29
C GLU A 64 -14.90 -2.33 5.39
N LEU A 65 -15.27 -1.57 6.40
CA LEU A 65 -16.14 -2.09 7.45
C LEU A 65 -17.53 -2.45 6.93
N LEU A 66 -18.15 -1.58 6.13
CA LEU A 66 -19.46 -1.85 5.51
C LEU A 66 -19.43 -3.11 4.63
N TRP A 67 -18.29 -3.30 3.98
CA TRP A 67 -18.02 -4.47 3.13
C TRP A 67 -17.87 -5.76 3.95
N PHE A 68 -17.29 -5.66 5.12
CA PHE A 68 -17.17 -6.76 6.04
C PHE A 68 -18.51 -7.13 6.56
N ILE A 69 -19.31 -6.14 6.88
CA ILE A 69 -20.65 -6.34 7.40
C ILE A 69 -21.56 -7.04 6.39
N LYS A 70 -21.46 -6.72 5.10
CA LYS A 70 -22.24 -7.40 4.05
C LYS A 70 -21.88 -8.88 3.88
N GLY A 71 -20.72 -9.26 4.36
CA GLY A 71 -20.20 -10.60 4.27
C GLY A 71 -19.46 -10.82 2.99
N SER A 72 -18.95 -9.76 2.41
CA SER A 72 -18.31 -9.84 1.12
C SER A 72 -16.85 -10.23 1.26
N THR A 73 -16.35 -10.94 0.27
CA THR A 73 -14.98 -11.34 0.19
C THR A 73 -14.51 -11.08 -1.22
N ASN A 74 -15.20 -10.19 -1.89
CA ASN A 74 -14.90 -9.79 -3.27
C ASN A 74 -14.14 -8.47 -3.30
N ALA A 75 -12.84 -8.53 -3.51
CA ALA A 75 -12.00 -7.33 -3.50
C ALA A 75 -12.41 -6.34 -4.58
N LYS A 76 -12.91 -6.84 -5.72
CA LYS A 76 -13.42 -5.97 -6.80
C LYS A 76 -14.59 -5.11 -6.33
N GLU A 77 -15.47 -5.64 -5.47
CA GLU A 77 -16.56 -4.87 -4.88
C GLU A 77 -16.04 -3.67 -4.07
N LEU A 78 -15.12 -3.92 -3.14
CA LEU A 78 -14.47 -2.85 -2.36
C LEU A 78 -13.74 -1.83 -3.25
N SER A 79 -13.10 -2.34 -4.31
CA SER A 79 -12.33 -1.51 -5.23
C SER A 79 -13.22 -0.54 -6.02
N SER A 80 -14.38 -1.06 -6.43
CA SER A 80 -15.38 -0.26 -7.12
C SER A 80 -15.71 0.99 -6.30
N LYS A 81 -15.61 0.92 -4.98
CA LYS A 81 -15.86 2.09 -4.13
C LYS A 81 -14.61 2.98 -3.92
N GLY A 82 -13.59 2.90 -4.77
CA GLY A 82 -12.39 3.74 -4.63
C GLY A 82 -11.43 3.36 -3.50
N VAL A 83 -11.54 2.13 -3.02
CA VAL A 83 -10.75 1.62 -1.91
C VAL A 83 -9.96 0.40 -2.42
N LYS A 84 -8.68 0.64 -2.69
CA LYS A 84 -7.83 -0.33 -3.38
C LYS A 84 -7.05 -1.24 -2.42
N ILE A 85 -7.31 -1.14 -1.13
CA ILE A 85 -6.45 -1.77 -0.11
C ILE A 85 -6.33 -3.30 -0.17
N TRP A 86 -7.26 -3.99 -0.80
CA TRP A 86 -7.20 -5.43 -0.90
C TRP A 86 -7.02 -5.91 -2.33
N ASP A 87 -6.73 -5.03 -3.25
CA ASP A 87 -6.63 -5.39 -4.66
C ASP A 87 -5.40 -6.21 -5.01
N ALA A 88 -4.24 -5.89 -4.44
CA ALA A 88 -3.02 -6.67 -4.68
C ALA A 88 -3.20 -8.14 -4.26
N ASN A 89 -3.93 -8.38 -3.19
CA ASN A 89 -4.16 -9.72 -2.72
C ASN A 89 -5.18 -10.47 -3.56
N GLY A 90 -6.07 -9.76 -4.22
CA GLY A 90 -7.05 -10.36 -5.11
C GLY A 90 -6.67 -10.45 -6.57
N SER A 91 -5.48 -9.97 -6.94
CA SER A 91 -5.09 -9.89 -8.37
C SER A 91 -4.81 -11.24 -8.95
N ARG A 92 -4.98 -11.38 -10.26
CA ARG A 92 -4.68 -12.62 -11.00
C ARG A 92 -3.27 -13.15 -10.65
N ASP A 93 -2.29 -12.24 -10.58
CA ASP A 93 -0.92 -12.62 -10.24
C ASP A 93 -0.77 -13.27 -8.85
N PHE A 94 -1.22 -12.55 -7.83
CA PHE A 94 -1.06 -13.01 -6.45
C PHE A 94 -1.85 -14.29 -6.16
N LEU A 95 -3.03 -14.42 -6.74
CA LEU A 95 -3.81 -15.63 -6.60
C LEU A 95 -3.10 -16.84 -7.22
N ASP A 96 -2.60 -16.67 -8.45
CA ASP A 96 -1.79 -17.72 -9.11
C ASP A 96 -0.54 -18.15 -8.32
N SER A 97 0.11 -17.19 -7.65
CA SER A 97 1.28 -17.48 -6.80
C SER A 97 0.95 -18.31 -5.54
N LEU A 98 -0.31 -18.38 -5.15
CA LEU A 98 -0.78 -19.29 -4.09
C LEU A 98 -1.42 -20.58 -4.64
N GLY A 99 -1.40 -20.77 -5.97
CA GLY A 99 -1.99 -21.94 -6.59
C GLY A 99 -3.51 -21.92 -6.68
N PHE A 100 -4.09 -20.73 -6.79
CA PHE A 100 -5.53 -20.59 -7.08
C PHE A 100 -5.74 -20.20 -8.54
N SER A 101 -5.29 -21.06 -9.45
CA SER A 101 -5.37 -20.80 -10.90
C SER A 101 -6.82 -20.65 -11.43
N THR A 102 -7.74 -21.42 -10.87
CA THR A 102 -9.12 -21.47 -11.34
C THR A 102 -10.07 -20.54 -10.59
N ARG A 103 -9.53 -19.74 -9.68
CA ARG A 103 -10.32 -18.78 -8.93
C ARG A 103 -10.44 -17.46 -9.66
N GLU A 104 -11.61 -16.83 -9.61
CA GLU A 104 -11.82 -15.55 -10.30
C GLU A 104 -11.04 -14.42 -9.64
N GLU A 105 -10.66 -13.42 -10.42
CA GLU A 105 -9.96 -12.23 -9.90
C GLU A 105 -10.82 -11.41 -8.90
N GLY A 106 -10.21 -11.06 -7.76
CA GLY A 106 -10.90 -10.43 -6.65
C GLY A 106 -11.32 -11.36 -5.52
N ASP A 107 -11.37 -12.67 -5.78
CA ASP A 107 -11.85 -13.63 -4.79
C ASP A 107 -10.77 -13.91 -3.77
N LEU A 108 -10.93 -13.30 -2.62
CA LEU A 108 -9.97 -13.40 -1.55
C LEU A 108 -10.09 -14.61 -0.69
N GLY A 109 -11.14 -15.36 -0.84
CA GLY A 109 -11.33 -16.53 -0.03
C GLY A 109 -12.23 -16.26 1.11
N PRO A 110 -12.24 -17.18 2.04
CA PRO A 110 -13.10 -17.11 3.21
C PRO A 110 -12.56 -16.28 4.35
N VAL A 111 -12.32 -15.02 4.07
CA VAL A 111 -11.83 -14.05 5.02
C VAL A 111 -12.92 -13.35 5.78
N TYR A 112 -12.57 -12.27 6.48
CA TYR A 112 -13.45 -11.49 7.36
C TYR A 112 -14.94 -11.50 7.16
N GLY A 113 -15.41 -11.08 6.02
CA GLY A 113 -16.82 -11.08 5.76
C GLY A 113 -17.43 -12.44 5.92
N PHE A 114 -16.84 -13.41 5.28
CA PHE A 114 -17.33 -14.76 5.36
C PHE A 114 -17.32 -15.32 6.75
N GLN A 115 -16.28 -15.07 7.49
CA GLN A 115 -16.19 -15.58 8.83
C GLN A 115 -17.08 -14.92 9.81
N TRP A 116 -17.33 -13.64 9.66
CA TRP A 116 -18.15 -12.92 10.59
C TRP A 116 -19.59 -13.29 10.50
N ARG A 117 -20.02 -13.65 9.32
CA ARG A 117 -21.38 -13.99 9.10
C ARG A 117 -21.69 -15.45 8.88
N HIS A 118 -20.76 -16.20 8.33
CA HIS A 118 -20.99 -17.60 8.00
C HIS A 118 -19.91 -18.54 8.51
N PHE A 119 -19.42 -18.34 9.72
CA PHE A 119 -18.36 -19.17 10.24
C PHE A 119 -18.57 -20.65 10.23
N GLY A 120 -17.74 -21.35 9.51
CA GLY A 120 -17.82 -22.79 9.45
C GLY A 120 -18.68 -23.32 8.34
N ALA A 121 -19.22 -22.45 7.52
CA ALA A 121 -19.93 -22.87 6.35
C ALA A 121 -18.93 -23.27 5.28
N GLU A 122 -19.39 -24.06 4.32
CA GLU A 122 -18.51 -24.50 3.27
C GLU A 122 -18.38 -23.44 2.24
N TYR A 123 -17.20 -22.93 2.06
CA TYR A 123 -16.96 -21.88 1.11
C TYR A 123 -16.75 -22.36 -0.28
N ARG A 124 -17.53 -21.85 -1.23
CA ARG A 124 -17.42 -22.23 -2.64
C ARG A 124 -16.70 -21.12 -3.41
N ASP A 125 -17.40 -20.03 -3.75
CA ASP A 125 -16.73 -18.85 -4.32
C ASP A 125 -17.37 -17.56 -3.79
N MET A 126 -16.76 -16.44 -4.17
CA MET A 126 -17.19 -15.12 -3.65
C MET A 126 -18.62 -14.72 -4.04
N GLU A 127 -19.10 -15.18 -5.18
CA GLU A 127 -20.42 -14.83 -5.67
C GLU A 127 -21.55 -15.79 -5.17
N SER A 128 -21.19 -16.87 -4.48
CA SER A 128 -22.16 -17.90 -4.05
C SER A 128 -23.16 -17.41 -3.00
N ASP A 129 -24.21 -18.17 -2.82
CA ASP A 129 -25.26 -17.90 -1.84
C ASP A 129 -24.91 -18.64 -0.54
N TYR A 130 -24.95 -17.92 0.57
CA TYR A 130 -24.65 -18.50 1.86
C TYR A 130 -25.71 -18.20 2.92
N SER A 131 -26.91 -17.81 2.53
CA SER A 131 -27.98 -17.45 3.48
C SER A 131 -28.30 -18.60 4.46
N GLY A 132 -28.16 -18.30 5.75
CA GLY A 132 -28.47 -19.26 6.81
C GLY A 132 -27.39 -20.27 7.08
N GLN A 133 -26.34 -20.32 6.25
CA GLN A 133 -25.26 -21.25 6.44
C GLN A 133 -24.25 -20.68 7.43
N GLY A 134 -23.76 -21.56 8.31
CA GLY A 134 -22.74 -21.19 9.29
C GLY A 134 -23.28 -20.34 10.43
N VAL A 135 -22.37 -19.87 11.27
CA VAL A 135 -22.69 -19.05 12.43
C VAL A 135 -22.54 -17.55 12.10
N ASP A 136 -23.58 -16.78 12.36
CA ASP A 136 -23.53 -15.33 12.22
C ASP A 136 -23.02 -14.72 13.55
N GLN A 137 -21.70 -14.60 13.63
CA GLN A 137 -21.07 -14.13 14.84
C GLN A 137 -21.43 -12.69 15.14
N LEU A 138 -21.48 -11.86 14.10
CA LEU A 138 -21.76 -10.42 14.29
C LEU A 138 -23.13 -10.21 14.91
N GLN A 139 -24.15 -10.86 14.34
CA GLN A 139 -25.49 -10.78 14.90
C GLN A 139 -25.54 -11.37 16.31
N ARG A 140 -24.90 -12.52 16.54
CA ARG A 140 -24.87 -13.13 17.89
C ARG A 140 -24.26 -12.23 18.95
N VAL A 141 -23.17 -11.53 18.58
CA VAL A 141 -22.57 -10.52 19.45
C VAL A 141 -23.61 -9.46 19.83
N ILE A 142 -24.28 -8.92 18.80
CA ILE A 142 -25.26 -7.85 18.99
C ILE A 142 -26.42 -8.33 19.87
N ASP A 143 -26.93 -9.52 19.61
CA ASP A 143 -28.02 -10.06 20.43
C ASP A 143 -27.60 -10.33 21.87
N THR A 144 -26.36 -10.74 22.09
CA THR A 144 -25.88 -10.97 23.45
C THR A 144 -25.67 -9.67 24.24
N ILE A 145 -25.12 -8.65 23.58
CA ILE A 145 -24.97 -7.35 24.24
C ILE A 145 -26.32 -6.78 24.71
N LYS A 146 -27.36 -6.95 23.88
CA LYS A 146 -28.70 -6.54 24.24
C LYS A 146 -29.33 -7.35 25.38
N THR A 147 -29.22 -8.68 25.38
CA THR A 147 -29.94 -9.54 26.35
C THR A 147 -29.15 -9.89 27.62
N ASN A 148 -27.83 -9.90 27.54
CA ASN A 148 -27.00 -10.35 28.65
C ASN A 148 -25.63 -9.66 28.57
N PRO A 149 -25.61 -8.36 28.87
CA PRO A 149 -24.36 -7.57 28.76
C PRO A 149 -23.19 -8.00 29.65
N ASP A 150 -23.45 -8.65 30.79
CA ASP A 150 -22.39 -9.02 31.73
C ASP A 150 -21.57 -10.21 31.23
N ASP A 151 -22.11 -10.95 30.27
CA ASP A 151 -21.44 -12.06 29.60
C ASP A 151 -19.98 -11.74 29.23
N ARG A 152 -19.10 -12.69 29.52
CA ARG A 152 -17.68 -12.58 29.23
C ARG A 152 -17.23 -13.43 28.02
N ARG A 153 -18.17 -13.75 27.13
CA ARG A 153 -17.95 -14.59 25.96
C ARG A 153 -18.33 -13.88 24.66
N ILE A 154 -18.47 -12.56 24.69
CA ILE A 154 -18.97 -11.82 23.53
C ILE A 154 -17.77 -11.66 22.61
N ILE A 155 -17.61 -12.63 21.71
CA ILE A 155 -16.44 -12.79 20.87
C ILE A 155 -16.78 -13.02 19.43
N MET A 156 -15.99 -12.39 18.58
CA MET A 156 -16.02 -12.62 17.14
C MET A 156 -14.62 -13.12 16.75
N CYS A 157 -14.55 -14.24 16.02
CA CYS A 157 -13.28 -14.85 15.64
C CYS A 157 -13.19 -15.03 14.15
N ALA A 158 -12.13 -14.56 13.53
CA ALA A 158 -11.95 -14.72 12.13
C ALA A 158 -10.91 -15.78 11.81
N TRP A 159 -10.24 -16.25 12.82
CA TRP A 159 -9.23 -17.28 12.66
C TRP A 159 -9.92 -18.63 12.59
N ASN A 160 -9.92 -19.21 11.39
CA ASN A 160 -10.52 -20.51 11.14
C ASN A 160 -9.46 -21.40 10.48
N PRO A 161 -8.81 -22.28 11.26
CA PRO A 161 -7.75 -23.13 10.73
C PRO A 161 -8.19 -24.02 9.56
N ARG A 162 -9.47 -24.43 9.54
CA ARG A 162 -9.95 -25.29 8.47
C ARG A 162 -9.97 -24.56 7.14
N ASP A 163 -10.20 -23.27 7.17
CA ASP A 163 -10.29 -22.48 6.00
C ASP A 163 -9.06 -21.77 5.56
N LEU A 164 -8.06 -21.72 6.41
CA LEU A 164 -6.78 -21.04 6.14
C LEU A 164 -6.22 -21.31 4.74
N PRO A 165 -6.07 -22.59 4.34
CA PRO A 165 -5.47 -22.88 3.03
C PRO A 165 -6.13 -22.17 1.85
N LEU A 166 -7.42 -21.88 1.97
CA LEU A 166 -8.20 -21.19 0.94
C LEU A 166 -8.11 -19.64 0.93
N MET A 167 -7.49 -19.03 1.92
CA MET A 167 -7.48 -17.58 1.98
C MET A 167 -6.33 -16.92 1.28
N ALA A 168 -6.55 -15.76 0.68
CA ALA A 168 -5.47 -15.05 -0.04
C ALA A 168 -4.49 -14.44 0.95
N LEU A 169 -5.00 -13.94 2.05
CA LEU A 169 -4.18 -13.46 3.12
C LEU A 169 -4.84 -13.88 4.40
N PRO A 170 -4.19 -14.70 5.21
CA PRO A 170 -4.79 -15.10 6.50
C PRO A 170 -4.94 -13.86 7.43
N PRO A 171 -6.05 -13.78 8.14
CA PRO A 171 -6.41 -12.64 8.97
C PRO A 171 -5.44 -12.12 10.00
N CYS A 172 -5.38 -10.83 10.12
CA CYS A 172 -4.53 -10.18 11.09
C CYS A 172 -5.28 -9.94 12.35
N HIS A 173 -6.58 -9.71 12.27
CA HIS A 173 -7.37 -9.53 13.42
C HIS A 173 -8.02 -10.84 13.63
N ALA A 174 -7.30 -11.66 14.34
CA ALA A 174 -7.72 -13.00 14.68
C ALA A 174 -9.03 -12.99 15.45
N LEU A 175 -9.15 -12.12 16.44
CA LEU A 175 -10.40 -12.00 17.15
C LEU A 175 -10.59 -10.69 17.85
N CYS A 176 -11.84 -10.41 18.22
CA CYS A 176 -12.16 -9.31 19.06
C CYS A 176 -13.19 -9.71 20.09
N GLN A 177 -13.12 -9.04 21.25
CA GLN A 177 -14.01 -9.29 22.35
C GLN A 177 -14.68 -7.99 22.74
N PHE A 178 -15.94 -8.09 23.14
CA PHE A 178 -16.67 -6.95 23.67
C PHE A 178 -17.00 -7.15 25.14
N TYR A 179 -17.31 -6.05 25.79
CA TYR A 179 -17.42 -6.00 27.23
C TYR A 179 -18.33 -4.82 27.56
N VAL A 180 -19.19 -4.98 28.54
CA VAL A 180 -20.19 -3.98 28.84
C VAL A 180 -20.25 -3.80 30.33
N VAL A 181 -20.08 -2.55 30.78
CA VAL A 181 -20.23 -2.21 32.18
C VAL A 181 -20.67 -0.75 32.29
N ASN A 182 -21.64 -0.50 33.17
CA ASN A 182 -22.28 0.82 33.31
C ASN A 182 -22.70 1.48 32.00
N SER A 183 -23.36 0.68 31.14
CA SER A 183 -23.81 1.16 29.83
C SER A 183 -22.71 1.65 28.85
N GLU A 184 -21.47 1.20 29.05
CA GLU A 184 -20.36 1.54 28.17
C GLU A 184 -19.84 0.29 27.43
N LEU A 185 -19.83 0.34 26.10
CA LEU A 185 -19.35 -0.76 25.29
C LEU A 185 -17.88 -0.59 25.00
N SER A 186 -17.08 -1.59 25.37
CA SER A 186 -15.66 -1.60 25.01
C SER A 186 -15.30 -2.80 24.10
N CYS A 187 -14.15 -2.69 23.44
CA CYS A 187 -13.72 -3.68 22.49
C CYS A 187 -12.25 -3.91 22.63
N GLN A 188 -11.83 -5.18 22.68
CA GLN A 188 -10.41 -5.50 22.55
C GLN A 188 -10.18 -6.30 21.30
N LEU A 189 -9.10 -5.97 20.59
CA LEU A 189 -8.74 -6.64 19.37
C LEU A 189 -7.42 -7.38 19.58
N TYR A 190 -7.39 -8.69 19.27
CA TYR A 190 -6.10 -9.38 19.17
C TYR A 190 -5.67 -9.37 17.73
N GLN A 191 -4.63 -8.61 17.45
CA GLN A 191 -4.08 -8.49 16.10
C GLN A 191 -2.77 -9.24 16.11
N ARG A 192 -2.71 -10.36 15.39
CA ARG A 192 -1.53 -11.23 15.45
C ARG A 192 -0.26 -10.58 14.92
N SER A 193 -0.43 -9.64 14.00
CA SER A 193 0.68 -9.05 13.25
C SER A 193 0.24 -7.69 12.77
N GLY A 194 1.07 -6.70 13.04
CA GLY A 194 0.74 -5.30 12.84
C GLY A 194 1.89 -4.54 12.25
N ASP A 195 1.67 -3.95 11.08
CA ASP A 195 2.61 -3.06 10.42
C ASP A 195 2.33 -1.68 10.97
N MET A 196 3.20 -1.19 11.84
CA MET A 196 2.92 0.05 12.57
C MET A 196 2.86 1.27 11.62
N GLY A 197 3.50 1.18 10.50
CA GLY A 197 3.49 2.29 9.58
C GLY A 197 2.27 2.49 8.72
N LEU A 198 1.65 1.40 8.32
CA LEU A 198 0.53 1.50 7.44
C LEU A 198 -0.77 1.02 7.97
N GLY A 199 -0.80 -0.24 8.31
CA GLY A 199 -2.05 -0.86 8.70
C GLY A 199 -2.57 -0.47 10.06
N VAL A 200 -1.70 -0.39 11.05
CA VAL A 200 -2.16 -0.29 12.43
C VAL A 200 -3.10 0.90 12.70
N PRO A 201 -2.73 2.10 12.25
CA PRO A 201 -3.65 3.24 12.42
C PRO A 201 -5.02 3.03 11.76
N PHE A 202 -5.00 2.47 10.56
CA PHE A 202 -6.21 2.04 9.86
C PHE A 202 -6.99 1.02 10.72
N ASN A 203 -6.30 0.03 11.25
CA ASN A 203 -6.95 -1.02 12.04
C ASN A 203 -7.56 -0.48 13.33
N ILE A 204 -6.85 0.42 14.00
CA ILE A 204 -7.38 1.06 15.19
C ILE A 204 -8.72 1.75 14.86
N ALA A 205 -8.75 2.49 13.76
CA ALA A 205 -9.95 3.18 13.33
C ALA A 205 -11.11 2.26 12.94
N SER A 206 -10.80 1.10 12.34
CA SER A 206 -11.83 0.11 11.96
C SER A 206 -12.61 -0.38 13.15
N TYR A 207 -11.91 -0.79 14.20
CA TYR A 207 -12.56 -1.39 15.38
C TYR A 207 -13.15 -0.34 16.28
N ALA A 208 -12.55 0.84 16.28
CA ALA A 208 -13.16 1.99 16.96
C ALA A 208 -14.53 2.27 16.35
N LEU A 209 -14.58 2.26 15.02
CA LEU A 209 -15.82 2.46 14.27
C LEU A 209 -16.84 1.34 14.51
N LEU A 210 -16.38 0.09 14.46
CA LEU A 210 -17.23 -1.05 14.78
C LEU A 210 -17.90 -0.86 16.14
N THR A 211 -17.12 -0.40 17.11
CA THR A 211 -17.60 -0.28 18.46
C THR A 211 -18.67 0.80 18.51
N TYR A 212 -18.43 1.93 17.84
CA TYR A 212 -19.45 3.01 17.70
C TYR A 212 -20.74 2.50 17.05
N MET A 213 -20.61 1.73 15.98
CA MET A 213 -21.77 1.12 15.31
C MET A 213 -22.58 0.26 16.28
N ILE A 214 -21.93 -0.70 16.93
CA ILE A 214 -22.65 -1.64 17.81
C ILE A 214 -23.21 -0.93 19.05
N ALA A 215 -22.46 0.01 19.60
CA ALA A 215 -22.96 0.81 20.71
C ALA A 215 -24.27 1.51 20.35
N HIS A 216 -24.31 2.08 19.15
CA HIS A 216 -25.50 2.77 18.64
C HIS A 216 -26.70 1.83 18.52
N ILE A 217 -26.51 0.69 17.86
CA ILE A 217 -27.54 -0.36 17.72
C ILE A 217 -28.07 -0.83 19.09
N THR A 218 -27.18 -0.96 20.07
CA THR A 218 -27.55 -1.52 21.35
C THR A 218 -28.00 -0.48 22.38
N GLY A 219 -27.93 0.81 22.05
CA GLY A 219 -28.27 1.89 22.98
C GLY A 219 -27.24 2.18 24.08
N LEU A 220 -25.96 1.99 23.81
CA LEU A 220 -24.90 2.15 24.81
C LEU A 220 -23.92 3.25 24.42
N LYS A 221 -23.13 3.74 25.36
CA LYS A 221 -22.12 4.77 25.08
C LYS A 221 -20.81 4.05 24.78
N PRO A 222 -20.08 4.48 23.75
CA PRO A 222 -18.75 3.90 23.51
C PRO A 222 -17.84 4.08 24.71
N GLY A 223 -17.03 3.07 25.01
CA GLY A 223 -16.11 3.06 26.16
C GLY A 223 -14.64 3.16 25.78
N ASP A 224 -13.87 2.08 25.97
CA ASP A 224 -12.47 1.97 25.50
C ASP A 224 -12.34 1.05 24.28
N PHE A 225 -11.29 1.24 23.49
CA PHE A 225 -10.86 0.25 22.51
C PHE A 225 -9.45 -0.18 22.91
N ILE A 226 -9.26 -1.47 23.17
CA ILE A 226 -7.97 -1.97 23.54
C ILE A 226 -7.37 -2.68 22.36
N HIS A 227 -6.16 -2.28 22.02
CA HIS A 227 -5.47 -2.82 20.88
C HIS A 227 -4.30 -3.63 21.38
N THR A 228 -4.37 -4.94 21.17
CA THR A 228 -3.34 -5.86 21.61
C THR A 228 -2.64 -6.42 20.38
N LEU A 229 -1.32 -6.42 20.38
CA LEU A 229 -0.56 -6.87 19.24
C LEU A 229 0.28 -8.09 19.57
N GLY A 230 0.40 -8.97 18.58
CA GLY A 230 1.38 -10.05 18.60
C GLY A 230 2.69 -9.50 18.08
N ASP A 231 3.00 -9.76 16.82
CA ASP A 231 4.22 -9.26 16.17
C ASP A 231 4.00 -7.81 15.75
N ALA A 232 4.36 -6.87 16.61
CA ALA A 232 4.35 -5.43 16.28
C ALA A 232 5.66 -5.06 15.61
N HIS A 233 5.60 -4.56 14.38
CA HIS A 233 6.83 -4.31 13.63
C HIS A 233 6.80 -3.07 12.72
N ILE A 234 8.00 -2.55 12.49
CA ILE A 234 8.25 -1.51 11.51
C ILE A 234 9.13 -2.13 10.42
N TYR A 235 8.70 -1.99 9.16
CA TYR A 235 9.53 -2.37 8.01
C TYR A 235 10.72 -1.42 7.88
N LEU A 236 11.88 -1.91 7.44
CA LEU A 236 13.11 -1.10 7.46
C LEU A 236 13.01 0.16 6.60
N ASN A 237 12.30 0.06 5.50
CA ASN A 237 12.13 1.20 4.65
C ASN A 237 11.07 2.14 5.14
N HIS A 238 10.62 1.97 6.36
CA HIS A 238 9.61 2.86 6.89
C HIS A 238 10.19 3.60 8.01
N ILE A 239 11.37 3.24 8.44
CA ILE A 239 11.98 3.90 9.61
C ILE A 239 12.08 5.41 9.40
N GLU A 240 12.63 5.87 8.28
CA GLU A 240 12.81 7.30 8.06
C GLU A 240 11.49 8.08 8.10
N PRO A 241 10.48 7.58 7.45
CA PRO A 241 9.20 8.25 7.45
C PRO A 241 8.51 8.20 8.78
N LEU A 242 8.86 7.27 9.64
CA LEU A 242 8.23 7.15 10.94
C LEU A 242 8.90 8.08 11.93
N LYS A 243 10.19 8.27 11.80
CA LYS A 243 10.96 9.26 12.59
C LYS A 243 10.49 10.69 12.36
N ILE A 244 10.11 10.99 11.11
CA ILE A 244 9.53 12.27 10.76
C ILE A 244 8.20 12.44 11.52
N GLN A 245 7.42 11.37 11.57
CA GLN A 245 6.14 11.38 12.22
C GLN A 245 6.23 11.61 13.70
N LEU A 246 7.22 11.03 14.32
CA LEU A 246 7.48 11.24 15.76
C LEU A 246 7.80 12.65 16.15
N GLN A 247 8.31 13.44 15.23
CA GLN A 247 8.54 14.86 15.47
C GLN A 247 7.28 15.67 15.71
N ARG A 248 6.15 15.22 15.16
CA ARG A 248 4.93 16.04 15.14
C ARG A 248 4.16 15.94 16.41
N GLU A 249 3.72 17.07 16.96
CA GLU A 249 2.85 17.09 18.14
C GLU A 249 1.44 16.75 17.62
N PRO A 250 0.78 15.78 18.28
CA PRO A 250 -0.57 15.42 17.94
C PRO A 250 -1.55 16.54 18.17
N ARG A 251 -2.54 16.62 17.32
CA ARG A 251 -3.64 17.55 17.50
C ARG A 251 -4.80 16.78 18.16
N PRO A 252 -5.84 17.42 18.68
CA PRO A 252 -6.90 16.68 19.36
C PRO A 252 -7.64 15.73 18.42
N PHE A 253 -8.13 14.62 18.97
CA PHE A 253 -8.89 13.67 18.18
C PHE A 253 -10.20 14.31 17.67
N PRO A 254 -10.71 13.85 16.52
CA PRO A 254 -12.00 14.31 16.07
C PRO A 254 -13.13 13.60 16.77
N LYS A 255 -14.35 13.95 16.44
CA LYS A 255 -15.53 13.30 16.96
C LYS A 255 -16.18 12.58 15.81
N LEU A 256 -16.94 11.54 16.13
CA LEU A 256 -17.74 10.82 15.16
C LEU A 256 -19.21 11.02 15.47
N ARG A 257 -19.95 11.65 14.54
CA ARG A 257 -21.39 11.79 14.65
C ARG A 257 -22.02 10.74 13.76
N ILE A 258 -23.06 10.09 14.27
CA ILE A 258 -23.93 9.21 13.47
C ILE A 258 -25.24 9.96 13.19
N LEU A 259 -25.53 10.20 11.92
CA LEU A 259 -26.56 11.18 11.51
C LEU A 259 -28.02 10.69 11.48
N ARG A 260 -28.29 9.45 11.90
CA ARG A 260 -29.67 8.98 12.01
C ARG A 260 -29.81 7.74 12.90
N LYS A 261 -31.05 7.40 13.25
CA LYS A 261 -31.34 6.23 14.08
C LYS A 261 -31.40 5.00 13.19
N VAL A 262 -30.48 4.04 13.39
CA VAL A 262 -30.40 2.80 12.61
C VAL A 262 -30.68 1.62 13.56
N GLU A 263 -31.59 0.73 13.19
CA GLU A 263 -32.08 -0.33 14.09
C GLU A 263 -31.27 -1.63 13.96
N LYS A 264 -30.77 -1.93 12.75
CA LYS A 264 -29.99 -3.15 12.48
C LYS A 264 -28.64 -2.79 11.84
N ILE A 265 -27.60 -3.55 12.16
CA ILE A 265 -26.25 -3.32 11.66
C ILE A 265 -26.15 -3.37 10.11
N ASP A 266 -26.97 -4.18 9.46
CA ASP A 266 -26.97 -4.31 7.99
C ASP A 266 -27.44 -3.02 7.28
N ASP A 267 -28.17 -2.14 8.01
CA ASP A 267 -28.73 -0.87 7.50
C ASP A 267 -27.81 0.33 7.48
N PHE A 268 -26.68 0.27 8.17
CA PHE A 268 -25.71 1.39 8.13
C PHE A 268 -25.21 1.60 6.70
N LYS A 269 -25.17 2.85 6.28
CA LYS A 269 -24.64 3.26 4.96
C LYS A 269 -23.54 4.32 5.23
N ALA A 270 -22.62 4.52 4.29
CA ALA A 270 -21.52 5.50 4.46
C ALA A 270 -21.99 6.94 4.76
N GLU A 271 -23.15 7.29 4.24
CA GLU A 271 -23.73 8.63 4.38
C GLU A 271 -24.17 8.92 5.81
N ASP A 272 -24.42 7.86 6.59
CA ASP A 272 -24.81 7.98 8.00
C ASP A 272 -23.71 8.51 8.93
N PHE A 273 -22.44 8.52 8.50
CA PHE A 273 -21.30 8.88 9.36
C PHE A 273 -20.65 10.19 8.93
N GLN A 274 -20.16 10.94 9.92
CA GLN A 274 -19.52 12.25 9.70
C GLN A 274 -18.43 12.46 10.75
N ILE A 275 -17.21 12.65 10.27
CA ILE A 275 -16.05 12.98 11.09
C ILE A 275 -16.02 14.50 11.24
N GLU A 276 -15.98 14.96 12.49
CA GLU A 276 -16.09 16.38 12.85
C GLU A 276 -14.77 16.81 13.49
N GLY A 277 -14.04 17.72 12.86
CA GLY A 277 -12.84 18.32 13.44
C GLY A 277 -11.54 17.52 13.26
N TYR A 278 -11.40 16.82 12.14
CA TYR A 278 -10.21 16.01 11.89
C TYR A 278 -9.19 16.87 11.21
N ASN A 279 -8.08 17.17 11.92
CA ASN A 279 -7.06 18.11 11.44
C ASN A 279 -5.70 17.48 11.42
N PRO A 280 -5.50 16.48 10.55
CA PRO A 280 -4.24 15.75 10.54
C PRO A 280 -3.09 16.48 9.87
N HIS A 281 -1.87 16.14 10.26
CA HIS A 281 -0.67 16.63 9.59
C HIS A 281 -0.59 16.02 8.18
N PRO A 282 0.15 16.64 7.25
CA PRO A 282 0.32 16.10 5.90
C PRO A 282 0.90 14.67 5.80
N THR A 283 0.22 13.80 5.04
CA THR A 283 0.51 12.35 4.98
C THR A 283 1.88 12.08 4.41
N ILE A 284 2.52 11.03 4.92
CA ILE A 284 3.81 10.51 4.51
C ILE A 284 3.49 9.19 3.80
N LYS A 285 4.11 8.94 2.66
CA LYS A 285 3.85 7.70 1.96
C LYS A 285 4.56 6.57 2.65
N MET A 286 3.84 5.50 2.88
CA MET A 286 4.39 4.31 3.49
C MET A 286 3.99 3.18 2.58
N GLU A 287 4.91 2.67 1.76
CA GLU A 287 4.63 1.59 0.81
C GLU A 287 4.41 0.20 1.39
N MET A 288 4.17 -0.78 0.53
CA MET A 288 3.90 -2.12 1.01
C MET A 288 4.27 -3.20 0.02
N PRO B 3 2.95 64.27 7.52
CA PRO B 3 1.96 63.26 7.93
C PRO B 3 2.55 61.84 8.04
N PRO B 4 2.21 61.07 9.10
CA PRO B 4 2.89 59.79 9.33
C PRO B 4 2.72 58.68 8.22
N HIS B 5 3.65 57.75 8.28
CA HIS B 5 3.79 56.62 7.38
C HIS B 5 2.64 55.61 7.59
N GLY B 6 1.90 55.33 6.52
CA GLY B 6 0.78 54.39 6.53
C GLY B 6 1.06 53.01 7.07
N GLU B 7 2.31 52.55 6.95
CA GLU B 7 2.76 51.26 7.50
C GLU B 7 2.71 51.18 9.03
N LEU B 8 2.75 52.35 9.68
CA LEU B 8 2.62 52.39 11.13
C LEU B 8 1.24 51.91 11.60
N GLN B 9 0.23 51.96 10.74
CA GLN B 9 -1.05 51.36 11.05
C GLN B 9 -1.00 49.83 11.20
N TYR B 10 -0.42 49.16 10.19
CA TYR B 10 -0.20 47.71 10.28
C TYR B 10 0.63 47.36 11.50
N LEU B 11 1.73 48.09 11.70
CA LEU B 11 2.59 47.80 12.85
C LEU B 11 1.83 48.05 14.15
N GLY B 12 1.04 49.13 14.20
CA GLY B 12 0.13 49.40 15.31
C GLY B 12 -0.78 48.24 15.61
N GLN B 13 -1.39 47.67 14.58
CA GLN B 13 -2.21 46.46 14.73
C GLN B 13 -1.45 45.28 15.34
N ILE B 14 -0.21 45.09 14.94
CA ILE B 14 0.63 44.03 15.52
C ILE B 14 0.82 44.26 17.01
N GLN B 15 1.21 45.46 17.37
CA GLN B 15 1.46 45.82 18.79
C GLN B 15 0.21 45.61 19.61
N HIS B 16 -0.93 46.07 19.09
CA HIS B 16 -2.20 45.89 19.77
C HIS B 16 -2.53 44.40 20.03
N ILE B 17 -2.21 43.52 19.08
CA ILE B 17 -2.49 42.11 19.24
C ILE B 17 -1.52 41.46 20.26
N LEU B 18 -0.29 41.94 20.30
CA LEU B 18 0.69 41.42 21.27
C LEU B 18 0.38 41.84 22.69
N ARG B 19 -0.05 43.09 22.89
CA ARG B 19 -0.41 43.59 24.22
C ARG B 19 -1.81 43.21 24.69
N CYS B 20 -2.80 43.24 23.80
CA CYS B 20 -4.20 43.04 24.17
C CYS B 20 -4.85 41.78 23.63
N GLY B 21 -4.13 40.97 22.82
CA GLY B 21 -4.68 39.74 22.27
C GLY B 21 -4.93 38.68 23.31
N VAL B 22 -5.74 37.69 22.97
CA VAL B 22 -6.11 36.60 23.84
C VAL B 22 -5.68 35.26 23.22
N ARG B 23 -5.28 34.30 24.07
CA ARG B 23 -4.90 32.96 23.61
C ARG B 23 -6.16 32.24 23.10
N LYS B 24 -6.04 31.63 21.91
CA LYS B 24 -7.16 31.05 21.23
C LYS B 24 -6.59 29.95 20.35
N ASP B 25 -7.26 28.79 20.39
CA ASP B 25 -6.81 27.62 19.64
C ASP B 25 -7.32 27.65 18.19
N ASP B 26 -6.71 26.83 17.34
CA ASP B 26 -7.12 26.76 15.94
C ASP B 26 -7.05 25.30 15.47
N ARG B 27 -7.31 25.08 14.19
CA ARG B 27 -7.32 23.74 13.63
C ARG B 27 -5.94 23.08 13.78
N THR B 28 -4.88 23.82 13.52
CA THR B 28 -3.53 23.28 13.53
C THR B 28 -2.78 23.14 14.83
N GLY B 29 -3.46 23.31 15.92
CA GLY B 29 -2.84 23.07 17.24
C GLY B 29 -1.76 24.05 17.65
N THR B 30 -1.49 25.04 16.79
CA THR B 30 -0.37 25.97 17.02
C THR B 30 -0.73 26.98 18.09
N GLY B 31 -1.97 27.47 18.05
CA GLY B 31 -2.46 28.50 18.92
C GLY B 31 -2.23 29.88 18.31
N THR B 32 -2.98 30.86 18.82
CA THR B 32 -2.87 32.23 18.35
C THR B 32 -3.13 33.20 19.47
N LEU B 33 -2.54 34.38 19.32
CA LEU B 33 -3.02 35.60 20.01
C LEU B 33 -3.98 36.27 19.05
N SER B 34 -5.17 36.57 19.51
CA SER B 34 -6.28 36.96 18.64
C SER B 34 -7.05 38.18 19.14
N VAL B 35 -7.36 39.11 18.23
CA VAL B 35 -8.32 40.19 18.50
C VAL B 35 -9.41 40.18 17.42
N PHE B 36 -10.65 40.39 17.82
CA PHE B 36 -11.79 40.45 16.91
C PHE B 36 -12.21 41.90 16.59
N GLY B 37 -12.17 42.27 15.31
CA GLY B 37 -12.64 43.58 14.87
C GLY B 37 -11.54 44.63 14.89
N MET B 38 -10.88 44.82 13.76
CA MET B 38 -9.88 45.84 13.55
C MET B 38 -10.11 46.48 12.20
N GLN B 39 -9.59 47.69 12.05
CA GLN B 39 -9.70 48.44 10.81
C GLN B 39 -8.47 49.33 10.65
N ALA B 40 -7.94 49.39 9.44
CA ALA B 40 -6.80 50.24 9.11
C ALA B 40 -7.06 50.89 7.75
N ARG B 41 -6.47 52.06 7.54
CA ARG B 41 -6.65 52.85 6.33
C ARG B 41 -5.27 53.11 5.71
N TYR B 42 -5.12 52.84 4.42
CA TYR B 42 -3.85 53.04 3.70
C TYR B 42 -4.06 53.94 2.49
N SER B 43 -3.47 55.13 2.51
CA SER B 43 -3.59 56.04 1.37
C SER B 43 -2.91 55.41 0.16
N LEU B 44 -3.59 55.44 -0.98
CA LEU B 44 -3.02 55.03 -2.26
C LEU B 44 -2.65 56.23 -3.13
N ARG B 45 -2.68 57.44 -2.58
CA ARG B 45 -2.40 58.66 -3.36
C ARG B 45 -0.92 58.85 -3.55
N ASP B 46 -0.46 58.64 -4.78
CA ASP B 46 0.94 58.65 -5.18
C ASP B 46 1.88 57.77 -4.32
N GLU B 47 1.35 56.66 -3.83
CA GLU B 47 2.18 55.64 -3.20
C GLU B 47 1.43 54.31 -3.25
N PHE B 48 2.17 53.20 -3.09
CA PHE B 48 1.59 51.89 -3.09
C PHE B 48 1.97 51.15 -1.81
N PRO B 49 0.99 50.69 -1.02
CA PRO B 49 1.25 50.13 0.32
C PRO B 49 1.78 48.70 0.35
N LEU B 50 3.00 48.54 -0.14
CA LEU B 50 3.71 47.28 -0.13
C LEU B 50 4.69 47.39 1.03
N LEU B 51 4.49 46.60 2.07
CA LEU B 51 5.19 46.84 3.34
C LEU B 51 6.71 46.68 3.25
N THR B 52 7.42 47.62 3.87
CA THR B 52 8.86 47.70 3.83
C THR B 52 9.59 47.08 5.02
N THR B 53 8.92 46.84 6.15
CA THR B 53 9.61 46.28 7.32
C THR B 53 9.88 44.77 7.18
N LYS B 54 9.18 44.11 6.27
CA LYS B 54 9.50 42.74 5.85
C LYS B 54 9.12 42.65 4.38
N ARG B 55 9.91 41.98 3.58
CA ARG B 55 9.62 41.90 2.15
C ARG B 55 8.30 41.16 1.88
N VAL B 56 7.49 41.73 1.01
CA VAL B 56 6.27 41.13 0.55
C VAL B 56 6.55 40.54 -0.83
N PHE B 57 5.98 39.37 -1.09
CA PHE B 57 6.21 38.63 -2.33
C PHE B 57 5.41 39.26 -3.48
N TRP B 58 5.93 40.35 -4.01
CA TRP B 58 5.24 41.13 -5.05
C TRP B 58 4.84 40.32 -6.27
N LYS B 59 5.75 39.53 -6.80
CA LYS B 59 5.49 38.73 -7.98
C LYS B 59 4.23 37.85 -7.77
N GLY B 60 4.13 37.25 -6.59
CA GLY B 60 2.97 36.48 -6.20
C GLY B 60 1.67 37.27 -6.08
N VAL B 61 1.75 38.49 -5.55
CA VAL B 61 0.59 39.39 -5.46
C VAL B 61 0.02 39.62 -6.86
N LEU B 62 0.90 39.97 -7.79
CA LEU B 62 0.52 40.32 -9.16
C LEU B 62 -0.06 39.14 -9.94
N GLU B 63 0.65 38.03 -9.94
CA GLU B 63 0.22 36.83 -10.66
C GLU B 63 -1.07 36.24 -10.07
N GLU B 64 -1.20 36.24 -8.74
CA GLU B 64 -2.41 35.78 -8.07
C GLU B 64 -3.61 36.62 -8.46
N LEU B 65 -3.45 37.94 -8.53
CA LEU B 65 -4.55 38.78 -8.96
C LEU B 65 -4.94 38.53 -10.43
N LEU B 66 -3.97 38.43 -11.32
CA LEU B 66 -4.23 38.12 -12.74
C LEU B 66 -4.94 36.79 -12.92
N TRP B 67 -4.60 35.84 -12.04
CA TRP B 67 -5.20 34.50 -11.99
C TRP B 67 -6.66 34.55 -11.49
N PHE B 68 -6.94 35.43 -10.56
CA PHE B 68 -8.29 35.65 -10.08
C PHE B 68 -9.12 36.25 -11.17
N ILE B 69 -8.55 37.21 -11.87
CA ILE B 69 -9.22 37.91 -12.95
C ILE B 69 -9.60 36.96 -14.10
N LYS B 70 -8.74 36.00 -14.44
CA LYS B 70 -9.06 34.99 -15.47
C LYS B 70 -10.21 34.05 -15.10
N GLY B 71 -10.56 34.02 -13.82
CA GLY B 71 -11.61 33.13 -13.31
C GLY B 71 -11.06 31.77 -12.92
N SER B 72 -9.75 31.67 -12.74
CA SER B 72 -9.14 30.37 -12.55
C SER B 72 -9.22 29.92 -11.10
N THR B 73 -9.33 28.62 -10.92
CA THR B 73 -9.37 27.99 -9.63
C THR B 73 -8.41 26.85 -9.64
N ASN B 74 -7.49 26.86 -10.58
CA ASN B 74 -6.50 25.81 -10.78
C ASN B 74 -5.17 26.22 -10.17
N ALA B 75 -4.85 25.68 -9.00
CA ALA B 75 -3.62 26.03 -8.31
C ALA B 75 -2.38 25.70 -9.12
N LYS B 76 -2.42 24.65 -9.92
CA LYS B 76 -1.31 24.29 -10.83
C LYS B 76 -1.01 25.37 -11.84
N GLU B 77 -2.03 26.07 -12.33
CA GLU B 77 -1.84 27.22 -13.24
C GLU B 77 -1.02 28.32 -12.57
N LEU B 78 -1.44 28.75 -11.36
CA LEU B 78 -0.69 29.73 -10.57
C LEU B 78 0.74 29.27 -10.26
N SER B 79 0.88 27.98 -9.97
CA SER B 79 2.17 27.39 -9.61
C SER B 79 3.16 27.41 -10.78
N SER B 80 2.64 27.13 -11.96
CA SER B 80 3.41 27.19 -13.19
C SER B 80 4.10 28.55 -13.32
N LYS B 81 3.50 29.60 -12.77
CA LYS B 81 4.12 30.93 -12.79
C LYS B 81 5.06 31.21 -11.62
N GLY B 82 5.58 30.17 -10.95
CA GLY B 82 6.52 30.36 -9.83
C GLY B 82 5.91 30.88 -8.53
N VAL B 83 4.60 30.74 -8.38
CA VAL B 83 3.85 31.26 -7.25
C VAL B 83 3.16 30.05 -6.57
N LYS B 84 3.75 29.62 -5.46
CA LYS B 84 3.40 28.37 -4.82
C LYS B 84 2.35 28.54 -3.70
N ILE B 85 1.83 29.74 -3.55
CA ILE B 85 1.02 30.09 -2.37
C ILE B 85 -0.27 29.29 -2.16
N TRP B 86 -0.80 28.67 -3.20
CA TRP B 86 -2.01 27.89 -3.09
C TRP B 86 -1.80 26.42 -3.38
N ASP B 87 -0.56 25.99 -3.41
CA ASP B 87 -0.26 24.59 -3.75
C ASP B 87 -0.57 23.59 -2.66
N ALA B 88 -0.37 23.94 -1.41
CA ALA B 88 -0.66 23.03 -0.35
C ALA B 88 -2.13 22.73 -0.28
N ASN B 89 -2.95 23.72 -0.51
CA ASN B 89 -4.41 23.55 -0.48
C ASN B 89 -4.94 22.79 -1.68
N GLY B 90 -4.18 22.76 -2.77
CA GLY B 90 -4.54 21.98 -3.95
C GLY B 90 -3.92 20.60 -4.07
N SER B 91 -3.08 20.22 -3.10
CA SER B 91 -2.34 18.94 -3.20
C SER B 91 -3.24 17.75 -3.01
N ARG B 92 -2.83 16.61 -3.58
CA ARG B 92 -3.54 15.34 -3.44
C ARG B 92 -3.86 15.03 -1.98
N ASP B 93 -2.90 15.26 -1.09
CA ASP B 93 -3.07 15.02 0.34
C ASP B 93 -4.20 15.86 0.99
N PHE B 94 -4.10 17.18 0.84
CA PHE B 94 -5.04 18.09 1.46
C PHE B 94 -6.46 17.94 0.90
N LEU B 95 -6.59 17.67 -0.40
CA LEU B 95 -7.88 17.42 -1.01
C LEU B 95 -8.52 16.15 -0.45
N ASP B 96 -7.75 15.07 -0.37
CA ASP B 96 -8.22 13.82 0.24
C ASP B 96 -8.66 13.97 1.70
N SER B 97 -7.97 14.81 2.47
CA SER B 97 -8.35 15.09 3.86
C SER B 97 -9.69 15.84 4.02
N LEU B 98 -10.18 16.47 2.95
CA LEU B 98 -11.54 17.03 2.91
C LEU B 98 -12.56 16.14 2.22
N GLY B 99 -12.16 14.92 1.83
CA GLY B 99 -13.03 13.98 1.14
C GLY B 99 -13.31 14.31 -0.32
N PHE B 100 -12.33 14.93 -0.98
CA PHE B 100 -12.38 15.10 -2.45
C PHE B 100 -11.44 14.10 -3.12
N SER B 101 -11.72 12.80 -2.93
CA SER B 101 -10.88 11.72 -3.49
C SER B 101 -10.83 11.71 -5.03
N THR B 102 -11.96 12.04 -5.66
CA THR B 102 -12.09 11.95 -7.11
C THR B 102 -11.79 13.25 -7.83
N ARG B 103 -11.36 14.29 -7.10
CA ARG B 103 -11.04 15.57 -7.70
C ARG B 103 -9.59 15.61 -8.13
N GLU B 104 -9.31 16.24 -9.25
CA GLU B 104 -7.93 16.32 -9.77
C GLU B 104 -7.06 17.23 -8.91
N GLU B 105 -5.76 16.95 -8.87
CA GLU B 105 -4.79 17.78 -8.13
C GLU B 105 -4.68 19.21 -8.67
N GLY B 106 -4.73 20.19 -7.75
CA GLY B 106 -4.76 21.62 -8.08
C GLY B 106 -6.15 22.24 -8.05
N ASP B 107 -7.20 21.42 -8.09
CA ASP B 107 -8.57 21.92 -8.14
C ASP B 107 -9.02 22.37 -6.78
N LEU B 108 -8.99 23.68 -6.59
CA LEU B 108 -9.34 24.30 -5.34
C LEU B 108 -10.81 24.41 -5.11
N GLY B 109 -11.59 24.28 -6.16
CA GLY B 109 -13.01 24.39 -6.06
C GLY B 109 -13.47 25.76 -6.44
N PRO B 110 -14.67 26.10 -6.04
CA PRO B 110 -15.25 27.38 -6.41
C PRO B 110 -14.82 28.57 -5.59
N VAL B 111 -13.55 28.89 -5.62
CA VAL B 111 -13.04 30.02 -4.87
C VAL B 111 -13.04 31.31 -5.66
N TYR B 112 -12.33 32.31 -5.19
CA TYR B 112 -12.27 33.66 -5.75
C TYR B 112 -12.48 33.86 -7.21
N GLY B 113 -11.66 33.25 -8.02
CA GLY B 113 -11.80 33.35 -9.44
C GLY B 113 -13.16 32.99 -9.96
N PHE B 114 -13.67 31.84 -9.57
CA PHE B 114 -14.97 31.41 -10.02
C PHE B 114 -16.09 32.25 -9.46
N GLN B 115 -15.95 32.72 -8.25
CA GLN B 115 -16.97 33.55 -7.64
C GLN B 115 -17.04 34.96 -8.16
N TRP B 116 -15.94 35.50 -8.60
CA TRP B 116 -15.90 36.86 -9.08
C TRP B 116 -16.45 36.98 -10.46
N ARG B 117 -16.28 35.92 -11.20
CA ARG B 117 -16.69 35.85 -12.60
C ARG B 117 -17.98 35.09 -12.93
N HIS B 118 -18.38 34.14 -12.08
CA HIS B 118 -19.49 33.23 -12.36
C HIS B 118 -20.30 32.91 -11.09
N PHE B 119 -20.57 33.93 -10.26
CA PHE B 119 -21.24 33.68 -8.98
C PHE B 119 -22.57 32.98 -9.20
N GLY B 120 -22.72 31.83 -8.55
CA GLY B 120 -23.98 31.11 -8.56
C GLY B 120 -24.15 30.16 -9.70
N ALA B 121 -23.20 30.10 -10.64
CA ALA B 121 -23.17 29.01 -11.60
C ALA B 121 -22.88 27.69 -10.91
N GLU B 122 -23.16 26.61 -11.61
CA GLU B 122 -22.98 25.25 -11.10
C GLU B 122 -21.56 24.82 -11.37
N TYR B 123 -20.78 24.63 -10.34
CA TYR B 123 -19.41 24.25 -10.50
C TYR B 123 -19.21 22.79 -10.70
N ARG B 124 -18.51 22.45 -11.76
CA ARG B 124 -18.19 21.05 -12.05
C ARG B 124 -16.75 20.75 -11.71
N ASP B 125 -15.81 21.14 -12.56
CA ASP B 125 -14.38 21.05 -12.20
C ASP B 125 -13.60 22.27 -12.73
N MET B 126 -12.34 22.35 -12.37
CA MET B 126 -11.50 23.50 -12.72
C MET B 126 -11.30 23.71 -14.21
N GLU B 127 -11.30 22.63 -14.99
CA GLU B 127 -11.09 22.74 -16.44
C GLU B 127 -12.37 22.97 -17.25
N SER B 128 -13.55 22.96 -16.61
CA SER B 128 -14.84 23.08 -17.32
C SER B 128 -15.07 24.44 -17.94
N ASP B 129 -16.07 24.51 -18.82
CA ASP B 129 -16.47 25.73 -19.50
C ASP B 129 -17.57 26.42 -18.66
N TYR B 130 -17.37 27.70 -18.35
CA TYR B 130 -18.37 28.49 -17.62
C TYR B 130 -18.79 29.81 -18.34
N SER B 131 -18.53 29.92 -19.64
CA SER B 131 -18.80 31.19 -20.37
C SER B 131 -20.30 31.60 -20.28
N GLY B 132 -20.53 32.79 -19.74
CA GLY B 132 -21.88 33.33 -19.61
C GLY B 132 -22.72 32.77 -18.48
N GLN B 133 -22.20 31.77 -17.78
CA GLN B 133 -22.89 31.19 -16.64
C GLN B 133 -22.60 32.02 -15.39
N GLY B 134 -23.63 32.25 -14.58
CA GLY B 134 -23.53 33.01 -13.35
C GLY B 134 -23.37 34.51 -13.56
N VAL B 135 -23.14 35.22 -12.46
CA VAL B 135 -22.98 36.65 -12.45
C VAL B 135 -21.51 37.07 -12.50
N ASP B 136 -21.15 37.93 -13.45
CA ASP B 136 -19.81 38.48 -13.51
C ASP B 136 -19.73 39.75 -12.63
N GLN B 137 -19.39 39.53 -11.37
CA GLN B 137 -19.36 40.61 -10.41
C GLN B 137 -18.30 41.63 -10.74
N LEU B 138 -17.12 41.16 -11.18
CA LEU B 138 -15.99 42.07 -11.48
C LEU B 138 -16.37 43.05 -12.57
N GLN B 139 -16.90 42.53 -13.67
CA GLN B 139 -17.37 43.39 -14.76
C GLN B 139 -18.49 44.31 -14.31
N ARG B 140 -19.46 43.80 -13.55
CA ARG B 140 -20.58 44.64 -13.05
C ARG B 140 -20.10 45.79 -12.18
N VAL B 141 -19.12 45.53 -11.33
CA VAL B 141 -18.46 46.58 -10.53
C VAL B 141 -17.91 47.67 -11.45
N ILE B 142 -17.14 47.25 -12.45
CA ILE B 142 -16.48 48.16 -13.38
C ILE B 142 -17.52 48.98 -14.16
N ASP B 143 -18.56 48.33 -14.66
CA ASP B 143 -19.62 49.05 -15.37
C ASP B 143 -20.38 50.02 -14.48
N THR B 144 -20.57 49.68 -13.20
CA THR B 144 -21.26 50.59 -12.29
C THR B 144 -20.40 51.81 -11.93
N ILE B 145 -19.12 51.61 -11.69
CA ILE B 145 -18.23 52.74 -11.42
C ILE B 145 -18.21 53.75 -12.57
N LYS B 146 -18.23 53.25 -13.81
CA LYS B 146 -18.32 54.09 -14.98
C LYS B 146 -19.64 54.83 -15.15
N THR B 147 -20.78 54.16 -14.96
CA THR B 147 -22.11 54.77 -15.26
C THR B 147 -22.80 55.47 -14.08
N ASN B 148 -22.48 55.05 -12.86
CA ASN B 148 -23.17 55.57 -11.68
C ASN B 148 -22.24 55.48 -10.47
N PRO B 149 -21.22 56.34 -10.44
CA PRO B 149 -20.21 56.28 -9.35
C PRO B 149 -20.71 56.53 -7.93
N ASP B 150 -21.82 57.26 -7.76
CA ASP B 150 -22.31 57.59 -6.42
C ASP B 150 -22.98 56.39 -5.74
N ASP B 151 -23.33 55.38 -6.51
CA ASP B 151 -23.87 54.13 -6.03
C ASP B 151 -23.13 53.57 -4.79
N ARG B 152 -23.90 53.15 -3.79
CA ARG B 152 -23.37 52.58 -2.57
C ARG B 152 -23.54 51.05 -2.50
N ARG B 153 -23.64 50.38 -3.67
CA ARG B 153 -23.82 48.94 -3.76
C ARG B 153 -22.73 48.28 -4.61
N ILE B 154 -21.61 48.97 -4.82
CA ILE B 154 -20.58 48.47 -5.72
C ILE B 154 -19.79 47.44 -4.90
N ILE B 155 -20.23 46.19 -5.00
CA ILE B 155 -19.75 45.12 -4.15
C ILE B 155 -19.42 43.87 -4.92
N MET B 156 -18.35 43.23 -4.51
CA MET B 156 -17.94 41.94 -5.01
C MET B 156 -17.91 41.00 -3.79
N CYS B 157 -18.53 39.83 -3.89
CA CYS B 157 -18.66 38.89 -2.78
C CYS B 157 -18.16 37.52 -3.19
N ALA B 158 -17.29 36.95 -2.38
CA ALA B 158 -16.77 35.63 -2.63
C ALA B 158 -17.38 34.60 -1.71
N TRP B 159 -18.11 35.06 -0.73
CA TRP B 159 -18.75 34.19 0.24
C TRP B 159 -20.04 33.69 -0.35
N ASN B 160 -20.05 32.40 -0.70
CA ASN B 160 -21.21 31.73 -1.27
C ASN B 160 -21.47 30.49 -0.43
N PRO B 161 -22.45 30.56 0.49
CA PRO B 161 -22.75 29.42 1.35
C PRO B 161 -23.11 28.14 0.62
N ARG B 162 -23.72 28.26 -0.55
CA ARG B 162 -24.12 27.07 -1.31
C ARG B 162 -22.91 26.30 -1.80
N ASP B 163 -21.84 27.02 -2.09
CA ASP B 163 -20.63 26.45 -2.64
C ASP B 163 -19.54 26.13 -1.66
N LEU B 164 -19.70 26.56 -0.42
CA LEU B 164 -18.72 26.31 0.66
C LEU B 164 -18.25 24.87 0.75
N PRO B 165 -19.16 23.89 0.85
CA PRO B 165 -18.73 22.48 1.02
C PRO B 165 -17.73 22.00 -0.04
N LEU B 166 -17.66 22.65 -1.18
CA LEU B 166 -16.75 22.25 -2.25
C LEU B 166 -15.41 22.95 -2.34
N MET B 167 -15.20 23.98 -1.56
CA MET B 167 -13.96 24.72 -1.61
C MET B 167 -12.90 24.13 -0.72
N ALA B 168 -11.69 24.18 -1.22
CA ALA B 168 -10.53 23.62 -0.50
C ALA B 168 -10.19 24.48 0.71
N LEU B 169 -10.40 25.78 0.55
CA LEU B 169 -10.26 26.68 1.64
C LEU B 169 -11.34 27.71 1.45
N PRO B 170 -12.26 27.83 2.39
CA PRO B 170 -13.29 28.87 2.29
C PRO B 170 -12.64 30.28 2.38
N PRO B 171 -13.07 31.19 1.52
CA PRO B 171 -12.49 32.50 1.39
C PRO B 171 -12.29 33.34 2.62
N CYS B 172 -11.19 34.07 2.63
CA CYS B 172 -10.89 34.97 3.70
C CYS B 172 -11.39 36.34 3.37
N HIS B 173 -11.32 36.71 2.11
CA HIS B 173 -11.82 37.96 1.67
C HIS B 173 -13.22 37.73 1.26
N ALA B 174 -14.07 37.76 2.23
CA ALA B 174 -15.48 37.52 2.05
C ALA B 174 -16.08 38.50 1.07
N LEU B 175 -15.76 39.79 1.21
CA LEU B 175 -16.23 40.77 0.26
C LEU B 175 -15.41 42.02 0.23
N CYS B 176 -15.59 42.78 -0.83
CA CYS B 176 -15.04 44.10 -0.94
C CYS B 176 -16.05 45.05 -1.53
N GLN B 177 -15.92 46.32 -1.16
CA GLN B 177 -16.80 47.38 -1.60
C GLN B 177 -15.96 48.49 -2.19
N PHE B 178 -16.49 49.11 -3.24
CA PHE B 178 -15.86 50.29 -3.82
C PHE B 178 -16.72 51.52 -3.62
N TYR B 179 -16.09 52.66 -3.76
CA TYR B 179 -16.68 53.94 -3.38
C TYR B 179 -15.97 55.00 -4.22
N VAL B 180 -16.72 55.97 -4.72
CA VAL B 180 -16.16 56.95 -5.62
C VAL B 180 -16.65 58.31 -5.21
N VAL B 181 -15.70 59.22 -4.99
CA VAL B 181 -16.02 60.59 -4.67
C VAL B 181 -14.87 61.49 -5.13
N ASN B 182 -15.21 62.61 -5.76
CA ASN B 182 -14.24 63.53 -6.39
C ASN B 182 -13.19 62.85 -7.26
N SER B 183 -13.65 61.94 -8.12
CA SER B 183 -12.76 61.18 -9.02
C SER B 183 -11.70 60.28 -8.33
N GLU B 184 -11.93 59.90 -7.07
CA GLU B 184 -11.03 59.01 -6.35
C GLU B 184 -11.71 57.67 -6.04
N LEU B 185 -11.10 56.57 -6.47
CA LEU B 185 -11.64 55.25 -6.22
C LEU B 185 -11.06 54.71 -4.93
N SER B 186 -11.93 54.33 -3.99
CA SER B 186 -11.49 53.64 -2.76
C SER B 186 -12.08 52.24 -2.67
N CYS B 187 -11.47 51.42 -1.81
CA CYS B 187 -11.85 50.02 -1.66
C CYS B 187 -11.81 49.66 -0.20
N GLN B 188 -12.86 49.00 0.28
CA GLN B 188 -12.81 48.38 1.60
C GLN B 188 -12.94 46.88 1.45
N LEU B 189 -12.12 46.16 2.22
CA LEU B 189 -12.09 44.71 2.20
C LEU B 189 -12.56 44.19 3.55
N TYR B 190 -13.56 43.31 3.58
CA TYR B 190 -13.86 42.56 4.80
C TYR B 190 -13.16 41.23 4.74
N GLN B 191 -12.14 41.08 5.57
CA GLN B 191 -11.35 39.87 5.65
C GLN B 191 -11.74 39.18 6.94
N ARG B 192 -12.41 38.04 6.84
CA ARG B 192 -12.95 37.37 8.03
C ARG B 192 -11.88 36.88 8.99
N SER B 193 -10.70 36.57 8.45
CA SER B 193 -9.64 35.95 9.20
C SER B 193 -8.32 36.31 8.56
N GLY B 194 -7.41 36.81 9.38
CA GLY B 194 -6.15 37.39 8.92
C GLY B 194 -4.98 36.95 9.76
N ASP B 195 -4.02 36.29 9.13
CA ASP B 195 -2.76 35.92 9.76
C ASP B 195 -1.83 37.11 9.55
N MET B 196 -1.60 37.86 10.62
CA MET B 196 -0.88 39.12 10.51
C MET B 196 0.56 38.94 10.06
N GLY B 197 1.15 37.80 10.41
CA GLY B 197 2.54 37.49 10.05
C GLY B 197 2.79 37.29 8.56
N LEU B 198 1.95 36.51 7.94
CA LEU B 198 2.14 36.10 6.57
C LEU B 198 1.21 36.60 5.51
N GLY B 199 -0.07 36.32 5.64
CA GLY B 199 -1.04 36.67 4.62
C GLY B 199 -1.36 38.15 4.54
N VAL B 200 -1.54 38.80 5.69
CA VAL B 200 -2.13 40.14 5.70
C VAL B 200 -1.39 41.16 4.83
N PRO B 201 -0.07 41.25 4.96
CA PRO B 201 0.68 42.15 4.07
C PRO B 201 0.48 41.87 2.57
N PHE B 202 0.50 40.58 2.23
CA PHE B 202 0.17 40.12 0.89
C PHE B 202 -1.25 40.57 0.51
N ASN B 203 -2.21 40.37 1.39
CA ASN B 203 -3.60 40.71 1.11
C ASN B 203 -3.81 42.21 0.93
N ILE B 204 -3.15 43.00 1.76
CA ILE B 204 -3.21 44.45 1.60
C ILE B 204 -2.75 44.84 0.20
N ALA B 205 -1.63 44.28 -0.24
CA ALA B 205 -1.10 44.56 -1.57
C ALA B 205 -2.00 44.09 -2.72
N SER B 206 -2.68 42.96 -2.56
CA SER B 206 -3.60 42.42 -3.58
C SER B 206 -4.72 43.40 -3.90
N TYR B 207 -5.38 43.92 -2.86
CA TYR B 207 -6.55 44.78 -3.04
C TYR B 207 -6.13 46.21 -3.38
N ALA B 208 -4.98 46.61 -2.89
CA ALA B 208 -4.38 47.87 -3.31
C ALA B 208 -4.17 47.86 -4.81
N LEU B 209 -3.62 46.75 -5.31
CA LEU B 209 -3.38 46.54 -6.73
C LEU B 209 -4.68 46.48 -7.54
N LEU B 210 -5.66 45.73 -7.05
CA LEU B 210 -6.98 45.69 -7.67
C LEU B 210 -7.54 47.10 -7.84
N THR B 211 -7.39 47.92 -6.82
CA THR B 211 -7.96 49.24 -6.84
C THR B 211 -7.25 50.07 -7.90
N TYR B 212 -5.92 49.98 -7.96
CA TYR B 212 -5.13 50.63 -9.04
C TYR B 212 -5.57 50.19 -10.45
N MET B 213 -5.78 48.89 -10.63
CA MET B 213 -6.27 48.35 -11.89
C MET B 213 -7.60 48.96 -12.28
N ILE B 214 -8.60 48.90 -11.38
CA ILE B 214 -9.94 49.38 -11.71
C ILE B 214 -9.97 50.90 -11.88
N ALA B 215 -9.22 51.61 -11.04
CA ALA B 215 -9.07 53.06 -11.20
C ALA B 215 -8.59 53.43 -12.60
N HIS B 216 -7.59 52.69 -13.09
CA HIS B 216 -7.02 52.89 -14.41
C HIS B 216 -8.04 52.67 -15.53
N ILE B 217 -8.72 51.53 -15.49
CA ILE B 217 -9.82 51.17 -16.42
C ILE B 217 -10.91 52.25 -16.45
N THR B 218 -11.26 52.79 -15.27
CA THR B 218 -12.37 53.72 -15.16
C THR B 218 -11.99 55.18 -15.30
N GLY B 219 -10.70 55.48 -15.44
CA GLY B 219 -10.20 56.88 -15.53
C GLY B 219 -10.18 57.66 -14.22
N LEU B 220 -9.98 57.00 -13.09
CA LEU B 220 -10.03 57.65 -11.76
C LEU B 220 -8.68 57.58 -11.06
N LYS B 221 -8.48 58.40 -10.04
CA LYS B 221 -7.24 58.39 -9.25
C LYS B 221 -7.47 57.46 -8.06
N PRO B 222 -6.50 56.58 -7.75
CA PRO B 222 -6.64 55.76 -6.54
C PRO B 222 -6.79 56.63 -5.29
N GLY B 223 -7.64 56.19 -4.36
CA GLY B 223 -7.93 56.90 -3.13
C GLY B 223 -7.38 56.24 -1.88
N ASP B 224 -8.28 55.71 -1.01
CA ASP B 224 -7.87 54.89 0.15
C ASP B 224 -8.14 53.39 -0.09
N PHE B 225 -7.41 52.54 0.64
CA PHE B 225 -7.79 51.13 0.79
C PHE B 225 -8.04 50.91 2.27
N ILE B 226 -9.25 50.48 2.61
CA ILE B 226 -9.60 50.22 4.00
C ILE B 226 -9.60 48.73 4.21
N HIS B 227 -8.84 48.31 5.22
CA HIS B 227 -8.69 46.92 5.53
C HIS B 227 -9.38 46.65 6.83
N THR B 228 -10.46 45.88 6.78
CA THR B 228 -11.27 45.55 7.95
C THR B 228 -11.08 44.07 8.24
N LEU B 229 -10.83 43.72 9.49
CA LEU B 229 -10.57 42.35 9.88
C LEU B 229 -11.60 41.83 10.85
N GLY B 230 -11.94 40.55 10.70
CA GLY B 230 -12.70 39.79 11.70
C GLY B 230 -11.71 39.30 12.74
N ASP B 231 -11.32 38.03 12.65
CA ASP B 231 -10.34 37.43 13.57
C ASP B 231 -8.94 37.80 13.10
N ALA B 232 -8.41 38.91 13.65
CA ALA B 232 -7.02 39.30 13.42
C ALA B 232 -6.12 38.58 14.43
N HIS B 233 -5.17 37.79 13.93
CA HIS B 233 -4.36 36.97 14.84
C HIS B 233 -2.90 36.81 14.44
N ILE B 234 -2.08 36.57 15.45
CA ILE B 234 -0.69 36.16 15.31
C ILE B 234 -0.60 34.73 15.82
N TYR B 235 -0.03 33.84 14.99
CA TYR B 235 0.30 32.47 15.43
C TYR B 235 1.45 32.51 16.43
N LEU B 236 1.46 31.60 17.41
CA LEU B 236 2.42 31.69 18.53
C LEU B 236 3.87 31.57 18.05
N ASN B 237 4.07 30.83 16.99
CA ASN B 237 5.39 30.71 16.46
C ASN B 237 5.80 31.88 15.59
N HIS B 238 4.96 32.89 15.48
CA HIS B 238 5.28 34.03 14.68
C HIS B 238 5.63 35.16 15.59
N ILE B 239 5.45 35.00 16.89
CA ILE B 239 5.68 36.13 17.81
C ILE B 239 7.14 36.62 17.73
N GLU B 240 8.11 35.72 17.85
CA GLU B 240 9.51 36.14 17.83
C GLU B 240 9.91 36.86 16.54
N PRO B 241 9.66 36.26 15.38
CA PRO B 241 9.92 37.01 14.11
C PRO B 241 9.21 38.38 13.98
N LEU B 242 7.98 38.50 14.48
CA LEU B 242 7.24 39.78 14.42
C LEU B 242 7.83 40.84 15.34
N LYS B 243 8.31 40.44 16.52
CA LYS B 243 9.02 41.36 17.41
C LYS B 243 10.31 41.94 16.78
N ILE B 244 10.98 41.10 16.00
CA ILE B 244 12.15 41.54 15.22
C ILE B 244 11.71 42.59 14.21
N GLN B 245 10.59 42.32 13.53
CA GLN B 245 10.06 43.24 12.53
C GLN B 245 9.72 44.61 13.12
N LEU B 246 9.13 44.62 14.33
CA LEU B 246 8.77 45.87 15.02
C LEU B 246 9.97 46.77 15.33
N GLN B 247 11.16 46.17 15.45
CA GLN B 247 12.38 46.94 15.67
C GLN B 247 12.75 47.82 14.49
N ARG B 248 12.35 47.46 13.29
CA ARG B 248 12.85 48.10 12.07
C ARG B 248 12.11 49.38 11.75
N GLU B 249 12.85 50.43 11.42
CA GLU B 249 12.24 51.70 11.02
C GLU B 249 11.75 51.56 9.58
N PRO B 250 10.48 51.90 9.31
CA PRO B 250 9.95 51.73 7.93
C PRO B 250 10.61 52.68 6.98
N ARG B 251 10.70 52.27 5.73
CA ARG B 251 11.20 53.12 4.65
C ARG B 251 10.02 53.56 3.85
N PRO B 252 10.16 54.64 3.07
CA PRO B 252 8.98 55.14 2.35
C PRO B 252 8.38 54.08 1.43
N PHE B 253 7.07 54.15 1.21
CA PHE B 253 6.39 53.25 0.30
C PHE B 253 6.89 53.46 -1.14
N PRO B 254 6.86 52.40 -1.96
CA PRO B 254 7.20 52.57 -3.36
C PRO B 254 6.01 53.13 -4.15
N LYS B 255 6.21 53.34 -5.43
CA LYS B 255 5.18 53.80 -6.32
C LYS B 255 4.86 52.68 -7.28
N LEU B 256 3.64 52.70 -7.80
CA LEU B 256 3.25 51.74 -8.84
C LEU B 256 2.99 52.48 -10.14
N ARG B 257 3.77 52.19 -11.16
CA ARG B 257 3.54 52.74 -12.50
C ARG B 257 2.86 51.66 -13.33
N ILE B 258 1.84 52.07 -14.09
CA ILE B 258 1.20 51.21 -15.11
C ILE B 258 1.69 51.65 -16.49
N LEU B 259 2.37 50.77 -17.21
CA LEU B 259 3.19 51.16 -18.38
C LEU B 259 2.47 51.31 -19.72
N ARG B 260 1.14 51.18 -19.76
CA ARG B 260 0.37 51.36 -21.00
C ARG B 260 -1.14 51.55 -20.72
N LYS B 261 -1.85 52.03 -21.73
CA LYS B 261 -3.29 52.27 -21.66
C LYS B 261 -4.01 50.93 -21.92
N VAL B 262 -4.74 50.43 -20.92
CA VAL B 262 -5.48 49.16 -21.01
C VAL B 262 -6.99 49.49 -20.89
N GLU B 263 -7.81 48.98 -21.80
CA GLU B 263 -9.22 49.38 -21.88
C GLU B 263 -10.14 48.44 -21.09
N LYS B 264 -9.79 47.15 -21.02
CA LYS B 264 -10.58 46.13 -20.32
C LYS B 264 -9.71 45.39 -19.29
N ILE B 265 -10.31 45.03 -18.16
CA ILE B 265 -9.60 44.37 -17.05
C ILE B 265 -8.95 43.02 -17.45
N ASP B 266 -9.56 42.30 -18.38
CA ASP B 266 -9.04 41.01 -18.88
C ASP B 266 -7.71 41.15 -19.65
N ASP B 267 -7.40 42.36 -20.15
CA ASP B 267 -6.17 42.68 -20.90
C ASP B 267 -4.92 42.99 -20.12
N PHE B 268 -5.03 43.26 -18.83
CA PHE B 268 -3.82 43.48 -18.00
C PHE B 268 -2.95 42.24 -18.01
N LYS B 269 -1.65 42.45 -18.20
CA LYS B 269 -0.62 41.40 -18.15
C LYS B 269 0.44 41.85 -17.12
N ALA B 270 1.22 40.91 -16.59
CA ALA B 270 2.24 41.23 -15.56
C ALA B 270 3.28 42.29 -16.01
N GLU B 271 3.55 42.31 -17.31
CA GLU B 271 4.53 43.20 -17.93
C GLU B 271 4.09 44.66 -17.89
N ASP B 272 2.78 44.88 -17.78
CA ASP B 272 2.20 46.23 -17.67
C ASP B 272 2.52 46.98 -16.37
N PHE B 273 2.99 46.29 -15.33
CA PHE B 273 3.21 46.89 -14.00
C PHE B 273 4.70 46.97 -13.64
N GLN B 274 5.05 48.01 -12.88
CA GLN B 274 6.42 48.25 -12.43
C GLN B 274 6.39 48.95 -11.06
N ILE B 275 6.99 48.30 -10.09
CA ILE B 275 7.18 48.84 -8.75
C ILE B 275 8.49 49.65 -8.76
N GLU B 276 8.39 50.90 -8.32
CA GLU B 276 9.46 51.89 -8.42
C GLU B 276 9.88 52.29 -7.01
N GLY B 277 11.11 51.98 -6.60
CA GLY B 277 11.64 52.40 -5.32
C GLY B 277 11.30 51.53 -4.13
N TYR B 278 11.16 50.22 -4.33
CA TYR B 278 10.82 49.33 -3.21
C TYR B 278 12.09 48.86 -2.56
N ASN B 279 12.33 49.30 -1.34
CA ASN B 279 13.62 49.04 -0.64
C ASN B 279 13.34 48.42 0.71
N PRO B 280 12.83 47.19 0.73
CA PRO B 280 12.39 46.60 1.98
C PRO B 280 13.57 46.03 2.79
N HIS B 281 13.37 45.89 4.09
CA HIS B 281 14.32 45.17 4.95
C HIS B 281 14.16 43.66 4.60
N PRO B 282 15.15 42.82 4.90
CA PRO B 282 15.06 41.37 4.62
C PRO B 282 13.77 40.64 5.04
N THR B 283 13.34 39.68 4.23
CA THR B 283 12.33 38.66 4.58
C THR B 283 12.68 37.91 5.88
N ILE B 284 11.64 37.52 6.62
CA ILE B 284 11.71 36.71 7.84
C ILE B 284 10.83 35.47 7.50
N LYS B 285 11.24 34.27 7.86
CA LYS B 285 10.38 33.12 7.57
C LYS B 285 9.25 33.12 8.55
N MET B 286 8.07 32.73 8.08
CA MET B 286 6.88 32.67 8.89
C MET B 286 6.13 31.36 8.72
N GLU B 287 6.74 30.27 9.13
CA GLU B 287 6.23 28.90 9.04
C GLU B 287 5.00 28.52 8.23
N MET B 288 3.83 28.81 8.78
CA MET B 288 2.48 28.52 8.25
C MET B 288 1.93 27.10 8.47
N ALA B 289 0.63 27.04 8.71
CA ALA B 289 -0.20 25.86 8.94
C ALA B 289 0.39 24.49 8.66
N PRO C 3 27.23 -15.23 0.70
CA PRO C 3 27.32 -16.16 -0.49
C PRO C 3 26.19 -15.89 -1.53
N PRO C 4 26.56 -15.53 -2.79
CA PRO C 4 25.60 -14.73 -3.60
C PRO C 4 24.31 -15.46 -4.07
N HIS C 5 23.31 -14.66 -4.38
CA HIS C 5 22.00 -15.14 -4.83
C HIS C 5 22.12 -15.64 -6.29
N GLY C 6 21.75 -16.90 -6.51
CA GLY C 6 21.84 -17.55 -7.83
C GLY C 6 21.12 -16.83 -8.95
N GLU C 7 20.05 -16.10 -8.63
CA GLU C 7 19.29 -15.31 -9.61
C GLU C 7 20.09 -14.15 -10.20
N LEU C 8 21.12 -13.70 -9.50
CA LEU C 8 22.03 -12.69 -10.03
C LEU C 8 22.77 -13.14 -11.28
N GLN C 9 22.93 -14.45 -11.45
CA GLN C 9 23.46 -14.97 -12.71
C GLN C 9 22.57 -14.72 -13.92
N TYR C 10 21.30 -15.07 -13.81
CA TYR C 10 20.31 -14.77 -14.85
C TYR C 10 20.26 -13.28 -15.12
N LEU C 11 20.18 -12.48 -14.07
CA LEU C 11 20.11 -11.03 -14.27
C LEU C 11 21.40 -10.52 -14.92
N GLY C 12 22.55 -11.05 -14.48
CA GLY C 12 23.83 -10.79 -15.14
C GLY C 12 23.78 -11.06 -16.62
N GLN C 13 23.23 -12.21 -17.02
CA GLN C 13 23.06 -12.55 -18.43
C GLN C 13 22.21 -11.54 -19.18
N ILE C 14 21.14 -11.04 -18.57
CA ILE C 14 20.31 -10.00 -19.18
C ILE C 14 21.16 -8.74 -19.45
N GLN C 15 21.88 -8.29 -18.43
CA GLN C 15 22.72 -7.08 -18.56
C GLN C 15 23.77 -7.25 -19.64
N HIS C 16 24.43 -8.41 -19.66
CA HIS C 16 25.40 -8.71 -20.69
C HIS C 16 24.82 -8.64 -22.11
N ILE C 17 23.58 -9.08 -22.29
CA ILE C 17 22.97 -9.05 -23.62
C ILE C 17 22.60 -7.60 -24.01
N LEU C 18 22.19 -6.80 -23.04
CA LEU C 18 21.86 -5.39 -23.29
C LEU C 18 23.09 -4.56 -23.62
N ARG C 19 24.20 -4.77 -22.93
CA ARG C 19 25.45 -4.04 -23.18
C ARG C 19 26.27 -4.56 -24.37
N CYS C 20 26.35 -5.89 -24.52
CA CYS C 20 27.22 -6.51 -25.53
C CYS C 20 26.51 -7.24 -26.66
N GLY C 21 25.18 -7.33 -26.63
CA GLY C 21 24.43 -8.03 -27.67
C GLY C 21 24.48 -7.33 -29.01
N VAL C 22 24.12 -8.06 -30.06
CA VAL C 22 24.14 -7.59 -31.43
C VAL C 22 22.73 -7.69 -32.03
N ARG C 23 22.38 -6.71 -32.89
CA ARG C 23 21.08 -6.70 -33.57
C ARG C 23 21.06 -7.85 -34.58
N LYS C 24 19.98 -8.62 -34.57
CA LYS C 24 19.90 -9.86 -35.33
C LYS C 24 18.46 -10.13 -35.60
N ASP C 25 18.13 -10.48 -36.84
CA ASP C 25 16.74 -10.79 -37.22
C ASP C 25 16.39 -12.24 -36.93
N ASP C 26 15.12 -12.57 -37.01
CA ASP C 26 14.63 -13.92 -36.66
C ASP C 26 13.50 -14.31 -37.59
N ARG C 27 12.86 -15.45 -37.33
CA ARG C 27 11.74 -15.89 -38.18
C ARG C 27 10.60 -14.88 -38.19
N THR C 28 10.26 -14.36 -37.03
CA THR C 28 9.04 -13.50 -36.86
C THR C 28 9.23 -12.01 -37.28
N GLY C 29 10.41 -11.63 -37.79
CA GLY C 29 10.67 -10.27 -38.25
C GLY C 29 10.83 -9.22 -37.15
N THR C 30 10.76 -9.68 -35.89
CA THR C 30 10.72 -8.76 -34.76
C THR C 30 12.07 -8.15 -34.48
N GLY C 31 13.12 -8.96 -34.57
CA GLY C 31 14.45 -8.52 -34.24
C GLY C 31 14.80 -8.83 -32.79
N THR C 32 16.09 -8.99 -32.54
CA THR C 32 16.59 -9.32 -31.22
C THR C 32 17.95 -8.71 -30.99
N LEU C 33 18.27 -8.51 -29.72
CA LEU C 33 19.65 -8.39 -29.26
C LEU C 33 20.08 -9.79 -28.86
N SER C 34 21.22 -10.24 -29.40
CA SER C 34 21.61 -11.64 -29.31
C SER C 34 23.07 -11.83 -28.93
N VAL C 35 23.34 -12.78 -28.02
CA VAL C 35 24.69 -13.29 -27.78
C VAL C 35 24.72 -14.81 -27.95
N PHE C 36 25.76 -15.32 -28.62
CA PHE C 36 25.94 -16.74 -28.85
C PHE C 36 26.93 -17.36 -27.84
N GLY C 37 26.46 -18.33 -27.06
CA GLY C 37 27.28 -18.99 -26.05
C GLY C 37 27.27 -18.28 -24.71
N MET C 38 26.39 -18.74 -23.81
CA MET C 38 26.40 -18.32 -22.41
C MET C 38 26.21 -19.55 -21.54
N GLN C 39 26.60 -19.41 -20.28
CA GLN C 39 26.49 -20.49 -19.31
C GLN C 39 26.25 -19.89 -17.92
N ALA C 40 25.34 -20.49 -17.17
CA ALA C 40 25.05 -20.07 -15.80
C ALA C 40 24.89 -21.29 -14.92
N ARG C 41 25.16 -21.12 -13.63
CA ARG C 41 25.14 -22.21 -12.65
C ARG C 41 24.17 -21.85 -11.53
N TYR C 42 23.23 -22.74 -11.19
CA TYR C 42 22.26 -22.49 -10.12
C TYR C 42 22.31 -23.61 -9.10
N SER C 43 22.71 -23.31 -7.86
CA SER C 43 22.74 -24.31 -6.80
C SER C 43 21.32 -24.79 -6.53
N LEU C 44 21.15 -26.10 -6.44
CA LEU C 44 19.89 -26.70 -6.02
C LEU C 44 19.94 -27.21 -4.58
N ARG C 45 21.01 -26.89 -3.85
CA ARG C 45 21.19 -27.37 -2.47
C ARG C 45 20.35 -26.53 -1.51
N ASP C 46 19.30 -27.17 -0.97
CA ASP C 46 18.36 -26.51 -0.04
C ASP C 46 17.67 -25.28 -0.64
N GLU C 47 17.52 -25.20 -1.96
CA GLU C 47 16.72 -24.14 -2.59
C GLU C 47 16.30 -24.60 -3.99
N PHE C 48 15.29 -23.96 -4.54
CA PHE C 48 14.80 -24.27 -5.86
C PHE C 48 14.78 -23.00 -6.72
N PRO C 49 15.48 -22.98 -7.87
CA PRO C 49 15.67 -21.76 -8.66
C PRO C 49 14.46 -21.34 -9.52
N LEU C 50 13.41 -20.92 -8.83
CA LEU C 50 12.22 -20.38 -9.45
C LEU C 50 12.33 -18.88 -9.32
N LEU C 51 12.51 -18.17 -10.43
CA LEU C 51 12.90 -16.77 -10.38
C LEU C 51 11.87 -15.86 -9.70
N THR C 52 12.38 -14.97 -8.84
CA THR C 52 11.56 -14.06 -8.05
C THR C 52 11.38 -12.66 -8.63
N THR C 53 12.21 -12.22 -9.56
CA THR C 53 12.07 -10.85 -10.09
C THR C 53 10.93 -10.70 -11.08
N LYS C 54 10.45 -11.82 -11.63
CA LYS C 54 9.20 -11.88 -12.40
C LYS C 54 8.60 -13.24 -12.11
N ARG C 55 7.28 -13.32 -11.95
CA ARG C 55 6.66 -14.59 -11.60
C ARG C 55 6.83 -15.62 -12.75
N VAL C 56 7.19 -16.84 -12.36
CA VAL C 56 7.28 -17.94 -13.28
C VAL C 56 6.01 -18.79 -13.16
N PHE C 57 5.51 -19.29 -14.29
CA PHE C 57 4.28 -20.07 -14.34
C PHE C 57 4.54 -21.49 -13.84
N TRP C 58 4.63 -21.63 -12.53
CA TRP C 58 4.96 -22.91 -11.90
C TRP C 58 4.07 -24.08 -12.32
N LYS C 59 2.76 -23.86 -12.28
CA LYS C 59 1.81 -24.89 -12.63
C LYS C 59 2.11 -25.48 -14.00
N GLY C 60 2.42 -24.62 -14.95
CA GLY C 60 2.81 -25.04 -16.30
C GLY C 60 4.13 -25.81 -16.35
N VAL C 61 5.12 -25.40 -15.55
CA VAL C 61 6.39 -26.12 -15.46
C VAL C 61 6.14 -27.56 -15.05
N LEU C 62 5.37 -27.72 -13.98
CA LEU C 62 5.12 -29.03 -13.37
C LEU C 62 4.31 -29.96 -14.29
N GLU C 63 3.19 -29.45 -14.81
CA GLU C 63 2.33 -30.27 -15.65
C GLU C 63 2.99 -30.61 -17.00
N GLU C 64 3.76 -29.66 -17.57
CA GLU C 64 4.51 -29.92 -18.79
C GLU C 64 5.55 -31.02 -18.59
N LEU C 65 6.24 -31.00 -17.47
CA LEU C 65 7.20 -32.07 -17.19
C LEU C 65 6.52 -33.43 -17.02
N LEU C 66 5.44 -33.50 -16.26
CA LEU C 66 4.68 -34.76 -16.09
C LEU C 66 4.17 -35.30 -17.41
N TRP C 67 3.81 -34.39 -18.32
CA TRP C 67 3.34 -34.69 -19.66
C TRP C 67 4.49 -35.25 -20.55
N PHE C 68 5.67 -34.74 -20.33
CA PHE C 68 6.83 -35.19 -21.03
C PHE C 68 7.11 -36.59 -20.58
N ILE C 69 7.09 -36.79 -19.28
CA ILE C 69 7.38 -38.07 -18.67
C ILE C 69 6.43 -39.18 -19.14
N LYS C 70 5.15 -38.88 -19.33
CA LYS C 70 4.18 -39.88 -19.85
C LYS C 70 4.46 -40.29 -21.29
N GLY C 71 5.28 -39.54 -22.01
CA GLY C 71 5.58 -39.77 -23.41
C GLY C 71 4.60 -39.13 -24.34
N SER C 72 3.85 -38.17 -23.85
CA SER C 72 2.74 -37.63 -24.62
C SER C 72 3.23 -36.56 -25.58
N THR C 73 2.56 -36.52 -26.73
CA THR C 73 2.79 -35.53 -27.76
C THR C 73 1.45 -34.99 -28.19
N ASN C 74 0.51 -35.02 -27.27
CA ASN C 74 -0.85 -34.53 -27.49
C ASN C 74 -1.06 -33.21 -26.76
N ALA C 75 -1.02 -32.11 -27.49
CA ALA C 75 -1.19 -30.78 -26.89
C ALA C 75 -2.51 -30.62 -26.17
N LYS C 76 -3.57 -31.25 -26.67
CA LYS C 76 -4.87 -31.24 -26.01
C LYS C 76 -4.84 -31.84 -24.61
N GLU C 77 -4.03 -32.88 -24.41
CA GLU C 77 -3.82 -33.46 -23.07
C GLU C 77 -3.24 -32.44 -22.07
N LEU C 78 -2.16 -31.78 -22.45
CA LEU C 78 -1.55 -30.70 -21.64
C LEU C 78 -2.54 -29.54 -21.40
N SER C 79 -3.33 -29.22 -22.42
CA SER C 79 -4.27 -28.12 -22.36
C SER C 79 -5.42 -28.39 -21.36
N SER C 80 -5.87 -29.64 -21.36
CA SER C 80 -6.87 -30.11 -20.42
C SER C 80 -6.46 -29.79 -18.99
N LYS C 81 -5.15 -29.75 -18.72
CA LYS C 81 -4.66 -29.39 -17.38
C LYS C 81 -4.48 -27.85 -17.17
N GLY C 82 -5.12 -27.01 -17.98
CA GLY C 82 -5.02 -25.55 -17.82
C GLY C 82 -3.69 -24.92 -18.24
N VAL C 83 -2.94 -25.64 -19.07
CA VAL C 83 -1.62 -25.25 -19.51
C VAL C 83 -1.66 -25.14 -21.05
N LYS C 84 -1.76 -23.91 -21.53
CA LYS C 84 -2.04 -23.62 -22.93
C LYS C 84 -0.78 -23.43 -23.78
N ILE C 85 0.39 -23.62 -23.18
CA ILE C 85 1.67 -23.24 -23.81
C ILE C 85 1.99 -23.92 -25.15
N TRP C 86 1.40 -25.06 -25.44
CA TRP C 86 1.63 -25.76 -26.68
C TRP C 86 0.44 -25.78 -27.62
N ASP C 87 -0.59 -25.05 -27.31
CA ASP C 87 -1.84 -25.12 -28.07
C ASP C 87 -1.81 -24.50 -29.45
N ALA C 88 -1.17 -23.35 -29.60
CA ALA C 88 -1.05 -22.71 -30.91
C ALA C 88 -0.32 -23.61 -31.91
N ASN C 89 0.68 -24.37 -31.45
CA ASN C 89 1.43 -25.27 -32.32
C ASN C 89 0.67 -26.55 -32.66
N GLY C 90 -0.33 -26.91 -31.84
CA GLY C 90 -1.18 -28.05 -32.12
C GLY C 90 -2.49 -27.74 -32.84
N SER C 91 -2.78 -26.47 -33.11
CA SER C 91 -4.08 -26.08 -33.67
C SER C 91 -4.24 -26.51 -35.13
N ARG C 92 -5.48 -26.70 -35.56
CA ARG C 92 -5.81 -27.07 -36.94
C ARG C 92 -5.13 -26.13 -37.94
N ASP C 93 -5.13 -24.83 -37.65
CA ASP C 93 -4.50 -23.83 -38.53
C ASP C 93 -2.98 -24.04 -38.70
N PHE C 94 -2.26 -24.07 -37.57
CA PHE C 94 -0.81 -24.18 -37.60
C PHE C 94 -0.32 -25.51 -38.19
N LEU C 95 -1.03 -26.59 -37.91
CA LEU C 95 -0.72 -27.88 -38.50
C LEU C 95 -0.88 -27.88 -40.02
N ASP C 96 -2.01 -27.33 -40.50
CA ASP C 96 -2.23 -27.17 -41.95
C ASP C 96 -1.16 -26.31 -42.65
N SER C 97 -0.66 -25.27 -41.96
CA SER C 97 0.40 -24.43 -42.50
C SER C 97 1.76 -25.14 -42.63
N LEU C 98 1.95 -26.27 -41.96
CA LEU C 98 3.12 -27.13 -42.13
C LEU C 98 2.83 -28.34 -43.07
N GLY C 99 1.64 -28.41 -43.67
CA GLY C 99 1.26 -29.47 -44.56
C GLY C 99 0.88 -30.77 -43.87
N PHE C 100 0.35 -30.69 -42.65
CA PHE C 100 -0.15 -31.88 -41.94
C PHE C 100 -1.69 -31.85 -41.96
N SER C 101 -2.26 -31.89 -43.16
CA SER C 101 -3.74 -31.82 -43.34
C SER C 101 -4.51 -32.99 -42.70
N THR C 102 -3.93 -34.18 -42.74
CA THR C 102 -4.61 -35.40 -42.26
C THR C 102 -4.27 -35.75 -40.82
N ARG C 103 -3.51 -34.90 -40.15
CA ARG C 103 -3.15 -35.11 -38.75
C ARG C 103 -4.22 -34.52 -37.83
N GLU C 104 -4.51 -35.19 -36.74
CA GLU C 104 -5.57 -34.72 -35.81
C GLU C 104 -5.11 -33.49 -35.05
N GLU C 105 -6.05 -32.64 -34.64
CA GLU C 105 -5.76 -31.45 -33.82
C GLU C 105 -5.15 -31.80 -32.44
N GLY C 106 -4.07 -31.12 -32.08
CA GLY C 106 -3.28 -31.41 -30.89
C GLY C 106 -2.02 -32.22 -31.16
N ASP C 107 -1.93 -32.90 -32.29
CA ASP C 107 -0.81 -33.79 -32.57
C ASP C 107 0.42 -33.01 -33.00
N LEU C 108 1.37 -32.92 -32.11
CA LEU C 108 2.56 -32.16 -32.36
C LEU C 108 3.66 -32.89 -33.09
N GLY C 109 3.49 -34.17 -33.26
CA GLY C 109 4.51 -34.96 -33.88
C GLY C 109 5.43 -35.54 -32.86
N PRO C 110 6.56 -36.02 -33.29
CA PRO C 110 7.52 -36.64 -32.39
C PRO C 110 8.36 -35.71 -31.54
N VAL C 111 7.72 -34.98 -30.64
CA VAL C 111 8.37 -34.04 -29.76
C VAL C 111 8.88 -34.68 -28.49
N TYR C 112 9.34 -33.88 -27.56
CA TYR C 112 9.93 -34.29 -26.29
C TYR C 112 9.51 -35.57 -25.63
N GLY C 113 8.22 -35.78 -25.44
CA GLY C 113 7.74 -36.99 -24.86
C GLY C 113 8.16 -38.20 -25.66
N PHE C 114 7.90 -38.18 -26.94
CA PHE C 114 8.25 -39.29 -27.79
C PHE C 114 9.72 -39.61 -27.74
N GLN C 115 10.54 -38.58 -27.85
CA GLN C 115 11.96 -38.77 -27.82
C GLN C 115 12.55 -39.25 -26.53
N TRP C 116 11.98 -38.89 -25.40
CA TRP C 116 12.54 -39.31 -24.14
C TRP C 116 12.24 -40.73 -23.90
N ARG C 117 11.12 -41.14 -24.41
CA ARG C 117 10.63 -42.50 -24.15
C ARG C 117 10.77 -43.53 -25.26
N HIS C 118 10.84 -43.10 -26.52
CA HIS C 118 10.81 -43.98 -27.70
C HIS C 118 11.73 -43.50 -28.81
N PHE C 119 12.93 -43.02 -28.46
CA PHE C 119 13.82 -42.43 -29.47
C PHE C 119 14.08 -43.42 -30.60
N GLY C 120 13.80 -42.99 -31.82
CA GLY C 120 14.11 -43.78 -32.99
C GLY C 120 13.05 -44.76 -33.39
N ALA C 121 11.98 -44.91 -32.61
CA ALA C 121 10.81 -45.63 -33.07
C ALA C 121 10.14 -44.87 -34.19
N GLU C 122 9.31 -45.59 -34.96
CA GLU C 122 8.60 -45.04 -36.10
C GLU C 122 7.32 -44.40 -35.60
N TYR C 123 7.25 -43.08 -35.75
CA TYR C 123 6.12 -42.31 -35.25
C TYR C 123 4.97 -42.31 -36.22
N ARG C 124 3.81 -42.78 -35.74
CA ARG C 124 2.58 -42.87 -36.56
C ARG C 124 1.68 -41.67 -36.19
N ASP C 125 0.95 -41.76 -35.09
CA ASP C 125 0.20 -40.60 -34.57
C ASP C 125 0.25 -40.54 -33.04
N MET C 126 -0.30 -39.46 -32.48
CA MET C 126 -0.23 -39.22 -31.03
C MET C 126 -0.96 -40.27 -30.19
N GLU C 127 -2.02 -40.86 -30.74
CA GLU C 127 -2.81 -41.85 -29.99
C GLU C 127 -2.28 -43.30 -30.15
N SER C 128 -1.27 -43.53 -30.98
CA SER C 128 -0.75 -44.87 -31.25
C SER C 128 -0.06 -45.50 -30.04
N ASP C 129 0.13 -46.82 -30.15
CA ASP C 129 0.80 -47.61 -29.12
C ASP C 129 2.28 -47.69 -29.48
N TYR C 130 3.16 -47.34 -28.55
CA TYR C 130 4.61 -47.46 -28.75
C TYR C 130 5.32 -48.26 -27.62
N SER C 131 4.60 -49.11 -26.88
CA SER C 131 5.22 -49.89 -25.79
C SER C 131 6.39 -50.78 -26.29
N GLY C 132 7.56 -50.54 -25.69
CA GLY C 132 8.77 -51.28 -26.03
C GLY C 132 9.48 -50.84 -27.29
N GLN C 133 8.89 -49.94 -28.05
CA GLN C 133 9.49 -49.45 -29.29
C GLN C 133 10.45 -48.32 -28.97
N GLY C 134 11.59 -48.33 -29.64
CA GLY C 134 12.63 -47.28 -29.48
C GLY C 134 13.38 -47.40 -28.18
N VAL C 135 14.20 -46.38 -27.92
CA VAL C 135 15.03 -46.30 -26.72
C VAL C 135 14.34 -45.45 -25.65
N ASP C 136 14.18 -45.99 -24.46
CA ASP C 136 13.66 -45.24 -23.32
C ASP C 136 14.82 -44.55 -22.63
N GLN C 137 15.12 -43.33 -23.08
CA GLN C 137 16.27 -42.62 -22.57
C GLN C 137 16.09 -42.25 -21.11
N LEU C 138 14.88 -41.84 -20.73
CA LEU C 138 14.62 -41.38 -19.35
C LEU C 138 14.87 -42.51 -18.36
N GLN C 139 14.30 -43.69 -18.63
CA GLN C 139 14.53 -44.85 -17.79
C GLN C 139 16.00 -45.26 -17.80
N ARG C 140 16.65 -45.27 -18.96
CA ARG C 140 18.10 -45.62 -19.04
C ARG C 140 18.98 -44.70 -18.25
N VAL C 141 18.68 -43.40 -18.26
CA VAL C 141 19.35 -42.42 -17.40
C VAL C 141 19.24 -42.84 -15.93
N ILE C 142 18.00 -43.12 -15.51
CA ILE C 142 17.71 -43.47 -14.12
C ILE C 142 18.44 -44.77 -13.74
N ASP C 143 18.38 -45.78 -14.59
CA ASP C 143 19.08 -47.04 -14.32
C ASP C 143 20.58 -46.88 -14.29
N THR C 144 21.15 -46.00 -15.10
CA THR C 144 22.60 -45.76 -15.09
C THR C 144 23.05 -45.02 -13.85
N ILE C 145 22.30 -44.02 -13.42
CA ILE C 145 22.63 -43.29 -12.18
C ILE C 145 22.66 -44.25 -10.98
N LYS C 146 21.73 -45.19 -10.94
CA LYS C 146 21.68 -46.21 -9.89
C LYS C 146 22.84 -47.20 -9.95
N THR C 147 23.19 -47.74 -11.12
CA THR C 147 24.19 -48.84 -11.23
C THR C 147 25.63 -48.37 -11.47
N ASN C 148 25.82 -47.21 -12.07
CA ASN C 148 27.15 -46.76 -12.45
C ASN C 148 27.17 -45.23 -12.49
N PRO C 149 27.13 -44.60 -11.31
CA PRO C 149 27.06 -43.14 -11.24
C PRO C 149 28.23 -42.35 -11.82
N ASP C 150 29.43 -42.94 -11.89
CA ASP C 150 30.61 -42.22 -12.39
C ASP C 150 30.60 -42.04 -13.91
N ASP C 151 29.77 -42.82 -14.58
CA ASP C 151 29.55 -42.73 -16.02
C ASP C 151 29.41 -41.29 -16.52
N ARG C 152 30.10 -40.99 -17.62
CA ARG C 152 30.03 -39.66 -18.25
C ARG C 152 29.18 -39.64 -19.55
N ARG C 153 28.25 -40.59 -19.67
CA ARG C 153 27.37 -40.72 -20.84
C ARG C 153 25.90 -40.68 -20.46
N ILE C 154 25.58 -40.16 -19.28
CA ILE C 154 24.20 -40.13 -18.80
C ILE C 154 23.56 -38.94 -19.49
N ILE C 155 22.98 -39.22 -20.66
CA ILE C 155 22.49 -38.22 -21.59
C ILE C 155 21.10 -38.55 -22.07
N MET C 156 20.29 -37.51 -22.20
CA MET C 156 18.99 -37.58 -22.82
C MET C 156 19.03 -36.57 -23.99
N CYS C 157 18.62 -36.99 -25.19
CA CYS C 157 18.66 -36.16 -26.38
C CYS C 157 17.31 -36.10 -27.04
N ALA C 158 16.82 -34.92 -27.34
CA ALA C 158 15.58 -34.77 -28.02
C ALA C 158 15.76 -34.36 -29.45
N TRP C 159 16.98 -34.05 -29.83
CA TRP C 159 17.28 -33.64 -31.19
C TRP C 159 17.45 -34.89 -32.03
N ASN C 160 16.46 -35.12 -32.90
CA ASN C 160 16.44 -36.27 -33.81
C ASN C 160 16.23 -35.73 -35.21
N PRO C 161 17.32 -35.60 -35.99
CA PRO C 161 17.22 -35.05 -37.34
C PRO C 161 16.26 -35.81 -38.26
N ARG C 162 16.13 -37.12 -38.06
CA ARG C 162 15.26 -37.93 -38.91
C ARG C 162 13.80 -37.54 -38.71
N ASP C 163 13.42 -37.19 -37.48
CA ASP C 163 12.04 -36.86 -37.15
C ASP C 163 11.70 -35.37 -37.24
N LEU C 164 12.69 -34.50 -37.37
CA LEU C 164 12.47 -33.03 -37.46
C LEU C 164 11.29 -32.65 -38.38
N PRO C 165 11.31 -33.11 -39.65
CA PRO C 165 10.26 -32.68 -40.60
C PRO C 165 8.83 -32.94 -40.12
N LEU C 166 8.65 -33.98 -39.28
CA LEU C 166 7.35 -34.33 -38.70
C LEU C 166 6.90 -33.54 -37.45
N MET C 167 7.75 -32.73 -36.87
CA MET C 167 7.37 -32.01 -35.68
C MET C 167 6.74 -30.67 -35.92
N ALA C 168 5.85 -30.27 -35.03
CA ALA C 168 5.26 -28.94 -35.09
C ALA C 168 6.29 -27.86 -34.73
N LEU C 169 7.14 -28.16 -33.79
CA LEU C 169 8.15 -27.24 -33.38
C LEU C 169 9.39 -28.04 -33.10
N PRO C 170 10.52 -27.65 -33.65
CA PRO C 170 11.76 -28.35 -33.30
C PRO C 170 12.24 -27.96 -31.88
N PRO C 171 12.70 -28.92 -31.11
CA PRO C 171 13.12 -28.68 -29.74
C PRO C 171 14.15 -27.63 -29.48
N CYS C 172 14.03 -27.02 -28.31
CA CYS C 172 14.95 -26.02 -27.84
C CYS C 172 15.94 -26.69 -26.95
N HIS C 173 15.48 -27.61 -26.14
CA HIS C 173 16.36 -28.34 -25.29
C HIS C 173 16.79 -29.52 -26.06
N ALA C 174 17.85 -29.32 -26.78
CA ALA C 174 18.43 -30.35 -27.62
C ALA C 174 18.86 -31.54 -26.78
N LEU C 175 19.55 -31.28 -25.67
CA LEU C 175 19.94 -32.36 -24.79
C LEU C 175 20.25 -31.93 -23.39
N CYS C 176 20.30 -32.91 -22.50
CA CYS C 176 20.76 -32.70 -21.15
C CYS C 176 21.64 -33.84 -20.72
N GLN C 177 22.55 -33.54 -19.80
CA GLN C 177 23.48 -34.50 -19.27
C GLN C 177 23.38 -34.48 -17.75
N PHE C 178 23.53 -35.65 -17.15
CA PHE C 178 23.59 -35.77 -15.70
C PHE C 178 24.96 -36.23 -15.25
N TYR C 179 25.24 -35.99 -13.98
CA TYR C 179 26.56 -36.17 -13.43
C TYR C 179 26.38 -36.41 -11.94
N VAL C 180 27.16 -37.33 -11.39
CA VAL C 180 26.99 -37.74 -10.01
C VAL C 180 28.34 -37.80 -9.36
N VAL C 181 28.48 -37.10 -8.23
CA VAL C 181 29.68 -37.16 -7.43
C VAL C 181 29.31 -36.83 -5.98
N ASN C 182 29.90 -37.59 -5.03
CA ASN C 182 29.58 -37.59 -3.63
C ASN C 182 28.07 -37.42 -3.26
N SER C 183 27.33 -38.33 -3.87
CA SER C 183 25.87 -38.41 -3.68
C SER C 183 25.04 -37.17 -4.12
N GLU C 184 25.60 -36.34 -4.99
CA GLU C 184 24.90 -35.15 -5.50
C GLU C 184 24.63 -35.28 -7.00
N LEU C 185 23.37 -35.15 -7.39
CA LEU C 185 22.98 -35.22 -8.80
C LEU C 185 22.99 -33.84 -9.39
N SER C 186 23.75 -33.64 -10.47
CA SER C 186 23.68 -32.39 -11.23
C SER C 186 23.20 -32.60 -12.66
N CYS C 187 22.77 -31.51 -13.30
CA CYS C 187 22.21 -31.56 -14.63
C CYS C 187 22.70 -30.38 -15.43
N GLN C 188 23.04 -30.60 -16.69
CA GLN C 188 23.40 -29.53 -17.59
C GLN C 188 22.50 -29.63 -18.78
N LEU C 189 21.97 -28.51 -19.22
CA LEU C 189 21.04 -28.44 -20.33
C LEU C 189 21.68 -27.67 -21.47
N TYR C 190 21.73 -28.24 -22.68
CA TYR C 190 22.06 -27.44 -23.86
C TYR C 190 20.80 -26.97 -24.52
N GLN C 191 20.54 -25.68 -24.43
CA GLN C 191 19.36 -25.06 -25.01
C GLN C 191 19.83 -24.28 -26.23
N ARG C 192 19.42 -24.71 -27.42
CA ARG C 192 19.90 -24.07 -28.66
C ARG C 192 19.53 -22.60 -28.79
N SER C 193 18.41 -22.22 -28.22
CA SER C 193 17.82 -20.90 -28.44
C SER C 193 16.94 -20.59 -27.24
N GLY C 194 17.13 -19.39 -26.69
CA GLY C 194 16.52 -19.00 -25.44
C GLY C 194 16.07 -17.58 -25.47
N ASP C 195 14.78 -17.37 -25.27
CA ASP C 195 14.17 -16.05 -25.14
C ASP C 195 14.27 -15.69 -23.67
N MET C 196 15.18 -14.78 -23.33
CA MET C 196 15.47 -14.50 -21.93
C MET C 196 14.27 -13.92 -21.18
N GLY C 197 13.41 -13.20 -21.89
CA GLY C 197 12.22 -12.59 -21.30
C GLY C 197 11.16 -13.58 -20.81
N LEU C 198 10.85 -14.58 -21.63
CA LEU C 198 9.71 -15.48 -21.39
C LEU C 198 10.13 -16.89 -21.04
N GLY C 199 10.73 -17.60 -21.99
CA GLY C 199 10.98 -19.02 -21.87
C GLY C 199 12.04 -19.42 -20.86
N VAL C 200 13.14 -18.68 -20.85
CA VAL C 200 14.32 -19.14 -20.13
C VAL C 200 14.05 -19.43 -18.62
N PRO C 201 13.41 -18.50 -17.91
CA PRO C 201 13.07 -18.80 -16.51
C PRO C 201 12.20 -20.05 -16.32
N PHE C 202 11.21 -20.23 -17.20
CA PHE C 202 10.41 -21.45 -17.28
C PHE C 202 11.33 -22.67 -17.49
N ASN C 203 12.25 -22.56 -18.45
CA ASN C 203 13.13 -23.67 -18.80
C ASN C 203 14.08 -24.05 -17.66
N ILE C 204 14.61 -23.04 -16.98
CA ILE C 204 15.45 -23.27 -15.82
C ILE C 204 14.68 -24.09 -14.78
N ALA C 205 13.44 -23.70 -14.51
CA ALA C 205 12.61 -24.40 -13.55
C ALA C 205 12.25 -25.84 -13.95
N SER C 206 12.04 -26.08 -15.25
CA SER C 206 11.74 -27.43 -15.76
C SER C 206 12.81 -28.43 -15.42
N TYR C 207 14.07 -28.07 -15.72
CA TYR C 207 15.19 -29.00 -15.57
C TYR C 207 15.68 -29.05 -14.13
N ALA C 208 15.49 -27.97 -13.41
CA ALA C 208 15.72 -27.98 -11.96
C ALA C 208 14.79 -29.01 -11.32
N LEU C 209 13.52 -28.98 -11.73
CA LEU C 209 12.51 -29.93 -11.26
C LEU C 209 12.81 -31.37 -11.67
N LEU C 210 13.19 -31.57 -12.93
CA LEU C 210 13.61 -32.89 -13.40
C LEU C 210 14.71 -33.45 -12.51
N THR C 211 15.67 -32.60 -12.16
CA THR C 211 16.81 -33.05 -11.41
C THR C 211 16.35 -33.47 -10.01
N TYR C 212 15.49 -32.67 -9.39
CA TYR C 212 14.86 -33.02 -8.09
C TYR C 212 14.12 -34.36 -8.16
N MET C 213 13.33 -34.56 -9.21
CA MET C 213 12.63 -35.83 -9.42
C MET C 213 13.58 -37.01 -9.47
N ILE C 214 14.58 -36.95 -10.35
CA ILE C 214 15.50 -38.08 -10.52
C ILE C 214 16.38 -38.30 -9.29
N ALA C 215 16.81 -37.22 -8.65
CA ALA C 215 17.54 -37.33 -7.39
C ALA C 215 16.75 -38.12 -6.36
N HIS C 216 15.47 -37.82 -6.26
CA HIS C 216 14.57 -38.49 -5.32
C HIS C 216 14.44 -39.98 -5.60
N ILE C 217 14.16 -40.33 -6.86
CA ILE C 217 14.09 -41.73 -7.34
C ILE C 217 15.38 -42.49 -7.05
N THR C 218 16.52 -41.84 -7.23
CA THR C 218 17.81 -42.50 -7.12
C THR C 218 18.42 -42.46 -5.72
N GLY C 219 17.79 -41.76 -4.78
CA GLY C 219 18.32 -41.58 -3.41
C GLY C 219 19.48 -40.62 -3.26
N LEU C 220 19.53 -39.57 -4.08
CA LEU C 220 20.67 -38.62 -4.08
C LEU C 220 20.20 -37.22 -3.72
N LYS C 221 21.12 -36.34 -3.34
CA LYS C 221 20.78 -34.95 -2.99
C LYS C 221 20.96 -34.13 -4.27
N PRO C 222 20.01 -33.23 -4.58
CA PRO C 222 20.21 -32.34 -5.73
C PRO C 222 21.47 -31.52 -5.60
N GLY C 223 22.18 -31.31 -6.71
CA GLY C 223 23.47 -30.60 -6.74
C GLY C 223 23.39 -29.24 -7.43
N ASP C 224 24.02 -29.11 -8.60
CA ASP C 224 23.88 -27.90 -9.46
C ASP C 224 22.99 -28.16 -10.68
N PHE C 225 22.40 -27.09 -11.24
CA PHE C 225 21.82 -27.15 -12.58
C PHE C 225 22.60 -26.15 -13.43
N ILE C 226 23.20 -26.64 -14.51
CA ILE C 226 23.96 -25.77 -15.39
C ILE C 226 23.14 -25.51 -16.63
N HIS C 227 22.98 -24.24 -16.94
CA HIS C 227 22.18 -23.84 -18.06
C HIS C 227 23.11 -23.24 -19.10
N THR C 228 23.22 -23.93 -20.24
CA THR C 228 24.06 -23.50 -21.33
C THR C 228 23.18 -23.08 -22.49
N LEU C 229 23.47 -21.94 -23.07
CA LEU C 229 22.66 -21.41 -24.16
C LEU C 229 23.46 -21.29 -25.45
N GLY C 230 22.75 -21.54 -26.57
CA GLY C 230 23.26 -21.23 -27.90
C GLY C 230 22.95 -19.77 -28.17
N ASP C 231 21.87 -19.50 -28.92
CA ASP C 231 21.43 -18.14 -29.20
C ASP C 231 20.64 -17.61 -28.01
N ALA C 232 21.32 -16.92 -27.09
CA ALA C 232 20.66 -16.22 -25.98
C ALA C 232 20.24 -14.84 -26.45
N HIS C 233 18.94 -14.53 -26.38
CA HIS C 233 18.46 -13.26 -26.94
C HIS C 233 17.30 -12.61 -26.19
N ILE C 234 17.22 -11.30 -26.36
CA ILE C 234 16.08 -10.49 -25.94
C ILE C 234 15.44 -9.92 -27.21
N TYR C 235 14.13 -10.09 -27.34
CA TYR C 235 13.35 -9.46 -28.42
C TYR C 235 13.29 -7.95 -28.20
N LEU C 236 13.36 -7.15 -29.25
CA LEU C 236 13.41 -5.71 -29.07
C LEU C 236 12.27 -5.15 -28.28
N ASN C 237 11.06 -5.56 -28.58
CA ASN C 237 9.90 -5.13 -27.80
C ASN C 237 9.87 -5.60 -26.33
N HIS C 238 10.80 -6.46 -25.90
CA HIS C 238 10.96 -6.83 -24.49
C HIS C 238 12.01 -5.98 -23.74
N ILE C 239 12.74 -5.11 -24.40
CA ILE C 239 13.77 -4.38 -23.70
C ILE C 239 13.26 -3.55 -22.55
N GLU C 240 12.27 -2.72 -22.82
CA GLU C 240 11.76 -1.84 -21.77
C GLU C 240 11.25 -2.63 -20.54
N PRO C 241 10.36 -3.62 -20.73
CA PRO C 241 9.96 -4.44 -19.58
C PRO C 241 11.11 -5.13 -18.81
N LEU C 242 12.14 -5.59 -19.52
CA LEU C 242 13.29 -6.24 -18.86
C LEU C 242 14.16 -5.28 -18.05
N LYS C 243 14.31 -4.05 -18.54
CA LYS C 243 15.00 -3.00 -17.76
C LYS C 243 14.29 -2.70 -16.43
N ILE C 244 12.96 -2.74 -16.45
CA ILE C 244 12.15 -2.60 -15.24
C ILE C 244 12.46 -3.77 -14.30
N GLN C 245 12.53 -4.98 -14.84
CA GLN C 245 12.83 -6.17 -14.04
C GLN C 245 14.21 -6.10 -13.37
N LEU C 246 15.20 -5.57 -14.08
CA LEU C 246 16.56 -5.38 -13.53
C LEU C 246 16.62 -4.44 -12.34
N GLN C 247 15.67 -3.54 -12.22
CA GLN C 247 15.57 -2.67 -11.06
C GLN C 247 15.25 -3.41 -9.76
N ARG C 248 14.60 -4.56 -9.84
CA ARG C 248 14.05 -5.22 -8.66
C ARG C 248 15.10 -6.06 -7.97
N GLU C 249 15.20 -5.93 -6.64
CA GLU C 249 16.13 -6.73 -5.86
C GLU C 249 15.49 -8.13 -5.70
N PRO C 250 16.24 -9.19 -6.01
CA PRO C 250 15.72 -10.54 -5.87
C PRO C 250 15.43 -10.90 -4.44
N ARG C 251 14.45 -11.76 -4.25
CA ARG C 251 14.13 -12.28 -2.94
C ARG C 251 14.62 -13.70 -2.90
N PRO C 252 14.80 -14.26 -1.68
CA PRO C 252 15.36 -15.59 -1.59
C PRO C 252 14.55 -16.61 -2.38
N PHE C 253 15.25 -17.63 -2.90
CA PHE C 253 14.60 -18.70 -3.62
C PHE C 253 13.68 -19.49 -2.67
N PRO C 254 12.61 -20.09 -3.22
CA PRO C 254 11.79 -20.98 -2.42
C PRO C 254 12.43 -22.35 -2.29
N LYS C 255 11.77 -23.23 -1.56
CA LYS C 255 12.19 -24.60 -1.41
C LYS C 255 11.16 -25.45 -2.14
N LEU C 256 11.60 -26.64 -2.54
CA LEU C 256 10.72 -27.63 -3.12
C LEU C 256 10.67 -28.85 -2.20
N ARG C 257 9.48 -29.12 -1.64
CA ARG C 257 9.26 -30.30 -0.83
C ARG C 257 8.56 -31.33 -1.70
N ILE C 258 9.01 -32.58 -1.62
CA ILE C 258 8.33 -33.72 -2.25
C ILE C 258 7.59 -34.49 -1.15
N LEU C 259 6.26 -34.58 -1.25
CA LEU C 259 5.41 -34.96 -0.11
C LEU C 259 5.22 -36.46 0.14
N ARG C 260 5.90 -37.33 -0.61
CA ARG C 260 5.87 -38.77 -0.33
C ARG C 260 7.01 -39.53 -1.04
N LYS C 261 7.21 -40.78 -0.64
CA LYS C 261 8.23 -41.64 -1.23
C LYS C 261 7.68 -42.25 -2.53
N VAL C 262 8.29 -41.92 -3.67
CA VAL C 262 7.90 -42.40 -5.00
C VAL C 262 9.04 -43.28 -5.55
N GLU C 263 8.71 -44.49 -6.00
CA GLU C 263 9.72 -45.48 -6.38
C GLU C 263 10.11 -45.41 -7.87
N LYS C 264 9.14 -45.06 -8.72
CA LYS C 264 9.36 -44.97 -10.18
C LYS C 264 8.94 -43.58 -10.70
N ILE C 265 9.65 -43.08 -11.70
CA ILE C 265 9.40 -41.76 -12.30
C ILE C 265 7.97 -41.59 -12.87
N ASP C 266 7.40 -42.68 -13.39
CA ASP C 266 6.03 -42.64 -13.94
C ASP C 266 4.95 -42.38 -12.88
N ASP C 267 5.27 -42.63 -11.60
CA ASP C 267 4.33 -42.47 -10.45
C ASP C 267 4.21 -41.07 -9.87
N PHE C 268 5.12 -40.15 -10.20
CA PHE C 268 4.97 -38.77 -9.73
C PHE C 268 3.68 -38.17 -10.27
N LYS C 269 2.93 -37.50 -9.38
CA LYS C 269 1.71 -36.75 -9.72
C LYS C 269 1.90 -35.31 -9.21
N ALA C 270 1.16 -34.36 -9.78
CA ALA C 270 1.29 -32.93 -9.38
C ALA C 270 1.10 -32.66 -7.88
N GLU C 271 0.28 -33.47 -7.25
CA GLU C 271 -0.07 -33.36 -5.83
C GLU C 271 1.11 -33.67 -4.92
N ASP C 272 2.08 -34.44 -5.44
CA ASP C 272 3.30 -34.80 -4.71
C ASP C 272 4.27 -33.63 -4.45
N PHE C 273 4.10 -32.49 -5.14
CA PHE C 273 5.06 -31.37 -5.07
C PHE C 273 4.41 -30.15 -4.39
N GLN C 274 5.24 -29.42 -3.65
CA GLN C 274 4.84 -28.21 -2.92
C GLN C 274 6.00 -27.21 -2.90
N ILE C 275 5.72 -26.03 -3.45
CA ILE C 275 6.66 -24.91 -3.42
C ILE C 275 6.39 -24.14 -2.13
N GLU C 276 7.45 -23.94 -1.35
CA GLU C 276 7.38 -23.40 0.01
C GLU C 276 8.14 -22.07 0.02
N GLY C 277 7.44 -20.96 0.27
CA GLY C 277 8.08 -19.66 0.41
C GLY C 277 8.38 -18.89 -0.86
N TYR C 278 7.55 -19.04 -1.89
CA TYR C 278 7.78 -18.36 -3.17
C TYR C 278 7.14 -16.99 -3.11
N ASN C 279 7.94 -15.95 -3.12
CA ASN C 279 7.45 -14.57 -2.93
C ASN C 279 7.94 -13.68 -4.07
N PRO C 280 7.41 -13.92 -5.27
CA PRO C 280 7.87 -13.14 -6.43
C PRO C 280 7.28 -11.75 -6.51
N HIS C 281 7.99 -10.86 -7.22
CA HIS C 281 7.49 -9.53 -7.49
C HIS C 281 6.24 -9.55 -8.36
N PRO C 282 5.42 -8.48 -8.26
CA PRO C 282 4.25 -8.38 -9.14
C PRO C 282 4.57 -8.20 -10.63
N THR C 283 3.48 -7.93 -11.36
CA THR C 283 3.50 -7.49 -12.77
C THR C 283 2.30 -6.54 -13.11
N HIS D 5 11.41 -8.67 39.77
CA HIS D 5 10.73 -10.01 39.91
C HIS D 5 9.47 -9.96 39.01
N GLY D 6 9.38 -10.87 38.03
CA GLY D 6 8.22 -11.01 37.15
C GLY D 6 6.87 -11.16 37.84
N GLU D 7 6.85 -11.72 39.05
CA GLU D 7 5.62 -11.84 39.85
C GLU D 7 5.04 -10.50 40.29
N LEU D 8 5.86 -9.47 40.33
CA LEU D 8 5.38 -8.13 40.64
C LEU D 8 4.41 -7.60 39.58
N GLN D 9 4.49 -8.12 38.37
CA GLN D 9 3.48 -7.79 37.35
C GLN D 9 2.09 -8.30 37.69
N TYR D 10 1.98 -9.58 38.03
CA TYR D 10 0.72 -10.17 38.49
C TYR D 10 0.19 -9.41 39.70
N LEU D 11 1.05 -9.16 40.68
CA LEU D 11 0.61 -8.45 41.87
C LEU D 11 0.17 -7.02 41.52
N GLY D 12 0.93 -6.36 40.62
CA GLY D 12 0.54 -5.09 40.05
C GLY D 12 -0.87 -5.11 39.47
N GLN D 13 -1.17 -6.14 38.67
CA GLN D 13 -2.50 -6.31 38.12
C GLN D 13 -3.59 -6.43 39.19
N ILE D 14 -3.30 -7.15 40.28
CA ILE D 14 -4.26 -7.27 41.38
C ILE D 14 -4.55 -5.88 41.96
N GLN D 15 -3.49 -5.13 42.26
CA GLN D 15 -3.66 -3.80 42.86
C GLN D 15 -4.43 -2.87 41.95
N HIS D 16 -4.10 -2.91 40.67
CA HIS D 16 -4.81 -2.11 39.68
C HIS D 16 -6.32 -2.43 39.63
N ILE D 17 -6.70 -3.69 39.78
CA ILE D 17 -8.12 -4.06 39.77
C ILE D 17 -8.82 -3.61 41.06
N LEU D 18 -8.11 -3.64 42.19
CA LEU D 18 -8.66 -3.16 43.46
C LEU D 18 -8.87 -1.66 43.49
N ARG D 19 -7.91 -0.90 42.96
CA ARG D 19 -7.98 0.57 42.94
C ARG D 19 -8.82 1.14 41.80
N CYS D 20 -8.74 0.54 40.60
CA CYS D 20 -9.45 1.06 39.41
C CYS D 20 -10.60 0.21 38.89
N GLY D 21 -10.83 -0.96 39.48
CA GLY D 21 -11.89 -1.86 38.98
C GLY D 21 -13.29 -1.35 39.19
N VAL D 22 -14.25 -1.95 38.50
CA VAL D 22 -15.65 -1.55 38.52
C VAL D 22 -16.51 -2.76 38.97
N ARG D 23 -17.56 -2.47 39.75
CA ARG D 23 -18.49 -3.51 40.22
C ARG D 23 -19.29 -4.02 39.03
N LYS D 24 -19.39 -5.33 38.88
CA LYS D 24 -19.92 -5.94 37.67
C LYS D 24 -20.43 -7.30 38.06
N ASP D 25 -21.64 -7.60 37.60
CA ASP D 25 -22.27 -8.90 37.88
C ASP D 25 -21.83 -9.94 36.84
N ASP D 26 -22.08 -11.20 37.15
CA ASP D 26 -21.61 -12.32 36.31
C ASP D 26 -22.64 -13.43 36.30
N ARG D 27 -22.32 -14.54 35.66
CA ARG D 27 -23.25 -15.67 35.56
C ARG D 27 -23.62 -16.20 36.98
N THR D 28 -22.61 -16.31 37.84
CA THR D 28 -22.78 -16.98 39.15
C THR D 28 -23.44 -16.11 40.27
N GLY D 29 -23.84 -14.88 39.96
CA GLY D 29 -24.51 -14.00 40.92
C GLY D 29 -23.63 -13.42 42.02
N THR D 30 -22.33 -13.76 42.00
CA THR D 30 -21.43 -13.39 43.07
C THR D 30 -21.04 -11.93 43.01
N GLY D 31 -20.78 -11.44 41.80
CA GLY D 31 -20.25 -10.09 41.62
C GLY D 31 -18.74 -10.04 41.61
N THR D 32 -18.20 -9.03 40.94
CA THR D 32 -16.76 -8.90 40.75
C THR D 32 -16.35 -7.45 40.68
N LEU D 33 -15.09 -7.19 41.02
CA LEU D 33 -14.36 -6.01 40.54
C LEU D 33 -13.67 -6.40 39.26
N SER D 34 -13.87 -5.62 38.22
CA SER D 34 -13.46 -6.00 36.87
C SER D 34 -12.72 -4.87 36.12
N VAL D 35 -11.64 -5.22 35.42
CA VAL D 35 -11.01 -4.34 34.43
C VAL D 35 -10.91 -5.07 33.08
N PHE D 36 -11.23 -4.35 32.00
CA PHE D 36 -11.15 -4.89 30.64
C PHE D 36 -9.85 -4.48 29.93
N GLY D 37 -9.04 -5.45 29.53
CA GLY D 37 -7.79 -5.19 28.82
C GLY D 37 -6.63 -5.00 29.77
N MET D 38 -5.85 -6.05 30.01
CA MET D 38 -4.59 -5.99 30.69
C MET D 38 -3.59 -6.86 29.94
N GLN D 39 -2.31 -6.61 30.21
CA GLN D 39 -1.23 -7.36 29.61
C GLN D 39 -0.06 -7.41 30.58
N ALA D 40 0.57 -8.57 30.71
CA ALA D 40 1.74 -8.77 31.56
C ALA D 40 2.77 -9.61 30.82
N ARG D 41 4.04 -9.41 31.17
CA ARG D 41 5.15 -10.10 30.53
C ARG D 41 5.95 -10.87 31.58
N TYR D 42 6.21 -12.15 31.36
CA TYR D 42 6.97 -13.01 32.30
C TYR D 42 8.17 -13.63 31.61
N SER D 43 9.38 -13.25 32.01
CA SER D 43 10.58 -13.85 31.44
C SER D 43 10.60 -15.35 31.78
N LEU D 44 10.86 -16.18 30.78
CA LEU D 44 11.09 -17.60 30.96
C LEU D 44 12.58 -17.96 30.89
N ARG D 45 13.47 -16.97 30.85
CA ARG D 45 14.91 -17.22 30.71
C ARG D 45 15.51 -17.64 32.04
N ASP D 46 15.89 -18.90 32.13
CA ASP D 46 16.39 -19.55 33.33
C ASP D 46 15.50 -19.39 34.59
N GLU D 47 14.20 -19.27 34.40
CA GLU D 47 13.23 -19.33 35.49
C GLU D 47 11.87 -19.74 34.96
N PHE D 48 11.00 -20.22 35.85
CA PHE D 48 9.69 -20.68 35.47
C PHE D 48 8.64 -19.95 36.33
N PRO D 49 7.67 -19.25 35.72
CA PRO D 49 6.74 -18.39 36.43
C PRO D 49 5.60 -19.10 37.17
N LEU D 50 5.96 -19.84 38.19
CA LEU D 50 5.03 -20.49 39.08
C LEU D 50 4.94 -19.63 40.32
N LEU D 51 3.81 -18.98 40.55
CA LEU D 51 3.73 -17.90 41.54
C LEU D 51 4.01 -18.36 42.97
N THR D 52 4.81 -17.55 43.68
CA THR D 52 5.25 -17.84 45.04
C THR D 52 4.43 -17.21 46.14
N THR D 53 3.63 -16.19 45.88
CA THR D 53 2.86 -15.53 46.96
C THR D 53 1.64 -16.34 47.41
N LYS D 54 1.19 -17.27 46.56
CA LYS D 54 0.17 -18.26 46.92
C LYS D 54 0.52 -19.51 46.12
N ARG D 55 0.38 -20.68 46.75
CA ARG D 55 0.76 -21.91 46.06
C ARG D 55 -0.11 -22.19 44.84
N VAL D 56 0.53 -22.57 43.75
CA VAL D 56 -0.14 -22.97 42.53
C VAL D 56 -0.15 -24.50 42.45
N PHE D 57 -1.26 -25.05 41.98
CA PHE D 57 -1.46 -26.49 41.88
C PHE D 57 -0.69 -27.07 40.70
N TRP D 58 0.61 -27.20 40.88
CA TRP D 58 1.51 -27.68 39.82
C TRP D 58 1.10 -28.99 39.17
N LYS D 59 0.78 -29.98 39.99
CA LYS D 59 0.42 -31.30 39.49
C LYS D 59 -0.74 -31.20 38.50
N GLY D 60 -1.73 -30.37 38.83
CA GLY D 60 -2.85 -30.12 37.94
C GLY D 60 -2.48 -29.39 36.64
N VAL D 61 -1.56 -28.44 36.71
CA VAL D 61 -1.06 -27.74 35.53
C VAL D 61 -0.49 -28.75 34.55
N LEU D 62 0.38 -29.61 35.06
CA LEU D 62 1.13 -30.57 34.24
C LEU D 62 0.23 -31.63 33.61
N GLU D 63 -0.62 -32.25 34.44
CA GLU D 63 -1.51 -33.30 33.96
C GLU D 63 -2.56 -32.76 32.97
N GLU D 64 -3.09 -31.57 33.26
CA GLU D 64 -4.04 -30.93 32.36
C GLU D 64 -3.44 -30.63 31.00
N LEU D 65 -2.19 -30.16 30.98
CA LEU D 65 -1.52 -29.92 29.71
C LEU D 65 -1.29 -31.22 28.92
N LEU D 66 -0.80 -32.28 29.59
CA LEU D 66 -0.59 -33.58 28.94
C LEU D 66 -1.89 -34.16 28.38
N TRP D 67 -2.98 -33.88 29.08
CA TRP D 67 -4.34 -34.28 28.69
C TRP D 67 -4.84 -33.50 27.46
N PHE D 68 -4.51 -32.23 27.36
CA PHE D 68 -4.82 -31.44 26.21
C PHE D 68 -4.03 -31.95 25.03
N ILE D 69 -2.76 -32.24 25.23
CA ILE D 69 -1.89 -32.73 24.19
C ILE D 69 -2.37 -34.05 23.59
N LYS D 70 -2.89 -34.96 24.40
CA LYS D 70 -3.45 -36.24 23.90
C LYS D 70 -4.71 -36.06 23.04
N GLY D 71 -5.34 -34.90 23.17
CA GLY D 71 -6.55 -34.60 22.48
C GLY D 71 -7.77 -35.01 23.24
N SER D 72 -7.63 -35.15 24.54
CA SER D 72 -8.71 -35.64 25.36
C SER D 72 -9.70 -34.63 25.81
N THR D 73 -10.96 -35.02 25.79
CA THR D 73 -12.05 -34.18 26.21
C THR D 73 -12.85 -34.90 27.25
N ASN D 74 -12.25 -35.92 27.82
CA ASN D 74 -12.87 -36.77 28.82
C ASN D 74 -12.44 -36.35 30.22
N ALA D 75 -13.33 -35.66 30.93
CA ALA D 75 -13.01 -35.17 32.27
C ALA D 75 -12.66 -36.27 33.24
N LYS D 76 -13.30 -37.43 33.09
CA LYS D 76 -12.99 -38.62 33.91
C LYS D 76 -11.53 -39.07 33.76
N GLU D 77 -10.97 -38.96 32.57
CA GLU D 77 -9.55 -39.27 32.34
C GLU D 77 -8.63 -38.37 33.18
N LEU D 78 -8.84 -37.05 33.10
CA LEU D 78 -8.09 -36.08 33.92
C LEU D 78 -8.29 -36.33 35.42
N SER D 79 -9.50 -36.69 35.80
CA SER D 79 -9.86 -36.91 37.19
C SER D 79 -9.15 -38.14 37.77
N SER D 80 -9.04 -39.18 36.96
CA SER D 80 -8.32 -40.38 37.32
C SER D 80 -6.90 -40.04 37.77
N LYS D 81 -6.33 -38.96 37.24
CA LYS D 81 -5.00 -38.51 37.66
C LYS D 81 -5.00 -37.58 38.89
N GLY D 82 -6.07 -37.58 39.70
CA GLY D 82 -6.12 -36.74 40.91
C GLY D 82 -6.32 -35.24 40.67
N VAL D 83 -6.80 -34.89 39.48
CA VAL D 83 -7.01 -33.51 39.05
C VAL D 83 -8.48 -33.31 38.74
N LYS D 84 -9.20 -32.74 39.67
CA LYS D 84 -10.69 -32.72 39.64
C LYS D 84 -11.24 -31.45 39.00
N ILE D 85 -10.36 -30.61 38.46
CA ILE D 85 -10.71 -29.26 37.99
C ILE D 85 -11.81 -29.16 36.93
N TRP D 86 -12.01 -30.18 36.11
CA TRP D 86 -13.08 -30.19 35.09
C TRP D 86 -14.29 -31.09 35.45
N ASP D 87 -14.35 -31.63 36.66
CA ASP D 87 -15.38 -32.61 37.00
C ASP D 87 -16.81 -32.08 37.09
N ALA D 88 -16.98 -30.90 37.70
CA ALA D 88 -18.31 -30.29 37.79
C ALA D 88 -18.93 -30.04 36.40
N ASN D 89 -18.09 -29.66 35.43
CA ASN D 89 -18.56 -29.39 34.06
C ASN D 89 -18.86 -30.67 33.28
N GLY D 90 -18.28 -31.79 33.70
CA GLY D 90 -18.58 -33.07 33.09
C GLY D 90 -19.66 -33.91 33.76
N SER D 91 -20.21 -33.45 34.87
CA SER D 91 -21.20 -34.22 35.62
C SER D 91 -22.52 -34.29 34.96
N ARG D 92 -23.25 -35.34 35.29
CA ARG D 92 -24.55 -35.58 34.70
C ARG D 92 -25.52 -34.45 34.80
N ASP D 93 -25.60 -33.80 35.95
CA ASP D 93 -26.55 -32.71 36.11
C ASP D 93 -26.24 -31.62 35.14
N PHE D 94 -25.04 -31.09 35.23
CA PHE D 94 -24.55 -30.04 34.38
C PHE D 94 -24.74 -30.34 32.90
N LEU D 95 -24.41 -31.55 32.49
CA LEU D 95 -24.60 -31.96 31.15
C LEU D 95 -26.04 -31.88 30.74
N ASP D 96 -26.97 -32.29 31.61
CA ASP D 96 -28.36 -32.21 31.28
C ASP D 96 -28.84 -30.77 31.28
N SER D 97 -28.25 -29.93 32.10
CA SER D 97 -28.65 -28.55 32.15
C SER D 97 -28.44 -27.86 30.83
N LEU D 98 -27.47 -28.30 30.09
CA LEU D 98 -27.19 -27.76 28.76
C LEU D 98 -27.90 -28.56 27.63
N GLY D 99 -28.76 -29.50 28.00
CA GLY D 99 -29.52 -30.29 27.04
C GLY D 99 -28.74 -31.39 26.37
N PHE D 100 -27.73 -31.93 27.05
CA PHE D 100 -26.97 -33.09 26.54
C PHE D 100 -27.38 -34.35 27.29
N SER D 101 -28.66 -34.71 27.17
CA SER D 101 -29.22 -35.89 27.88
C SER D 101 -28.56 -37.23 27.48
N THR D 102 -28.19 -37.37 26.21
CA THR D 102 -27.70 -38.61 25.66
C THR D 102 -26.18 -38.71 25.66
N ARG D 103 -25.51 -37.71 26.22
CA ARG D 103 -24.05 -37.69 26.30
C ARG D 103 -23.58 -38.38 27.55
N GLU D 104 -22.46 -39.11 27.45
CA GLU D 104 -21.91 -39.84 28.60
C GLU D 104 -21.33 -38.86 29.64
N GLU D 105 -21.32 -39.28 30.90
CA GLU D 105 -20.71 -38.49 31.98
C GLU D 105 -19.18 -38.34 31.82
N GLY D 106 -18.69 -37.10 31.97
CA GLY D 106 -17.28 -36.74 31.69
C GLY D 106 -17.06 -36.09 30.32
N ASP D 107 -17.99 -36.24 29.41
CA ASP D 107 -17.83 -35.75 28.04
C ASP D 107 -18.08 -34.26 27.97
N LEU D 108 -17.01 -33.52 27.89
CA LEU D 108 -17.03 -32.08 27.86
C LEU D 108 -17.27 -31.50 26.49
N GLY D 109 -17.33 -32.35 25.49
CA GLY D 109 -17.54 -31.88 24.15
C GLY D 109 -16.27 -31.49 23.49
N PRO D 110 -16.36 -30.78 22.40
CA PRO D 110 -15.20 -30.38 21.64
C PRO D 110 -14.36 -29.23 22.18
N VAL D 111 -13.83 -29.38 23.38
CA VAL D 111 -13.00 -28.39 24.01
C VAL D 111 -11.54 -28.45 23.60
N TYR D 112 -10.69 -27.87 24.42
CA TYR D 112 -9.27 -27.74 24.18
C TYR D 112 -8.52 -28.79 23.44
N GLY D 113 -8.52 -30.00 23.94
CA GLY D 113 -7.84 -31.07 23.29
C GLY D 113 -8.31 -31.34 21.91
N PHE D 114 -9.62 -31.31 21.72
CA PHE D 114 -10.17 -31.56 20.43
C PHE D 114 -9.77 -30.53 19.43
N GLN D 115 -9.86 -29.27 19.76
CA GLN D 115 -9.52 -28.20 18.87
C GLN D 115 -8.08 -28.10 18.51
N TRP D 116 -7.21 -28.37 19.44
CA TRP D 116 -5.79 -28.29 19.20
C TRP D 116 -5.33 -29.29 18.20
N ARG D 117 -5.94 -30.45 18.23
CA ARG D 117 -5.56 -31.50 17.36
C ARG D 117 -6.40 -31.82 16.18
N HIS D 118 -7.72 -31.57 16.24
CA HIS D 118 -8.69 -31.92 15.21
C HIS D 118 -9.65 -30.76 14.87
N PHE D 119 -9.13 -29.55 14.77
CA PHE D 119 -9.98 -28.37 14.56
C PHE D 119 -10.83 -28.55 13.33
N GLY D 120 -12.14 -28.43 13.51
CA GLY D 120 -13.07 -28.46 12.40
C GLY D 120 -13.54 -29.84 12.00
N ALA D 121 -13.00 -30.89 12.60
CA ALA D 121 -13.58 -32.22 12.43
C ALA D 121 -14.95 -32.29 13.08
N GLU D 122 -15.71 -33.31 12.69
CA GLU D 122 -17.07 -33.49 13.19
C GLU D 122 -16.98 -34.29 14.47
N TYR D 123 -17.37 -33.64 15.57
CA TYR D 123 -17.28 -34.22 16.89
C TYR D 123 -18.47 -35.12 17.18
N ARG D 124 -18.18 -36.38 17.50
CA ARG D 124 -19.22 -37.36 17.84
C ARG D 124 -19.27 -37.54 19.36
N ASP D 125 -18.35 -38.30 19.95
CA ASP D 125 -18.23 -38.35 21.40
C ASP D 125 -16.76 -38.42 21.84
N MET D 126 -16.54 -38.36 23.14
CA MET D 126 -15.20 -38.31 23.71
C MET D 126 -14.34 -39.53 23.43
N GLU D 127 -14.96 -40.69 23.31
CA GLU D 127 -14.24 -41.95 23.08
C GLU D 127 -14.01 -42.26 21.61
N SER D 128 -14.56 -41.47 20.67
CA SER D 128 -14.48 -41.75 19.24
C SER D 128 -13.06 -41.63 18.66
N ASP D 129 -12.89 -42.16 17.47
CA ASP D 129 -11.64 -42.13 16.71
C ASP D 129 -11.69 -40.89 15.82
N TYR D 130 -10.65 -40.06 15.90
CA TYR D 130 -10.52 -38.87 15.04
C TYR D 130 -9.16 -38.82 14.30
N SER D 131 -8.48 -39.95 14.10
CA SER D 131 -7.17 -39.96 13.41
C SER D 131 -7.25 -39.35 11.99
N GLY D 132 -6.44 -38.30 11.78
CA GLY D 132 -6.37 -37.63 10.49
C GLY D 132 -7.51 -36.67 10.20
N GLN D 133 -8.51 -36.61 11.06
CA GLN D 133 -9.63 -35.72 10.88
C GLN D 133 -9.29 -34.35 11.42
N GLY D 134 -9.68 -33.31 10.68
CA GLY D 134 -9.44 -31.92 11.10
C GLY D 134 -8.01 -31.48 10.97
N VAL D 135 -7.74 -30.29 11.49
CA VAL D 135 -6.42 -29.68 11.47
C VAL D 135 -5.70 -29.92 12.81
N ASP D 136 -4.49 -30.46 12.75
CA ASP D 136 -3.65 -30.62 13.92
C ASP D 136 -2.84 -29.35 14.13
N GLN D 137 -3.42 -28.42 14.87
CA GLN D 137 -2.81 -27.13 15.08
C GLN D 137 -1.50 -27.24 15.84
N LEU D 138 -1.47 -28.11 16.86
CA LEU D 138 -0.28 -28.25 17.71
C LEU D 138 0.92 -28.70 16.89
N GLN D 139 0.73 -29.76 16.11
CA GLN D 139 1.79 -30.25 15.22
C GLN D 139 2.16 -29.18 14.17
N ARG D 140 1.18 -28.51 13.56
CA ARG D 140 1.47 -27.44 12.57
C ARG D 140 2.28 -26.30 13.14
N VAL D 141 1.99 -25.92 14.38
CA VAL D 141 2.81 -24.94 15.12
C VAL D 141 4.26 -25.40 15.18
N ILE D 142 4.45 -26.64 15.63
CA ILE D 142 5.77 -27.22 15.82
C ILE D 142 6.52 -27.30 14.48
N ASP D 143 5.85 -27.77 13.44
CA ASP D 143 6.48 -27.83 12.13
C ASP D 143 6.83 -26.46 11.56
N THR D 144 6.02 -25.45 11.83
CA THR D 144 6.32 -24.10 11.36
C THR D 144 7.48 -23.45 12.10
N ILE D 145 7.55 -23.64 13.41
CA ILE D 145 8.68 -23.12 14.18
C ILE D 145 10.01 -23.70 13.69
N LYS D 146 10.01 -24.98 13.35
CA LYS D 146 11.18 -25.63 12.77
C LYS D 146 11.56 -25.14 11.38
N THR D 147 10.61 -25.00 10.46
CA THR D 147 10.91 -24.69 9.03
C THR D 147 10.92 -23.20 8.67
N ASN D 148 10.17 -22.38 9.41
CA ASN D 148 10.01 -20.98 9.06
C ASN D 148 9.71 -20.17 10.32
N PRO D 149 10.72 -20.01 11.19
CA PRO D 149 10.53 -19.32 12.46
C PRO D 149 10.08 -17.84 12.40
N ASP D 150 10.38 -17.14 11.31
CA ASP D 150 10.03 -15.71 11.20
C ASP D 150 8.51 -15.48 10.97
N ASP D 151 7.83 -16.53 10.55
CA ASP D 151 6.39 -16.53 10.34
C ASP D 151 5.61 -15.88 11.49
N ARG D 152 4.65 -15.04 11.13
CA ARG D 152 3.78 -14.34 12.06
C ARG D 152 2.36 -14.93 12.15
N ARG D 153 2.21 -16.22 11.78
CA ARG D 153 0.94 -16.90 11.78
C ARG D 153 0.96 -18.18 12.66
N ILE D 154 1.93 -18.28 13.56
CA ILE D 154 2.11 -19.47 14.35
C ILE D 154 1.10 -19.36 15.48
N ILE D 155 -0.09 -19.89 15.23
CA ILE D 155 -1.27 -19.70 16.08
C ILE D 155 -1.98 -20.99 16.32
N MET D 156 -2.46 -21.13 17.55
CA MET D 156 -3.34 -22.21 17.94
C MET D 156 -4.62 -21.53 18.47
N CYS D 157 -5.78 -21.97 18.00
CA CYS D 157 -7.06 -21.34 18.34
C CYS D 157 -8.02 -22.39 18.86
N ALA D 158 -8.54 -22.20 20.07
CA ALA D 158 -9.55 -23.09 20.64
C ALA D 158 -10.96 -22.55 20.48
N TRP D 159 -11.09 -21.30 20.03
CA TRP D 159 -12.38 -20.67 19.84
C TRP D 159 -12.90 -21.10 18.48
N ASN D 160 -13.91 -21.96 18.49
CA ASN D 160 -14.56 -22.46 17.28
C ASN D 160 -16.05 -22.17 17.43
N PRO D 161 -16.54 -21.09 16.80
CA PRO D 161 -17.95 -20.73 16.92
C PRO D 161 -18.93 -21.83 16.51
N ARG D 162 -18.53 -22.65 15.54
CA ARG D 162 -19.41 -23.71 15.05
C ARG D 162 -19.64 -24.77 16.11
N ASP D 163 -18.62 -25.04 16.92
CA ASP D 163 -18.67 -26.08 17.96
C ASP D 163 -19.10 -25.57 19.34
N LEU D 164 -19.13 -24.24 19.55
CA LEU D 164 -19.54 -23.68 20.86
C LEU D 164 -20.75 -24.36 21.49
N PRO D 165 -21.88 -24.44 20.75
CA PRO D 165 -23.12 -25.02 21.35
C PRO D 165 -22.92 -26.41 21.97
N LEU D 166 -21.97 -27.18 21.43
CA LEU D 166 -21.65 -28.52 21.91
C LEU D 166 -20.70 -28.61 23.13
N MET D 167 -20.07 -27.54 23.55
CA MET D 167 -19.13 -27.59 24.65
C MET D 167 -19.73 -27.37 26.01
N ALA D 168 -19.18 -28.01 27.01
CA ALA D 168 -19.66 -27.87 28.39
C ALA D 168 -19.31 -26.50 28.94
N LEU D 169 -18.14 -26.03 28.58
CA LEU D 169 -17.67 -24.74 28.97
C LEU D 169 -17.00 -24.13 27.78
N PRO D 170 -17.35 -22.92 27.41
CA PRO D 170 -16.61 -22.27 26.31
C PRO D 170 -15.21 -21.82 26.78
N PRO D 171 -14.19 -21.96 25.92
CA PRO D 171 -12.81 -21.74 26.35
C PRO D 171 -12.49 -20.33 26.84
N CYS D 172 -11.71 -20.25 27.93
CA CYS D 172 -11.08 -19.05 28.39
C CYS D 172 -9.90 -18.66 27.53
N HIS D 173 -9.10 -19.65 27.13
CA HIS D 173 -7.89 -19.41 26.35
C HIS D 173 -8.25 -19.51 24.89
N ALA D 174 -8.80 -18.42 24.38
CA ALA D 174 -9.31 -18.39 23.03
C ALA D 174 -8.19 -18.74 22.04
N LEU D 175 -7.01 -18.14 22.21
CA LEU D 175 -5.91 -18.46 21.35
C LEU D 175 -4.56 -18.12 21.95
N CYS D 176 -3.54 -18.71 21.33
CA CYS D 176 -2.18 -18.37 21.65
C CYS D 176 -1.36 -18.28 20.39
N GLN D 177 -0.34 -17.44 20.44
CA GLN D 177 0.54 -17.18 19.32
C GLN D 177 1.96 -17.40 19.77
N PHE D 178 2.77 -17.94 18.88
CA PHE D 178 4.21 -18.09 19.12
C PHE D 178 5.01 -17.20 18.20
N TYR D 179 6.25 -16.97 18.59
CA TYR D 179 7.12 -15.99 17.97
C TYR D 179 8.54 -16.43 18.24
N VAL D 180 9.40 -16.30 17.24
CA VAL D 180 10.77 -16.78 17.34
C VAL D 180 11.69 -15.71 16.84
N VAL D 181 12.67 -15.35 17.67
CA VAL D 181 13.73 -14.47 17.25
C VAL D 181 14.98 -14.74 18.08
N ASN D 182 16.13 -14.74 17.42
CA ASN D 182 17.43 -15.07 18.06
C ASN D 182 17.40 -16.36 18.88
N SER D 183 16.82 -17.41 18.30
CA SER D 183 16.68 -18.71 18.95
C SER D 183 15.88 -18.74 20.28
N GLU D 184 15.01 -17.74 20.51
CA GLU D 184 14.16 -17.70 21.69
C GLU D 184 12.68 -17.84 21.31
N LEU D 185 12.01 -18.83 21.89
CA LEU D 185 10.59 -19.05 21.65
C LEU D 185 9.78 -18.28 22.67
N SER D 186 8.88 -17.42 22.19
CA SER D 186 7.92 -16.75 23.07
C SER D 186 6.48 -17.11 22.75
N CYS D 187 5.59 -16.85 23.72
CA CYS D 187 4.19 -17.19 23.60
C CYS D 187 3.32 -16.08 24.12
N GLN D 188 2.29 -15.71 23.38
CA GLN D 188 1.26 -14.83 23.91
C GLN D 188 -0.06 -15.56 23.97
N LEU D 189 -0.79 -15.35 25.06
CA LEU D 189 -2.08 -15.97 25.29
C LEU D 189 -3.15 -14.90 25.33
N TYR D 190 -4.20 -15.03 24.52
CA TYR D 190 -5.40 -14.20 24.71
C TYR D 190 -6.39 -14.98 25.55
N GLN D 191 -6.57 -14.54 26.79
CA GLN D 191 -7.49 -15.14 27.72
C GLN D 191 -8.67 -14.22 27.85
N ARG D 192 -9.83 -14.65 27.37
CA ARG D 192 -11.02 -13.76 27.34
C ARG D 192 -11.50 -13.34 28.72
N SER D 193 -11.26 -14.18 29.72
CA SER D 193 -11.83 -14.00 31.05
C SER D 193 -10.93 -14.71 32.04
N GLY D 194 -10.56 -13.99 33.09
CA GLY D 194 -9.55 -14.46 34.03
C GLY D 194 -9.93 -14.11 35.45
N ASP D 195 -10.04 -15.13 36.28
CA ASP D 195 -10.28 -15.01 37.72
C ASP D 195 -8.91 -14.89 38.35
N MET D 196 -8.55 -13.68 38.77
CA MET D 196 -7.19 -13.42 39.22
C MET D 196 -6.83 -14.22 40.49
N GLY D 197 -7.83 -14.51 41.32
CA GLY D 197 -7.64 -15.26 42.55
C GLY D 197 -7.23 -16.72 42.38
N LEU D 198 -7.91 -17.43 41.47
CA LEU D 198 -7.76 -18.87 41.32
C LEU D 198 -7.08 -19.27 40.02
N GLY D 199 -7.75 -19.03 38.89
CA GLY D 199 -7.34 -19.56 37.60
C GLY D 199 -6.08 -18.95 37.02
N VAL D 200 -5.94 -17.64 37.12
CA VAL D 200 -4.91 -16.95 36.35
C VAL D 200 -3.49 -17.47 36.61
N PRO D 201 -3.10 -17.62 37.89
CA PRO D 201 -1.77 -18.20 38.17
C PRO D 201 -1.58 -19.61 37.58
N PHE D 202 -2.62 -20.45 37.68
CA PHE D 202 -2.66 -21.75 37.02
C PHE D 202 -2.47 -21.58 35.49
N ASN D 203 -3.20 -20.64 34.90
CA ASN D 203 -3.16 -20.44 33.46
C ASN D 203 -1.79 -19.95 32.98
N ILE D 204 -1.20 -19.05 33.74
CA ILE D 204 0.15 -18.59 33.43
C ILE D 204 1.11 -19.78 33.37
N ALA D 205 1.04 -20.65 34.36
CA ALA D 205 1.88 -21.83 34.43
C ALA D 205 1.66 -22.84 33.29
N SER D 206 0.40 -23.00 32.85
CA SER D 206 0.06 -23.91 31.74
C SER D 206 0.79 -23.54 30.46
N TYR D 207 0.72 -22.26 30.08
CA TYR D 207 1.28 -21.81 28.82
C TYR D 207 2.78 -21.59 28.90
N ALA D 208 3.25 -21.25 30.09
CA ALA D 208 4.69 -21.22 30.34
C ALA D 208 5.27 -22.60 30.09
N LEU D 209 4.59 -23.63 30.62
CA LEU D 209 4.98 -25.02 30.44
C LEU D 209 4.92 -25.46 28.97
N LEU D 210 3.81 -25.13 28.30
CA LEU D 210 3.69 -25.39 26.86
C LEU D 210 4.89 -24.83 26.09
N THR D 211 5.29 -23.62 26.44
CA THR D 211 6.33 -22.95 25.72
C THR D 211 7.64 -23.69 25.96
N TYR D 212 7.91 -24.09 27.21
CA TYR D 212 9.09 -24.93 27.55
C TYR D 212 9.10 -26.24 26.77
N MET D 213 7.96 -26.91 26.69
CA MET D 213 7.82 -28.15 25.92
C MET D 213 8.20 -27.92 24.44
N ILE D 214 7.56 -26.96 23.80
CA ILE D 214 7.79 -26.73 22.36
C ILE D 214 9.21 -26.21 22.09
N ALA D 215 9.72 -25.36 22.95
CA ALA D 215 11.11 -24.91 22.85
C ALA D 215 12.07 -26.09 22.83
N HIS D 216 11.84 -27.05 23.72
CA HIS D 216 12.65 -28.26 23.84
C HIS D 216 12.63 -29.09 22.57
N ILE D 217 11.42 -29.39 22.08
CA ILE D 217 11.19 -30.11 20.81
C ILE D 217 11.90 -29.43 19.63
N THR D 218 11.85 -28.10 19.59
CA THR D 218 12.36 -27.36 18.45
C THR D 218 13.82 -26.94 18.56
N GLY D 219 14.46 -27.23 19.70
CA GLY D 219 15.85 -26.83 19.96
C GLY D 219 16.09 -25.35 20.25
N LEU D 220 15.13 -24.68 20.89
CA LEU D 220 15.20 -23.24 21.15
C LEU D 220 15.21 -22.96 22.64
N LYS D 221 15.63 -21.76 23.04
CA LYS D 221 15.62 -21.37 24.45
C LYS D 221 14.28 -20.68 24.73
N PRO D 222 13.62 -20.99 25.85
CA PRO D 222 12.40 -20.25 26.18
C PRO D 222 12.67 -18.77 26.32
N GLY D 223 11.74 -17.94 25.86
CA GLY D 223 11.89 -16.46 25.81
C GLY D 223 10.97 -15.75 26.82
N ASP D 224 9.97 -15.01 26.32
CA ASP D 224 8.91 -14.42 27.17
C ASP D 224 7.58 -15.19 27.07
N PHE D 225 6.73 -15.07 28.08
CA PHE D 225 5.33 -15.45 27.97
C PHE D 225 4.51 -14.18 28.21
N ILE D 226 3.70 -13.80 27.23
CA ILE D 226 2.86 -12.63 27.37
C ILE D 226 1.45 -13.07 27.66
N HIS D 227 0.91 -12.53 28.73
CA HIS D 227 -0.42 -12.87 29.16
C HIS D 227 -1.32 -11.68 28.96
N THR D 228 -2.27 -11.81 28.03
CA THR D 228 -3.19 -10.75 27.69
C THR D 228 -4.57 -11.15 28.17
N LEU D 229 -5.27 -10.26 28.86
CA LEU D 229 -6.57 -10.56 29.42
C LEU D 229 -7.65 -9.69 28.81
N GLY D 230 -8.84 -10.28 28.65
CA GLY D 230 -10.05 -9.56 28.38
C GLY D 230 -10.63 -9.06 29.69
N ASP D 231 -11.64 -9.76 30.21
CA ASP D 231 -12.25 -9.43 31.50
C ASP D 231 -11.38 -9.96 32.62
N ALA D 232 -10.46 -9.14 33.13
CA ALA D 232 -9.67 -9.45 34.31
C ALA D 232 -10.44 -9.06 35.55
N HIS D 233 -10.73 -10.02 36.43
CA HIS D 233 -11.58 -9.74 37.59
C HIS D 233 -11.22 -10.48 38.88
N ILE D 234 -11.63 -9.86 39.99
CA ILE D 234 -11.59 -10.45 41.32
C ILE D 234 -13.03 -10.58 41.78
N TYR D 235 -13.41 -11.77 42.25
CA TYR D 235 -14.73 -12.00 42.89
C TYR D 235 -14.78 -11.29 44.25
N LEU D 236 -15.94 -10.76 44.63
CA LEU D 236 -16.02 -9.91 45.83
C LEU D 236 -15.60 -10.62 47.11
N ASN D 237 -15.99 -11.87 47.23
CA ASN D 237 -15.57 -12.69 48.37
C ASN D 237 -14.07 -13.11 48.35
N HIS D 238 -13.33 -12.82 47.29
CA HIS D 238 -11.86 -13.00 47.27
C HIS D 238 -11.08 -11.74 47.64
N ILE D 239 -11.72 -10.59 47.82
CA ILE D 239 -10.97 -9.34 48.06
C ILE D 239 -10.07 -9.44 49.31
N GLU D 240 -10.66 -9.84 50.44
CA GLU D 240 -9.91 -9.88 51.71
C GLU D 240 -8.72 -10.84 51.62
N PRO D 241 -8.92 -12.10 51.20
CA PRO D 241 -7.76 -13.00 51.03
C PRO D 241 -6.67 -12.50 50.07
N LEU D 242 -7.05 -11.81 48.97
CA LEU D 242 -6.07 -11.27 48.03
C LEU D 242 -5.25 -10.10 48.59
N LYS D 243 -5.89 -9.25 49.40
CA LYS D 243 -5.17 -8.19 50.11
C LYS D 243 -4.09 -8.73 51.06
N ILE D 244 -4.39 -9.87 51.70
CA ILE D 244 -3.43 -10.58 52.53
C ILE D 244 -2.24 -11.03 51.65
N GLN D 245 -2.56 -11.59 50.49
CA GLN D 245 -1.54 -12.07 49.57
C GLN D 245 -0.61 -10.94 49.10
N LEU D 246 -1.15 -9.75 48.84
CA LEU D 246 -0.36 -8.59 48.45
C LEU D 246 0.66 -8.13 49.49
N GLN D 247 0.42 -8.44 50.77
CA GLN D 247 1.38 -8.15 51.80
C GLN D 247 2.69 -8.95 51.67
N ARG D 248 2.65 -10.13 51.04
CA ARG D 248 3.76 -11.05 51.09
C ARG D 248 4.81 -10.73 50.04
N GLU D 249 6.07 -10.73 50.44
CA GLU D 249 7.15 -10.39 49.54
C GLU D 249 7.45 -11.62 48.71
N PRO D 250 7.49 -11.47 47.37
CA PRO D 250 7.67 -12.66 46.50
C PRO D 250 9.04 -13.23 46.66
N ARG D 251 9.15 -14.53 46.45
CA ARG D 251 10.43 -15.21 46.50
C ARG D 251 10.79 -15.52 45.08
N PRO D 252 12.09 -15.74 44.81
CA PRO D 252 12.48 -15.98 43.42
C PRO D 252 11.75 -17.18 42.81
N PHE D 253 11.54 -17.11 41.50
CA PHE D 253 10.87 -18.17 40.78
C PHE D 253 11.72 -19.45 40.81
N PRO D 254 11.06 -20.61 40.71
CA PRO D 254 11.79 -21.85 40.57
C PRO D 254 12.28 -22.05 39.14
N LYS D 255 13.00 -23.14 38.94
CA LYS D 255 13.47 -23.52 37.63
C LYS D 255 12.70 -24.76 37.21
N LEU D 256 12.59 -24.96 35.91
CA LEU D 256 12.02 -26.16 35.36
C LEU D 256 13.10 -26.94 34.61
N ARG D 257 13.41 -28.15 35.09
CA ARG D 257 14.34 -29.03 34.41
C ARG D 257 13.49 -30.06 33.66
N ILE D 258 13.89 -30.35 32.42
CA ILE D 258 13.33 -31.45 31.64
C ILE D 258 14.34 -32.60 31.64
N LEU D 259 13.97 -33.75 32.19
CA LEU D 259 14.93 -34.79 32.56
C LEU D 259 15.38 -35.77 31.46
N ARG D 260 14.96 -35.57 30.21
CA ARG D 260 15.45 -36.37 29.10
C ARG D 260 15.19 -35.70 27.73
N LYS D 261 15.82 -36.22 26.68
CA LYS D 261 15.66 -35.72 25.33
C LYS D 261 14.39 -36.37 24.73
N VAL D 262 13.38 -35.56 24.42
CA VAL D 262 12.09 -35.99 23.86
C VAL D 262 11.97 -35.43 22.43
N GLU D 263 11.66 -36.28 21.46
CA GLU D 263 11.70 -35.89 20.04
C GLU D 263 10.36 -35.34 19.54
N LYS D 264 9.24 -35.88 20.05
CA LYS D 264 7.89 -35.47 19.66
C LYS D 264 7.06 -35.05 20.88
N ILE D 265 6.18 -34.07 20.70
CA ILE D 265 5.32 -33.55 21.77
C ILE D 265 4.42 -34.62 22.42
N ASP D 266 3.98 -35.61 21.66
CA ASP D 266 3.12 -36.70 22.16
C ASP D 266 3.84 -37.60 23.19
N ASP D 267 5.19 -37.60 23.18
CA ASP D 267 6.04 -38.46 24.02
C ASP D 267 6.31 -37.89 25.45
N PHE D 268 6.06 -36.61 25.70
CA PHE D 268 6.23 -36.08 27.04
C PHE D 268 5.34 -36.79 28.05
N LYS D 269 5.90 -37.17 29.18
CA LYS D 269 5.18 -37.77 30.31
C LYS D 269 5.45 -36.94 31.57
N ALA D 270 4.59 -37.03 32.59
CA ALA D 270 4.76 -36.23 33.83
C ALA D 270 6.12 -36.41 34.53
N GLU D 271 6.68 -37.61 34.38
CA GLU D 271 7.95 -37.99 35.01
C GLU D 271 9.14 -37.24 34.41
N ASP D 272 8.98 -36.75 33.19
CA ASP D 272 10.01 -35.97 32.50
C ASP D 272 10.28 -34.58 33.08
N PHE D 273 9.40 -34.07 33.94
CA PHE D 273 9.50 -32.68 34.46
C PHE D 273 9.80 -32.66 35.96
N GLN D 274 10.56 -31.66 36.37
CA GLN D 274 10.98 -31.46 37.76
C GLN D 274 11.10 -29.95 38.06
N ILE D 275 10.34 -29.50 39.02
CA ILE D 275 10.36 -28.16 39.54
C ILE D 275 11.43 -28.10 40.64
N GLU D 276 12.37 -27.17 40.49
CA GLU D 276 13.57 -27.08 41.33
C GLU D 276 13.52 -25.75 42.10
N GLY D 277 13.39 -25.79 43.42
CA GLY D 277 13.49 -24.58 44.24
C GLY D 277 12.20 -23.77 44.41
N TYR D 278 11.06 -24.45 44.42
CA TYR D 278 9.77 -23.78 44.54
C TYR D 278 9.45 -23.61 46.02
N ASN D 279 9.45 -22.37 46.50
CA ASN D 279 9.28 -22.04 47.91
C ASN D 279 8.13 -21.07 48.07
N PRO D 280 6.89 -21.54 47.87
CA PRO D 280 5.74 -20.67 48.01
C PRO D 280 5.35 -20.39 49.45
N HIS D 281 4.70 -19.25 49.67
CA HIS D 281 4.12 -18.92 50.96
C HIS D 281 2.96 -19.86 51.27
N PRO D 282 2.65 -20.06 52.57
CA PRO D 282 1.51 -20.93 52.94
C PRO D 282 0.15 -20.41 52.46
N THR D 283 -0.72 -21.25 51.89
CA THR D 283 -2.02 -20.74 51.36
C THR D 283 -3.04 -20.38 52.46
N PRO E 3 -10.88 56.77 26.55
CA PRO E 3 -11.18 56.22 25.22
C PRO E 3 -12.66 55.99 25.10
N PRO E 4 -13.29 56.63 24.13
CA PRO E 4 -14.73 56.59 23.85
C PRO E 4 -15.59 55.49 24.48
N HIS E 5 -16.45 55.96 25.38
CA HIS E 5 -17.35 55.12 26.16
C HIS E 5 -18.67 54.71 25.51
N GLY E 6 -18.68 53.57 24.88
CA GLY E 6 -19.89 53.05 24.30
C GLY E 6 -20.59 53.95 23.35
N GLU E 7 -21.57 54.72 23.81
CA GLU E 7 -22.35 55.61 22.95
C GLU E 7 -21.62 56.77 22.37
N LEU E 8 -20.51 57.13 22.96
CA LEU E 8 -19.66 58.19 22.50
C LEU E 8 -18.91 57.82 21.25
N GLN E 9 -18.74 56.55 20.99
CA GLN E 9 -18.14 56.09 19.81
C GLN E 9 -19.04 56.50 18.65
N TYR E 10 -20.34 56.28 18.77
CA TYR E 10 -21.24 56.65 17.73
C TYR E 10 -21.24 58.15 17.53
N LEU E 11 -21.30 58.88 18.61
CA LEU E 11 -21.30 60.31 18.54
C LEU E 11 -20.04 60.80 17.92
N GLY E 12 -18.95 60.17 18.27
CA GLY E 12 -17.65 60.41 17.64
C GLY E 12 -17.72 60.26 16.13
N GLN E 13 -18.34 59.19 15.66
CA GLN E 13 -18.54 58.98 14.22
C GLN E 13 -19.33 60.12 13.56
N ILE E 14 -20.36 60.62 14.23
CA ILE E 14 -21.14 61.75 13.72
C ILE E 14 -20.23 62.98 13.56
N GLN E 15 -19.47 63.30 14.60
CA GLN E 15 -18.60 64.46 14.57
C GLN E 15 -17.56 64.35 13.47
N HIS E 16 -16.96 63.16 13.35
CA HIS E 16 -16.00 62.90 12.29
C HIS E 16 -16.58 63.12 10.89
N ILE E 17 -17.84 62.76 10.66
CA ILE E 17 -18.45 62.94 9.34
C ILE E 17 -18.76 64.43 9.08
N LEU E 18 -19.11 65.17 10.13
CA LEU E 18 -19.38 66.60 9.99
C LEU E 18 -18.11 67.39 9.71
N ARG E 19 -17.02 67.07 10.39
CA ARG E 19 -15.73 67.76 10.22
C ARG E 19 -14.93 67.30 9.00
N CYS E 20 -14.92 65.99 8.71
CA CYS E 20 -14.09 65.42 7.64
C CYS E 20 -14.85 64.86 6.45
N GLY E 21 -16.18 64.84 6.48
CA GLY E 21 -16.98 64.28 5.39
C GLY E 21 -16.90 65.06 4.09
N VAL E 22 -17.32 64.43 3.00
CA VAL E 22 -17.29 64.99 1.66
C VAL E 22 -18.70 65.02 1.07
N ARG E 23 -19.01 66.04 0.27
CA ARG E 23 -20.31 66.20 -0.39
C ARG E 23 -20.42 65.11 -1.47
N LYS E 24 -21.55 64.42 -1.49
CA LYS E 24 -21.73 63.26 -2.34
C LYS E 24 -23.19 63.08 -2.60
N ASP E 25 -23.58 62.84 -3.84
CA ASP E 25 -24.98 62.61 -4.21
C ASP E 25 -25.38 61.15 -4.00
N ASP E 26 -26.66 60.87 -4.15
CA ASP E 26 -27.20 59.52 -4.05
C ASP E 26 -28.33 59.34 -5.04
N ARG E 27 -29.01 58.18 -5.00
CA ARG E 27 -30.20 57.95 -5.83
C ARG E 27 -31.28 59.01 -5.58
N THR E 28 -31.49 59.39 -4.31
CA THR E 28 -32.63 60.25 -3.96
C THR E 28 -32.45 61.77 -4.22
N GLY E 29 -31.31 62.19 -4.78
CA GLY E 29 -31.08 63.60 -5.14
C GLY E 29 -30.83 64.53 -3.95
N THR E 30 -30.86 63.99 -2.73
CA THR E 30 -30.83 64.81 -1.54
C THR E 30 -29.42 65.33 -1.26
N GLY E 31 -28.43 64.46 -1.45
CA GLY E 31 -27.08 64.81 -1.08
C GLY E 31 -26.71 64.41 0.34
N THR E 32 -25.43 64.17 0.57
CA THR E 32 -24.94 63.70 1.84
C THR E 32 -23.55 64.22 2.11
N LEU E 33 -23.20 64.30 3.40
CA LEU E 33 -21.82 64.28 3.84
C LEU E 33 -21.46 62.83 4.11
N SER E 34 -20.35 62.38 3.53
CA SER E 34 -20.03 60.94 3.49
C SER E 34 -18.57 60.66 3.87
N VAL E 35 -18.34 59.62 4.67
CA VAL E 35 -17.02 59.03 4.87
C VAL E 35 -17.06 57.54 4.57
N PHE E 36 -16.04 57.03 3.87
CA PHE E 36 -15.93 55.62 3.55
C PHE E 36 -14.98 54.87 4.50
N GLY E 37 -15.50 53.87 5.21
CA GLY E 37 -14.71 53.07 6.14
C GLY E 37 -14.70 53.67 7.54
N MET E 38 -15.58 53.16 8.40
CA MET E 38 -15.55 53.43 9.81
C MET E 38 -15.77 52.13 10.56
N GLN E 39 -15.40 52.13 11.84
CA GLN E 39 -15.58 50.99 12.72
C GLN E 39 -15.79 51.48 14.14
N ALA E 40 -16.74 50.87 14.83
CA ALA E 40 -16.99 51.17 16.24
C ALA E 40 -17.21 49.87 16.99
N ARG E 41 -16.89 49.88 18.28
CA ARG E 41 -16.99 48.71 19.16
C ARG E 41 -17.94 49.07 20.33
N TYR E 42 -18.88 48.18 20.60
CA TYR E 42 -19.86 48.36 21.65
C TYR E 42 -19.89 47.20 22.62
N SER E 43 -19.48 47.40 23.87
CA SER E 43 -19.52 46.32 24.83
C SER E 43 -20.97 45.90 25.07
N LEU E 44 -21.22 44.60 25.05
CA LEU E 44 -22.50 44.04 25.42
C LEU E 44 -22.47 43.41 26.81
N ARG E 45 -21.40 43.61 27.58
CA ARG E 45 -21.25 43.01 28.91
C ARG E 45 -22.05 43.77 29.94
N ASP E 46 -23.13 43.15 30.41
CA ASP E 46 -24.08 43.74 31.36
C ASP E 46 -24.69 45.08 30.90
N GLU E 47 -24.79 45.32 29.59
CA GLU E 47 -25.50 46.45 29.04
C GLU E 47 -25.93 46.18 27.60
N PHE E 48 -26.90 46.92 27.11
CA PHE E 48 -27.42 46.74 25.78
C PHE E 48 -27.38 48.08 25.03
N PRO E 49 -26.71 48.15 23.87
CA PRO E 49 -26.46 49.40 23.17
C PRO E 49 -27.65 49.98 22.38
N LEU E 50 -28.66 50.41 23.12
CA LEU E 50 -29.83 51.07 22.57
C LEU E 50 -29.60 52.54 22.84
N LEU E 51 -29.29 53.33 21.84
CA LEU E 51 -28.92 54.73 22.06
C LEU E 51 -29.85 55.56 22.87
N THR E 52 -29.27 56.48 23.64
CA THR E 52 -30.05 57.31 24.51
C THR E 52 -30.14 58.74 24.12
N THR E 53 -29.32 59.20 23.21
CA THR E 53 -29.34 60.58 22.79
C THR E 53 -30.58 60.88 21.99
N LYS E 54 -31.06 59.89 21.25
CA LYS E 54 -32.32 59.98 20.53
C LYS E 54 -33.00 58.64 20.67
N ARG E 55 -34.31 58.61 20.90
CA ARG E 55 -35.03 57.36 21.05
C ARG E 55 -34.94 56.45 19.83
N VAL E 56 -34.65 55.19 20.09
CA VAL E 56 -34.62 54.16 19.06
C VAL E 56 -35.91 53.36 19.13
N PHE E 57 -36.44 53.00 17.98
CA PHE E 57 -37.72 52.29 17.86
C PHE E 57 -37.54 50.82 18.22
N TRP E 58 -37.44 50.54 19.52
CA TRP E 58 -37.20 49.19 20.02
C TRP E 58 -38.17 48.13 19.50
N LYS E 59 -39.45 48.42 19.55
CA LYS E 59 -40.47 47.46 19.13
C LYS E 59 -40.20 47.00 17.70
N GLY E 60 -39.85 47.94 16.84
CA GLY E 60 -39.49 47.63 15.45
C GLY E 60 -38.22 46.79 15.30
N VAL E 61 -37.20 47.06 16.12
CA VAL E 61 -35.98 46.27 16.14
C VAL E 61 -36.30 44.82 16.42
N LEU E 62 -37.08 44.59 17.48
CA LEU E 62 -37.40 43.25 17.97
C LEU E 62 -38.26 42.46 16.98
N GLU E 63 -39.35 43.07 16.52
CA GLU E 63 -40.25 42.39 15.58
C GLU E 63 -39.59 42.13 14.22
N GLU E 64 -38.78 43.07 13.74
CA GLU E 64 -38.03 42.89 12.51
C GLU E 64 -37.06 41.72 12.59
N LEU E 65 -36.37 41.61 13.72
CA LEU E 65 -35.46 40.47 13.91
C LEU E 65 -36.21 39.13 13.97
N LEU E 66 -37.32 39.06 14.73
CA LEU E 66 -38.14 37.85 14.79
C LEU E 66 -38.68 37.44 13.42
N TRP E 67 -38.96 38.45 12.61
CA TRP E 67 -39.44 38.28 11.23
C TRP E 67 -38.34 37.74 10.30
N PHE E 68 -37.12 38.28 10.43
CA PHE E 68 -35.94 37.70 9.76
C PHE E 68 -35.73 36.23 10.14
N ILE E 69 -35.82 35.94 11.43
CA ILE E 69 -35.61 34.60 11.93
C ILE E 69 -36.62 33.58 11.38
N LYS E 70 -37.88 33.97 11.23
CA LYS E 70 -38.91 33.08 10.63
C LYS E 70 -38.65 32.77 9.15
N GLY E 71 -37.78 33.54 8.50
CA GLY E 71 -37.51 33.40 7.08
C GLY E 71 -38.44 34.18 6.22
N SER E 72 -39.14 35.16 6.79
CA SER E 72 -40.18 35.85 6.08
C SER E 72 -39.62 36.96 5.21
N THR E 73 -40.26 37.18 4.08
CA THR E 73 -39.94 38.23 3.15
C THR E 73 -41.21 38.94 2.78
N ASN E 74 -42.22 38.79 3.62
CA ASN E 74 -43.53 39.38 3.42
C ASN E 74 -43.68 40.65 4.24
N ALA E 75 -43.57 41.81 3.59
CA ALA E 75 -43.65 43.08 4.29
C ALA E 75 -44.96 43.27 5.02
N LYS E 76 -46.06 42.74 4.46
CA LYS E 76 -47.38 42.79 5.10
C LYS E 76 -47.39 42.08 6.46
N GLU E 77 -46.66 40.98 6.59
CA GLU E 77 -46.52 40.27 7.87
C GLU E 77 -45.90 41.17 8.95
N LEU E 78 -44.75 41.79 8.63
CA LEU E 78 -44.10 42.76 9.54
C LEU E 78 -45.00 43.94 9.86
N SER E 79 -45.74 44.41 8.86
CA SER E 79 -46.63 45.56 9.01
C SER E 79 -47.79 45.29 9.96
N SER E 80 -48.33 44.08 9.87
CA SER E 80 -49.38 43.61 10.76
C SER E 80 -48.96 43.78 12.22
N LYS E 81 -47.66 43.70 12.51
CA LYS E 81 -47.15 43.93 13.86
C LYS E 81 -46.88 45.41 14.20
N GLY E 82 -47.45 46.37 13.46
CA GLY E 82 -47.25 47.79 13.75
C GLY E 82 -45.87 48.36 13.39
N VAL E 83 -45.16 47.67 12.51
CA VAL E 83 -43.82 48.00 12.07
C VAL E 83 -43.84 48.20 10.57
N LYS E 84 -43.88 49.46 10.15
CA LYS E 84 -44.17 49.84 8.76
C LYS E 84 -42.90 50.05 7.94
N ILE E 85 -41.74 49.76 8.52
CA ILE E 85 -40.44 50.11 7.95
C ILE E 85 -40.13 49.55 6.55
N TRP E 86 -40.71 48.42 6.17
CA TRP E 86 -40.50 47.83 4.84
C TRP E 86 -41.71 48.01 3.87
N ASP E 87 -42.72 48.79 4.25
CA ASP E 87 -43.95 48.83 3.47
C ASP E 87 -43.86 49.51 2.11
N ALA E 88 -43.17 50.64 2.05
CA ALA E 88 -42.98 51.37 0.79
C ALA E 88 -42.26 50.48 -0.26
N ASN E 89 -41.40 49.60 0.19
CA ASN E 89 -40.67 48.74 -0.71
C ASN E 89 -41.49 47.60 -1.20
N GLY E 90 -42.46 47.20 -0.42
CA GLY E 90 -43.37 46.15 -0.80
C GLY E 90 -44.64 46.58 -1.56
N SER E 91 -44.84 47.88 -1.75
CA SER E 91 -46.08 48.40 -2.34
C SER E 91 -46.20 48.06 -3.83
N ARG E 92 -47.43 47.99 -4.32
CA ARG E 92 -47.73 47.71 -5.74
C ARG E 92 -46.95 48.68 -6.65
N ASP E 93 -46.89 49.96 -6.27
CA ASP E 93 -46.15 50.95 -7.09
C ASP E 93 -44.65 50.65 -7.20
N PHE E 94 -43.98 50.51 -6.06
CA PHE E 94 -42.54 50.30 -6.04
C PHE E 94 -42.11 48.97 -6.70
N LEU E 95 -42.91 47.93 -6.52
CA LEU E 95 -42.66 46.66 -7.18
C LEU E 95 -42.76 46.76 -8.70
N ASP E 96 -43.83 47.41 -9.18
CA ASP E 96 -43.99 47.68 -10.63
C ASP E 96 -42.84 48.51 -11.23
N SER E 97 -42.30 49.46 -10.47
CA SER E 97 -41.15 50.25 -10.90
C SER E 97 -39.84 49.47 -11.04
N LEU E 98 -39.76 48.28 -10.43
CA LEU E 98 -38.66 47.34 -10.66
C LEU E 98 -39.01 46.22 -11.66
N GLY E 99 -40.17 46.30 -12.29
CA GLY E 99 -40.61 45.32 -13.28
C GLY E 99 -41.11 44.02 -12.70
N PHE E 100 -41.67 44.05 -11.49
CA PHE E 100 -42.29 42.87 -10.88
C PHE E 100 -43.81 43.00 -10.94
N SER E 101 -44.35 43.06 -12.17
CA SER E 101 -45.80 43.25 -12.38
C SER E 101 -46.67 42.11 -11.83
N THR E 102 -46.17 40.87 -11.90
CA THR E 102 -46.94 39.69 -11.51
C THR E 102 -46.71 39.25 -10.08
N ARG E 103 -45.92 40.02 -9.33
CA ARG E 103 -45.63 39.69 -7.94
C ARG E 103 -46.68 40.28 -7.01
N GLU E 104 -47.03 39.56 -5.96
CA GLU E 104 -48.07 40.04 -5.03
C GLU E 104 -47.55 41.21 -4.18
N GLU E 105 -48.44 42.09 -3.75
CA GLU E 105 -48.11 43.19 -2.82
C GLU E 105 -47.59 42.71 -1.46
N GLY E 106 -46.46 43.30 -1.03
CA GLY E 106 -45.73 42.89 0.20
C GLY E 106 -44.50 42.02 -0.10
N ASP E 107 -44.45 41.42 -1.29
CA ASP E 107 -43.40 40.48 -1.60
C ASP E 107 -42.10 41.20 -1.96
N LEU E 108 -41.19 41.26 -1.03
CA LEU E 108 -39.94 41.96 -1.22
C LEU E 108 -38.91 41.19 -1.99
N GLY E 109 -39.16 39.92 -2.19
CA GLY E 109 -38.21 39.09 -2.88
C GLY E 109 -37.35 38.36 -1.91
N PRO E 110 -36.31 37.74 -2.40
CA PRO E 110 -35.42 36.96 -1.56
C PRO E 110 -34.44 37.78 -0.72
N VAL E 111 -34.96 38.52 0.24
CA VAL E 111 -34.19 39.35 1.12
C VAL E 111 -33.73 38.61 2.37
N TYR E 112 -33.34 39.34 3.39
CA TYR E 112 -32.78 38.81 4.63
C TYR E 112 -33.27 37.50 5.16
N GLY E 113 -34.56 37.37 5.35
CA GLY E 113 -35.11 36.16 5.88
C GLY E 113 -34.82 34.97 5.01
N PHE E 114 -34.99 35.13 3.72
CA PHE E 114 -34.76 34.06 2.80
C PHE E 114 -33.33 33.67 2.80
N GLN E 115 -32.44 34.63 2.74
CA GLN E 115 -31.02 34.35 2.71
C GLN E 115 -30.47 33.72 3.94
N TRP E 116 -30.95 34.12 5.10
CA TRP E 116 -30.49 33.54 6.36
C TRP E 116 -30.88 32.07 6.50
N ARG E 117 -32.06 31.74 5.99
CA ARG E 117 -32.63 30.40 6.15
C ARG E 117 -32.54 29.44 4.95
N HIS E 118 -32.44 29.97 3.73
CA HIS E 118 -32.52 29.18 2.49
C HIS E 118 -31.57 29.71 1.41
N PHE E 119 -30.34 30.07 1.80
CA PHE E 119 -29.42 30.69 0.83
C PHE E 119 -29.21 29.78 -0.35
N GLY E 120 -29.47 30.33 -1.54
CA GLY E 120 -29.21 29.61 -2.77
C GLY E 120 -30.33 28.75 -3.25
N ALA E 121 -31.39 28.59 -2.48
CA ALA E 121 -32.61 27.96 -2.98
C ALA E 121 -33.25 28.85 -4.06
N GLU E 122 -34.13 28.23 -4.85
CA GLU E 122 -34.81 28.91 -5.91
C GLU E 122 -36.04 29.60 -5.41
N TYR E 123 -36.02 30.94 -5.44
CA TYR E 123 -37.10 31.73 -4.88
C TYR E 123 -38.25 31.87 -5.85
N ARG E 124 -39.43 31.47 -5.40
CA ARG E 124 -40.66 31.55 -6.21
C ARG E 124 -41.49 32.76 -5.76
N ASP E 125 -42.21 32.63 -4.64
CA ASP E 125 -42.86 33.79 -4.04
C ASP E 125 -42.81 33.72 -2.51
N MET E 126 -43.27 34.79 -1.86
CA MET E 126 -43.19 34.91 -0.39
C MET E 126 -43.96 33.86 0.37
N GLU E 127 -45.07 33.38 -0.18
CA GLU E 127 -45.91 32.39 0.48
C GLU E 127 -45.52 30.95 0.19
N SER E 128 -44.52 30.70 -0.68
CA SER E 128 -44.11 29.33 -1.06
C SER E 128 -43.47 28.57 0.10
N ASP E 129 -43.36 27.25 -0.11
CA ASP E 129 -42.75 26.34 0.85
C ASP E 129 -41.27 26.18 0.44
N TYR E 130 -40.36 26.39 1.40
CA TYR E 130 -38.93 26.20 1.16
C TYR E 130 -38.26 25.26 2.21
N SER E 131 -39.02 24.38 2.85
CA SER E 131 -38.46 23.48 3.89
C SER E 131 -37.33 22.59 3.33
N GLY E 132 -36.15 22.71 3.95
CA GLY E 132 -34.98 21.94 3.57
C GLY E 132 -34.25 22.42 2.34
N GLN E 133 -34.78 23.43 1.65
CA GLN E 133 -34.16 23.96 0.46
C GLN E 133 -33.12 25.00 0.87
N GLY E 134 -31.97 24.97 0.18
CA GLY E 134 -30.90 25.92 0.44
C GLY E 134 -30.15 25.65 1.72
N VAL E 135 -29.27 26.60 2.06
CA VAL E 135 -28.46 26.52 3.27
C VAL E 135 -29.10 27.35 4.39
N ASP E 136 -29.30 26.71 5.54
CA ASP E 136 -29.77 27.41 6.73
C ASP E 136 -28.57 27.97 7.47
N GLN E 137 -28.20 29.20 7.12
CA GLN E 137 -27.02 29.82 7.66
C GLN E 137 -27.17 30.07 9.17
N LEU E 138 -28.37 30.50 9.59
CA LEU E 138 -28.60 30.83 11.00
C LEU E 138 -28.41 29.61 11.89
N GLN E 139 -29.03 28.50 11.52
CA GLN E 139 -28.86 27.24 12.25
C GLN E 139 -27.40 26.77 12.18
N ARG E 140 -26.75 26.84 11.02
CA ARG E 140 -25.33 26.44 10.90
C ARG E 140 -24.40 27.25 11.77
N VAL E 141 -24.65 28.55 11.89
CA VAL E 141 -23.93 29.40 12.84
C VAL E 141 -24.08 28.86 14.25
N ILE E 142 -25.32 28.60 14.66
CA ILE E 142 -25.63 28.12 16.01
C ILE E 142 -24.96 26.76 16.26
N ASP E 143 -25.06 25.84 15.32
CA ASP E 143 -24.41 24.54 15.47
C ASP E 143 -22.90 24.62 15.53
N THR E 144 -22.30 25.56 14.80
CA THR E 144 -20.84 25.74 14.83
C THR E 144 -20.36 26.33 16.14
N ILE E 145 -21.07 27.34 16.65
CA ILE E 145 -20.71 27.92 17.95
C ILE E 145 -20.72 26.87 19.06
N LYS E 146 -21.70 25.97 19.02
CA LYS E 146 -21.78 24.87 19.96
C LYS E 146 -20.67 23.83 19.83
N THR E 147 -20.35 23.39 18.60
CA THR E 147 -19.39 22.26 18.39
C THR E 147 -17.93 22.67 18.20
N ASN E 148 -17.69 23.88 17.69
CA ASN E 148 -16.35 24.30 17.34
C ASN E 148 -16.26 25.83 17.44
N PRO E 149 -16.27 26.36 18.68
CA PRO E 149 -16.26 27.81 18.87
C PRO E 149 -15.04 28.58 18.35
N ASP E 150 -13.89 27.95 18.21
CA ASP E 150 -12.67 28.64 17.77
C ASP E 150 -12.70 28.97 16.26
N ASP E 151 -13.57 28.29 15.53
CA ASP E 151 -13.79 28.52 14.12
C ASP E 151 -13.89 29.99 13.72
N ARG E 152 -13.19 30.35 12.65
CA ARG E 152 -13.18 31.69 12.09
C ARG E 152 -14.02 31.81 10.80
N ARG E 153 -15.00 30.92 10.62
CA ARG E 153 -15.87 30.90 9.45
C ARG E 153 -17.36 31.02 9.84
N ILE E 154 -17.64 31.46 11.07
CA ILE E 154 -19.00 31.52 11.56
C ILE E 154 -19.58 32.81 10.99
N ILE E 155 -20.18 32.67 9.81
CA ILE E 155 -20.61 33.80 8.98
C ILE E 155 -22.02 33.58 8.47
N MET E 156 -22.75 34.67 8.45
CA MET E 156 -24.06 34.74 7.81
C MET E 156 -23.96 35.83 6.74
N CYS E 157 -24.35 35.52 5.50
CA CYS E 157 -24.24 36.46 4.37
C CYS E 157 -25.58 36.65 3.70
N ALA E 158 -26.05 37.89 3.61
CA ALA E 158 -27.30 38.20 2.91
C ALA E 158 -27.06 38.69 1.49
N TRP E 159 -25.79 38.95 1.14
CA TRP E 159 -25.44 39.43 -0.18
C TRP E 159 -25.33 38.20 -1.07
N ASN E 160 -26.30 38.06 -1.97
CA ASN E 160 -26.36 36.97 -2.95
C ASN E 160 -26.49 37.62 -4.32
N PRO E 161 -25.38 37.73 -5.07
CA PRO E 161 -25.42 38.37 -6.38
C PRO E 161 -26.41 37.75 -7.36
N ARG E 162 -26.63 36.45 -7.26
CA ARG E 162 -27.54 35.77 -8.18
C ARG E 162 -28.98 36.22 -7.96
N ASP E 163 -29.34 36.49 -6.72
CA ASP E 163 -30.71 36.88 -6.34
C ASP E 163 -30.95 38.40 -6.31
N LEU E 164 -29.89 39.22 -6.36
CA LEU E 164 -30.03 40.69 -6.35
C LEU E 164 -31.15 41.21 -7.24
N PRO E 165 -31.15 40.85 -8.54
CA PRO E 165 -32.18 41.38 -9.46
C PRO E 165 -33.63 41.22 -8.99
N LEU E 166 -33.86 40.14 -8.22
CA LEU E 166 -35.18 39.81 -7.66
C LEU E 166 -35.58 40.53 -6.36
N MET E 167 -34.68 41.23 -5.71
CA MET E 167 -34.99 41.88 -4.45
C MET E 167 -35.52 43.29 -4.59
N ALA E 168 -36.40 43.68 -3.69
CA ALA E 168 -36.97 45.03 -3.69
C ALA E 168 -35.93 46.05 -3.29
N LEU E 169 -35.13 45.69 -2.33
CA LEU E 169 -34.05 46.52 -1.90
C LEU E 169 -32.87 45.64 -1.67
N PRO E 170 -31.73 45.98 -2.21
CA PRO E 170 -30.51 45.19 -1.91
C PRO E 170 -30.02 45.43 -0.47
N PRO E 171 -29.55 44.39 0.21
CA PRO E 171 -29.26 44.49 1.65
C PRO E 171 -28.18 45.48 2.02
N CYS E 172 -28.41 46.22 3.11
CA CYS E 172 -27.41 47.02 3.79
C CYS E 172 -26.45 46.18 4.58
N HIS E 173 -26.98 45.17 5.27
CA HIS E 173 -26.18 44.30 6.15
C HIS E 173 -25.72 43.13 5.32
N ALA E 174 -24.66 43.37 4.57
CA ALA E 174 -24.15 42.39 3.64
C ALA E 174 -23.79 41.10 4.37
N LEU E 175 -23.10 41.22 5.50
CA LEU E 175 -22.77 40.04 6.28
C LEU E 175 -22.45 40.34 7.71
N CYS E 176 -22.47 39.29 8.51
CA CYS E 176 -22.03 39.35 9.88
C CYS E 176 -21.22 38.12 10.22
N GLN E 177 -20.29 38.28 11.15
CA GLN E 177 -19.41 37.23 11.60
C GLN E 177 -19.51 37.13 13.10
N PHE E 178 -19.42 35.91 13.60
CA PHE E 178 -19.37 35.65 15.04
C PHE E 178 -18.02 35.09 15.43
N TYR E 179 -17.73 35.20 16.71
CA TYR E 179 -16.42 34.90 17.26
C TYR E 179 -16.64 34.53 18.71
N VAL E 180 -15.91 33.54 19.19
CA VAL E 180 -16.07 33.03 20.53
C VAL E 180 -14.71 32.87 21.15
N VAL E 181 -14.53 33.48 22.31
CA VAL E 181 -13.35 33.25 23.13
C VAL E 181 -13.69 33.45 24.59
N ASN E 182 -13.18 32.56 25.44
CA ASN E 182 -13.47 32.58 26.90
C ASN E 182 -14.95 32.69 27.23
N SER E 183 -15.77 31.88 26.56
CA SER E 183 -17.21 31.87 26.75
C SER E 183 -17.97 33.19 26.44
N GLU E 184 -17.37 34.07 25.63
CA GLU E 184 -17.99 35.32 25.23
C GLU E 184 -18.28 35.36 23.72
N LEU E 185 -19.53 35.57 23.35
CA LEU E 185 -19.93 35.64 21.96
C LEU E 185 -19.86 37.07 21.47
N SER E 186 -19.09 37.32 20.41
CA SER E 186 -19.08 38.62 19.75
C SER E 186 -19.58 38.57 18.32
N CYS E 187 -19.92 39.73 17.78
CA CYS E 187 -20.49 39.83 16.44
C CYS E 187 -19.91 41.04 15.74
N GLN E 188 -19.60 40.90 14.48
CA GLN E 188 -19.19 42.01 13.68
C GLN E 188 -20.09 42.07 12.47
N LEU E 189 -20.55 43.26 12.14
CA LEU E 189 -21.46 43.49 11.03
C LEU E 189 -20.78 44.32 9.97
N TYR E 190 -20.77 43.86 8.72
CA TYR E 190 -20.37 44.74 7.61
C TYR E 190 -21.63 45.33 7.00
N GLN E 191 -21.80 46.63 7.22
CA GLN E 191 -22.93 47.36 6.70
C GLN E 191 -22.43 48.22 5.56
N ARG E 192 -22.85 47.92 4.34
CA ARG E 192 -22.31 48.63 3.16
C ARG E 192 -22.61 50.11 3.14
N SER E 193 -23.73 50.49 3.74
CA SER E 193 -24.25 51.84 3.63
C SER E 193 -25.11 52.11 4.86
N GLY E 194 -24.85 53.23 5.50
CA GLY E 194 -25.45 53.53 6.80
C GLY E 194 -25.83 54.99 6.89
N ASP E 195 -27.11 55.24 7.12
CA ASP E 195 -27.65 56.57 7.37
C ASP E 195 -27.53 56.81 8.85
N MET E 196 -26.58 57.64 9.25
CA MET E 196 -26.26 57.78 10.67
C MET E 196 -27.43 58.38 11.47
N GLY E 197 -28.26 59.21 10.81
CA GLY E 197 -29.40 59.83 11.45
C GLY E 197 -30.52 58.89 11.86
N LEU E 198 -30.89 57.96 10.97
CA LEU E 198 -32.07 57.12 11.15
C LEU E 198 -31.73 55.65 11.39
N GLY E 199 -31.17 55.00 10.38
CA GLY E 199 -31.01 53.56 10.38
C GLY E 199 -29.97 53.02 11.34
N VAL E 200 -28.82 53.68 11.40
CA VAL E 200 -27.66 53.09 12.08
C VAL E 200 -27.94 52.69 13.54
N PRO E 201 -28.54 53.59 14.34
CA PRO E 201 -28.89 53.20 15.71
C PRO E 201 -29.83 51.99 15.80
N PHE E 202 -30.82 51.95 14.91
CA PHE E 202 -31.70 50.79 14.75
C PHE E 202 -30.85 49.54 14.41
N ASN E 203 -29.94 49.68 13.46
CA ASN E 203 -29.13 48.55 13.02
C ASN E 203 -28.20 48.02 14.10
N ILE E 204 -27.60 48.92 14.85
CA ILE E 204 -26.77 48.53 15.98
C ILE E 204 -27.59 47.68 16.95
N ALA E 205 -28.80 48.12 17.26
CA ALA E 205 -29.67 47.40 18.17
C ALA E 205 -30.12 46.02 17.65
N SER E 206 -30.34 45.90 16.33
CA SER E 206 -30.74 44.63 15.71
C SER E 206 -29.71 43.53 15.94
N TYR E 207 -28.45 43.84 15.67
CA TYR E 207 -27.38 42.83 15.73
C TYR E 207 -26.90 42.61 17.17
N ALA E 208 -27.01 43.64 17.98
CA ALA E 208 -26.79 43.49 19.41
C ALA E 208 -27.78 42.48 19.98
N LEU E 209 -29.04 42.62 19.57
CA LEU E 209 -30.10 41.70 19.98
C LEU E 209 -29.89 40.28 19.46
N LEU E 210 -29.52 40.16 18.18
CA LEU E 210 -29.18 38.87 17.60
C LEU E 210 -28.11 38.17 18.44
N THR E 211 -27.11 38.92 18.84
CA THR E 211 -25.99 38.36 19.55
C THR E 211 -26.46 37.85 20.91
N TYR E 212 -27.28 38.65 21.60
CA TYR E 212 -27.92 38.22 22.87
C TYR E 212 -28.74 36.94 22.72
N MET E 213 -29.54 36.87 21.66
CA MET E 213 -30.32 35.67 21.36
C MET E 213 -29.42 34.44 21.19
N ILE E 214 -28.41 34.53 20.32
CA ILE E 214 -27.56 33.36 20.04
C ILE E 214 -26.69 32.99 21.25
N ALA E 215 -26.20 33.99 21.97
CA ALA E 215 -25.47 33.73 23.21
C ALA E 215 -26.31 32.91 24.19
N HIS E 216 -27.58 33.26 24.33
CA HIS E 216 -28.52 32.59 25.21
C HIS E 216 -28.72 31.12 24.81
N ILE E 217 -29.02 30.90 23.53
CA ILE E 217 -29.17 29.55 22.94
C ILE E 217 -27.92 28.68 23.17
N THR E 218 -26.74 29.29 23.03
CA THR E 218 -25.50 28.54 23.07
C THR E 218 -24.88 28.45 24.47
N GLY E 219 -25.47 29.11 25.46
CA GLY E 219 -24.93 29.14 26.83
C GLY E 219 -23.71 30.02 27.05
N LEU E 220 -23.60 31.12 26.32
CA LEU E 220 -22.42 32.00 26.39
C LEU E 220 -22.81 33.39 26.88
N LYS E 221 -21.84 34.18 27.33
CA LYS E 221 -22.08 35.56 27.78
C LYS E 221 -21.87 36.47 26.56
N PRO E 222 -22.77 37.44 26.34
CA PRO E 222 -22.51 38.40 25.26
C PRO E 222 -21.21 39.13 25.45
N GLY E 223 -20.49 39.39 24.36
CA GLY E 223 -19.16 40.02 24.38
C GLY E 223 -19.16 41.43 23.80
N ASP E 224 -18.52 41.63 22.64
CA ASP E 224 -18.59 42.91 21.89
C ASP E 224 -19.50 42.81 20.65
N PHE E 225 -20.02 43.94 20.18
CA PHE E 225 -20.60 44.05 18.84
C PHE E 225 -19.77 45.06 18.08
N ILE E 226 -19.19 44.65 16.97
CA ILE E 226 -18.38 45.54 16.16
C ILE E 226 -19.20 45.94 14.95
N HIS E 227 -19.30 47.24 14.75
CA HIS E 227 -20.06 47.79 13.68
C HIS E 227 -19.11 48.42 12.69
N THR E 228 -19.04 47.83 11.50
CA THR E 228 -18.15 48.29 10.46
C THR E 228 -19.00 48.87 9.34
N LEU E 229 -18.65 50.06 8.85
CA LEU E 229 -19.42 50.73 7.83
C LEU E 229 -18.62 50.89 6.54
N GLY E 230 -19.32 50.78 5.41
CA GLY E 230 -18.83 51.22 4.15
C GLY E 230 -19.07 52.71 4.01
N ASP E 231 -20.12 53.08 3.27
CA ASP E 231 -20.50 54.48 3.09
C ASP E 231 -21.27 54.97 4.32
N ALA E 232 -20.56 55.54 5.29
CA ALA E 232 -21.18 56.17 6.45
C ALA E 232 -21.53 57.61 6.10
N HIS E 233 -22.82 57.97 6.21
CA HIS E 233 -23.24 59.30 5.76
C HIS E 233 -24.36 59.95 6.56
N ILE E 234 -24.38 61.28 6.51
CA ILE E 234 -25.46 62.11 7.00
C ILE E 234 -26.09 62.81 5.80
N TYR E 235 -27.40 62.73 5.68
CA TYR E 235 -28.16 63.50 4.67
C TYR E 235 -28.13 64.99 5.00
N LEU E 236 -28.07 65.87 3.99
CA LEU E 236 -27.86 67.30 4.24
C LEU E 236 -28.96 67.93 5.09
N ASN E 237 -30.20 67.54 4.84
CA ASN E 237 -31.33 67.98 5.66
C ASN E 237 -31.38 67.40 7.09
N HIS E 238 -30.51 66.44 7.42
CA HIS E 238 -30.36 65.96 8.81
C HIS E 238 -29.25 66.66 9.61
N ILE E 239 -28.45 67.52 8.98
CA ILE E 239 -27.30 68.12 9.69
C ILE E 239 -27.74 68.87 10.95
N GLU E 240 -28.69 69.80 10.80
CA GLU E 240 -29.11 70.65 11.92
C GLU E 240 -29.67 69.81 13.08
N PRO E 241 -30.65 68.92 12.83
CA PRO E 241 -31.11 68.05 13.92
C PRO E 241 -30.02 67.19 14.61
N LEU E 242 -29.04 66.70 13.84
CA LEU E 242 -27.95 65.89 14.41
C LEU E 242 -26.99 66.69 15.29
N LYS E 243 -26.72 67.94 14.90
CA LYS E 243 -25.93 68.85 15.75
C LYS E 243 -26.59 69.12 17.12
N ILE E 244 -27.92 69.19 17.12
CA ILE E 244 -28.70 69.30 18.36
C ILE E 244 -28.48 68.04 19.20
N GLN E 245 -28.53 66.87 18.54
CA GLN E 245 -28.35 65.60 19.23
C GLN E 245 -26.96 65.49 19.89
N LEU E 246 -25.93 65.98 19.20
CA LEU E 246 -24.56 66.00 19.75
C LEU E 246 -24.38 66.82 21.02
N GLN E 247 -25.25 67.80 21.22
CA GLN E 247 -25.24 68.58 22.46
C GLN E 247 -25.61 67.77 23.69
N ARG E 248 -26.38 66.70 23.52
CA ARG E 248 -26.96 65.99 24.67
C ARG E 248 -26.00 64.99 25.27
N GLU E 249 -25.86 65.00 26.60
CA GLU E 249 -24.93 64.11 27.27
C GLU E 249 -25.60 62.74 27.38
N PRO E 250 -24.92 61.72 26.95
CA PRO E 250 -25.51 60.40 26.96
C PRO E 250 -25.71 59.87 28.33
N ARG E 251 -26.76 59.12 28.48
CA ARG E 251 -27.02 58.45 29.73
C ARG E 251 -26.54 57.01 29.66
N PRO E 252 -26.53 56.30 30.79
CA PRO E 252 -26.09 54.91 30.71
C PRO E 252 -27.03 54.03 29.90
N PHE E 253 -26.49 53.01 29.27
CA PHE E 253 -27.30 52.14 28.48
C PHE E 253 -28.21 51.32 29.36
N PRO E 254 -29.29 50.82 28.80
CA PRO E 254 -30.18 49.92 29.54
C PRO E 254 -29.66 48.50 29.53
N LYS E 255 -30.38 47.61 30.19
CA LYS E 255 -30.05 46.21 30.23
C LYS E 255 -31.12 45.48 29.45
N LEU E 256 -30.76 44.31 28.94
CA LEU E 256 -31.72 43.42 28.31
C LEU E 256 -31.87 42.15 29.12
N ARG E 257 -33.05 41.92 29.65
CA ARG E 257 -33.36 40.67 30.35
C ARG E 257 -34.12 39.77 29.40
N ILE E 258 -33.74 38.49 29.38
CA ILE E 258 -34.49 37.45 28.65
C ILE E 258 -35.28 36.63 29.68
N LEU E 259 -36.60 36.65 29.57
CA LEU E 259 -37.48 36.22 30.68
C LEU E 259 -37.77 34.73 30.79
N ARG E 260 -37.15 33.88 29.96
CA ARG E 260 -37.28 32.43 30.10
C ARG E 260 -36.18 31.66 29.35
N LYS E 261 -36.07 30.37 29.64
CA LYS E 261 -35.08 29.49 29.01
C LYS E 261 -35.65 29.01 27.65
N VAL E 262 -35.02 29.40 26.55
CA VAL E 262 -35.43 29.05 25.19
C VAL E 262 -34.34 28.15 24.56
N GLU E 263 -34.73 27.01 24.00
CA GLU E 263 -33.76 26.00 23.53
C GLU E 263 -33.35 26.21 22.06
N LYS E 264 -34.28 26.68 21.23
CA LYS E 264 -34.06 26.90 19.80
C LYS E 264 -34.40 28.33 19.40
N ILE E 265 -33.66 28.88 18.45
CA ILE E 265 -33.83 30.27 17.98
C ILE E 265 -35.24 30.55 17.41
N ASP E 266 -35.87 29.56 16.80
CA ASP E 266 -37.22 29.70 16.23
C ASP E 266 -38.30 29.94 17.31
N ASP E 267 -38.01 29.57 18.57
CA ASP E 267 -38.94 29.69 19.72
C ASP E 267 -38.99 31.02 20.42
N PHE E 268 -38.04 31.91 20.19
CA PHE E 268 -38.11 33.27 20.77
C PHE E 268 -39.37 33.98 20.30
N LYS E 269 -40.05 34.62 21.23
CA LYS E 269 -41.22 35.48 20.97
C LYS E 269 -40.97 36.85 21.58
N ALA E 270 -41.67 37.89 21.11
CA ALA E 270 -41.46 39.27 21.63
C ALA E 270 -41.62 39.43 23.14
N GLU E 271 -42.49 38.61 23.71
CA GLU E 271 -42.82 38.63 25.13
C GLU E 271 -41.65 38.17 26.00
N ASP E 272 -40.74 37.40 25.42
CA ASP E 272 -39.55 36.90 26.11
C ASP E 272 -38.51 37.97 26.45
N PHE E 273 -38.60 39.18 25.87
CA PHE E 273 -37.59 40.23 26.05
C PHE E 273 -38.15 41.43 26.83
N GLN E 274 -37.27 42.06 27.61
CA GLN E 274 -37.62 43.21 28.44
C GLN E 274 -36.40 44.15 28.57
N ILE E 275 -36.57 45.38 28.11
CA ILE E 275 -35.59 46.43 28.22
C ILE E 275 -35.80 47.12 29.57
N GLU E 276 -34.72 47.19 30.36
CA GLU E 276 -34.77 47.61 31.77
C GLU E 276 -33.92 48.88 31.89
N GLY E 277 -34.55 50.00 32.23
CA GLY E 277 -33.82 51.25 32.51
C GLY E 277 -33.45 52.10 31.31
N TYR E 278 -34.28 52.10 30.29
CA TYR E 278 -34.02 52.85 29.07
C TYR E 278 -34.57 54.26 29.25
N ASN E 279 -33.68 55.25 29.32
CA ASN E 279 -34.01 56.64 29.62
C ASN E 279 -33.46 57.53 28.53
N PRO E 280 -34.05 57.46 27.33
CA PRO E 280 -33.60 58.30 26.24
C PRO E 280 -34.05 59.75 26.32
N HIS E 281 -33.30 60.65 25.70
CA HIS E 281 -33.67 62.03 25.56
C HIS E 281 -34.90 62.19 24.67
N PRO E 282 -35.65 63.30 24.84
CA PRO E 282 -36.81 63.59 23.99
C PRO E 282 -36.51 63.67 22.49
N THR E 283 -37.32 63.01 21.64
CA THR E 283 -36.92 62.65 20.26
C THR E 283 -36.89 63.81 19.28
N PRO F 3 41.30 -8.95 -19.11
CA PRO F 3 40.35 -10.08 -19.00
C PRO F 3 40.67 -11.25 -19.95
N PRO F 4 40.62 -12.51 -19.47
CA PRO F 4 41.33 -13.61 -20.21
C PRO F 4 40.95 -13.91 -21.65
N HIS F 5 41.92 -13.78 -22.57
CA HIS F 5 41.69 -13.80 -24.04
C HIS F 5 42.47 -14.98 -24.66
N GLY F 6 41.76 -15.90 -25.31
CA GLY F 6 42.38 -17.03 -26.01
C GLY F 6 42.89 -18.05 -25.01
N GLU F 7 44.17 -18.38 -25.06
CA GLU F 7 44.69 -19.58 -24.36
C GLU F 7 44.65 -19.49 -22.83
N LEU F 8 44.60 -18.26 -22.33
CA LEU F 8 44.46 -18.04 -20.89
C LEU F 8 43.13 -18.57 -20.35
N GLN F 9 42.11 -18.66 -21.22
CA GLN F 9 40.86 -19.31 -20.84
C GLN F 9 41.02 -20.81 -20.53
N TYR F 10 41.63 -21.54 -21.45
CA TYR F 10 41.94 -22.95 -21.24
C TYR F 10 42.79 -23.13 -19.98
N LEU F 11 43.84 -22.33 -19.84
CA LEU F 11 44.68 -22.45 -18.65
C LEU F 11 43.89 -22.12 -17.38
N GLY F 12 43.04 -21.09 -17.46
CA GLY F 12 42.09 -20.77 -16.39
C GLY F 12 41.24 -21.97 -15.99
N GLN F 13 40.70 -22.67 -16.97
CA GLN F 13 39.93 -23.89 -16.73
C GLN F 13 40.75 -24.96 -16.00
N ILE F 14 42.01 -25.13 -16.37
CA ILE F 14 42.89 -26.09 -15.68
C ILE F 14 43.03 -25.71 -14.20
N GLN F 15 43.34 -24.46 -13.94
CA GLN F 15 43.52 -23.98 -12.57
C GLN F 15 42.25 -24.17 -11.75
N HIS F 16 41.11 -23.81 -12.35
CA HIS F 16 39.83 -24.00 -11.69
C HIS F 16 39.56 -25.46 -11.31
N ILE F 17 39.96 -26.42 -12.15
CA ILE F 17 39.74 -27.83 -11.84
C ILE F 17 40.69 -28.31 -10.75
N LEU F 18 41.91 -27.77 -10.71
CA LEU F 18 42.87 -28.12 -9.65
C LEU F 18 42.46 -27.58 -8.29
N ARG F 19 41.98 -26.34 -8.25
CA ARG F 19 41.57 -25.69 -6.99
C ARG F 19 40.16 -26.08 -6.52
N CYS F 20 39.21 -26.23 -7.45
CA CYS F 20 37.81 -26.52 -7.11
C CYS F 20 37.29 -27.89 -7.49
N GLY F 21 38.10 -28.71 -8.16
CA GLY F 21 37.65 -30.05 -8.61
C GLY F 21 37.38 -31.02 -7.49
N VAL F 22 36.75 -32.11 -7.85
CA VAL F 22 36.33 -33.14 -6.95
C VAL F 22 36.84 -34.46 -7.46
N ARG F 23 37.42 -35.28 -6.58
CA ARG F 23 37.91 -36.56 -6.98
C ARG F 23 36.80 -37.49 -7.31
N LYS F 24 36.91 -38.14 -8.46
CA LYS F 24 35.90 -39.04 -8.96
C LYS F 24 36.55 -40.21 -9.63
N ASP F 25 35.91 -41.35 -9.61
CA ASP F 25 36.46 -42.53 -10.24
C ASP F 25 36.06 -42.65 -11.70
N ASP F 26 36.37 -43.76 -12.35
CA ASP F 26 36.03 -43.90 -13.76
C ASP F 26 35.89 -45.31 -14.24
N ARG F 27 35.60 -45.46 -15.53
CA ARG F 27 35.43 -46.75 -16.14
C ARG F 27 36.71 -47.47 -15.93
N THR F 28 37.76 -46.89 -16.48
CA THR F 28 39.08 -47.43 -16.31
C THR F 28 39.33 -47.13 -14.85
N GLY F 29 39.68 -48.11 -14.03
CA GLY F 29 39.93 -47.87 -12.62
C GLY F 29 41.04 -46.86 -12.45
N THR F 30 40.65 -45.60 -12.34
CA THR F 30 41.62 -44.53 -12.36
C THR F 30 41.41 -43.53 -11.28
N GLY F 31 40.91 -42.36 -11.61
CA GLY F 31 40.72 -41.34 -10.63
C GLY F 31 40.99 -40.05 -11.35
N THR F 32 40.08 -39.11 -11.18
CA THR F 32 40.20 -37.84 -11.82
C THR F 32 39.85 -36.73 -10.89
N LEU F 33 40.08 -35.52 -11.33
CA LEU F 33 39.67 -34.36 -10.60
C LEU F 33 38.66 -33.79 -11.57
N SER F 34 37.40 -33.69 -11.18
CA SER F 34 36.42 -33.21 -12.12
C SER F 34 35.47 -32.10 -11.73
N VAL F 35 35.20 -31.24 -12.70
CA VAL F 35 34.18 -30.19 -12.56
C VAL F 35 33.11 -30.35 -13.64
N PHE F 36 31.85 -30.20 -13.25
CA PHE F 36 30.73 -30.29 -14.17
C PHE F 36 30.22 -28.92 -14.64
N GLY F 37 30.26 -28.67 -15.94
CA GLY F 37 29.79 -27.41 -16.50
C GLY F 37 30.85 -26.32 -16.55
N MET F 38 31.49 -26.19 -17.69
CA MET F 38 32.41 -25.10 -17.98
C MET F 38 32.11 -24.59 -19.39
N GLN F 39 32.56 -23.38 -19.66
CA GLN F 39 32.42 -22.76 -20.96
C GLN F 39 33.58 -21.81 -21.20
N ALA F 40 34.13 -21.84 -22.40
CA ALA F 40 35.21 -20.94 -22.81
C ALA F 40 34.93 -20.42 -24.21
N ARG F 41 35.47 -19.25 -24.52
CA ARG F 41 35.27 -18.58 -25.80
C ARG F 41 36.64 -18.31 -26.44
N TYR F 42 36.83 -18.70 -27.70
CA TYR F 42 38.10 -18.51 -28.41
C TYR F 42 37.87 -17.75 -29.71
N SER F 43 38.39 -16.52 -29.81
CA SER F 43 38.25 -15.75 -31.03
C SER F 43 38.98 -16.46 -32.17
N LEU F 44 38.30 -16.58 -33.31
CA LEU F 44 38.90 -17.10 -34.53
C LEU F 44 39.23 -15.98 -35.52
N ARG F 45 39.12 -14.71 -35.10
CA ARG F 45 39.35 -13.57 -36.00
C ARG F 45 40.84 -13.32 -36.19
N ASP F 46 41.33 -13.63 -37.39
CA ASP F 46 42.75 -13.57 -37.75
C ASP F 46 43.70 -14.34 -36.82
N GLU F 47 43.22 -15.42 -36.20
CA GLU F 47 44.08 -16.35 -35.47
C GLU F 47 43.39 -17.71 -35.38
N PHE F 48 44.18 -18.75 -35.09
CA PHE F 48 43.65 -20.09 -35.00
C PHE F 48 44.05 -20.69 -33.65
N PRO F 49 43.08 -21.15 -32.83
CA PRO F 49 43.35 -21.59 -31.47
C PRO F 49 43.98 -22.98 -31.31
N LEU F 50 45.24 -23.08 -31.75
CA LEU F 50 46.03 -24.28 -31.61
C LEU F 50 46.95 -24.02 -30.43
N LEU F 51 46.76 -24.70 -29.33
CA LEU F 51 47.41 -24.32 -28.06
C LEU F 51 48.93 -24.40 -28.10
N THR F 52 49.57 -23.38 -27.53
CA THR F 52 51.01 -23.22 -27.53
C THR F 52 51.73 -23.71 -26.27
N THR F 53 51.03 -23.89 -25.15
CA THR F 53 51.72 -24.31 -23.91
C THR F 53 52.08 -25.80 -23.89
N LYS F 54 51.43 -26.58 -24.75
CA LYS F 54 51.78 -27.97 -25.01
C LYS F 54 51.43 -28.21 -26.48
N ARG F 55 52.26 -28.95 -27.20
CA ARG F 55 51.98 -29.18 -28.59
C ARG F 55 50.72 -29.94 -28.83
N VAL F 56 50.00 -29.51 -29.83
CA VAL F 56 48.81 -30.21 -30.27
C VAL F 56 49.15 -30.96 -31.58
N PHE F 57 48.62 -32.16 -31.73
CA PHE F 57 48.88 -33.01 -32.87
C PHE F 57 48.08 -32.55 -34.08
N TRP F 58 48.57 -31.49 -34.72
CA TRP F 58 47.87 -30.87 -35.85
C TRP F 58 47.50 -31.84 -36.99
N LYS F 59 48.47 -32.64 -37.41
CA LYS F 59 48.25 -33.56 -38.49
C LYS F 59 47.03 -34.47 -38.22
N GLY F 60 46.94 -34.95 -36.98
CA GLY F 60 45.80 -35.74 -36.55
C GLY F 60 44.47 -35.00 -36.53
N VAL F 61 44.49 -33.73 -36.11
CA VAL F 61 43.29 -32.89 -36.14
C VAL F 61 42.73 -32.84 -37.55
N LEU F 62 43.60 -32.53 -38.49
CA LEU F 62 43.23 -32.30 -39.89
C LEU F 62 42.72 -33.57 -40.57
N GLU F 63 43.49 -34.66 -40.45
CA GLU F 63 43.10 -35.92 -41.06
C GLU F 63 41.84 -36.53 -40.46
N GLU F 64 41.70 -36.41 -39.13
CA GLU F 64 40.50 -36.88 -38.44
C GLU F 64 39.26 -36.13 -38.92
N LEU F 65 39.36 -34.82 -39.09
CA LEU F 65 38.24 -34.05 -39.62
C LEU F 65 37.87 -34.46 -41.06
N LEU F 66 38.87 -34.58 -41.93
CA LEU F 66 38.64 -35.02 -43.33
C LEU F 66 38.00 -36.41 -43.39
N TRP F 67 38.37 -37.25 -42.44
CA TRP F 67 37.82 -38.61 -42.28
C TRP F 67 36.36 -38.58 -41.81
N PHE F 68 36.04 -37.72 -40.83
CA PHE F 68 34.64 -37.45 -40.47
C PHE F 68 33.82 -36.99 -41.66
N ILE F 69 34.36 -36.06 -42.43
CA ILE F 69 33.68 -35.47 -43.57
C ILE F 69 33.35 -36.52 -44.65
N LYS F 70 34.26 -37.46 -44.90
CA LYS F 70 33.99 -38.56 -45.86
C LYS F 70 32.88 -39.50 -45.43
N GLY F 71 32.50 -39.46 -44.15
CA GLY F 71 31.49 -40.35 -43.60
C GLY F 71 32.10 -41.66 -43.10
N SER F 72 33.41 -41.70 -42.91
CA SER F 72 34.07 -42.96 -42.62
C SER F 72 33.98 -43.31 -41.15
N THR F 73 33.90 -44.61 -40.89
CA THR F 73 33.84 -45.15 -39.56
C THR F 73 34.87 -46.26 -39.46
N ASN F 74 35.83 -46.24 -40.35
CA ASN F 74 36.87 -47.27 -40.45
C ASN F 74 38.17 -46.76 -39.84
N ALA F 75 38.49 -47.21 -38.64
CA ALA F 75 39.71 -46.76 -37.96
C ALA F 75 40.97 -47.06 -38.73
N LYS F 76 41.00 -48.18 -39.45
CA LYS F 76 42.14 -48.54 -40.31
C LYS F 76 42.40 -47.49 -41.40
N GLU F 77 41.34 -46.89 -41.96
CA GLU F 77 41.49 -45.82 -42.93
C GLU F 77 42.24 -44.60 -42.34
N LEU F 78 41.80 -44.12 -41.18
CA LEU F 78 42.47 -43.03 -40.46
C LEU F 78 43.93 -43.40 -40.10
N SER F 79 44.13 -44.65 -39.72
CA SER F 79 45.44 -45.14 -39.30
C SER F 79 46.44 -45.16 -40.46
N SER F 80 45.95 -45.56 -41.63
CA SER F 80 46.74 -45.55 -42.84
C SER F 80 47.36 -44.18 -43.08
N LYS F 81 46.68 -43.11 -42.64
CA LYS F 81 47.25 -41.76 -42.75
C LYS F 81 48.18 -41.35 -41.58
N GLY F 82 48.72 -42.29 -40.83
CA GLY F 82 49.65 -41.98 -39.73
C GLY F 82 49.02 -41.40 -38.46
N VAL F 83 47.71 -41.59 -38.31
CA VAL F 83 46.92 -41.06 -37.22
C VAL F 83 46.29 -42.23 -36.47
N LYS F 84 46.89 -42.59 -35.34
CA LYS F 84 46.56 -43.84 -34.63
C LYS F 84 45.51 -43.64 -33.54
N ILE F 85 44.95 -42.44 -33.45
CA ILE F 85 44.11 -42.05 -32.30
C ILE F 85 42.86 -42.90 -32.05
N TRP F 86 42.30 -43.54 -33.08
CA TRP F 86 41.13 -44.42 -32.94
C TRP F 86 41.45 -45.93 -33.02
N ASP F 87 42.72 -46.31 -33.04
CA ASP F 87 43.10 -47.71 -33.26
C ASP F 87 42.79 -48.63 -32.10
N ALA F 88 43.05 -48.19 -30.87
CA ALA F 88 42.73 -49.00 -29.68
C ALA F 88 41.23 -49.31 -29.59
N ASN F 89 40.38 -48.38 -30.00
CA ASN F 89 38.93 -48.59 -29.97
C ASN F 89 38.44 -49.50 -31.10
N GLY F 90 39.22 -49.60 -32.17
CA GLY F 90 38.91 -50.50 -33.26
C GLY F 90 39.56 -51.87 -33.24
N SER F 91 40.38 -52.14 -32.22
CA SER F 91 41.14 -53.40 -32.16
C SER F 91 40.23 -54.59 -31.86
N ARG F 92 40.66 -55.78 -32.23
CA ARG F 92 39.92 -56.99 -32.01
C ARG F 92 39.58 -57.13 -30.55
N ASP F 93 40.53 -56.87 -29.70
CA ASP F 93 40.31 -56.98 -28.25
C ASP F 93 39.17 -56.09 -27.73
N PHE F 94 39.27 -54.80 -27.99
CA PHE F 94 38.29 -53.83 -27.51
C PHE F 94 36.88 -54.05 -28.07
N LEU F 95 36.78 -54.49 -29.32
CA LEU F 95 35.49 -54.75 -29.90
C LEU F 95 34.84 -55.95 -29.23
N ASP F 96 35.62 -56.99 -29.02
CA ASP F 96 35.16 -58.21 -28.37
C ASP F 96 34.69 -57.94 -26.94
N SER F 97 35.37 -57.04 -26.25
CA SER F 97 34.95 -56.62 -24.91
C SER F 97 33.60 -55.89 -24.87
N LEU F 98 33.17 -55.27 -25.97
CA LEU F 98 31.87 -54.66 -26.01
C LEU F 98 30.84 -55.59 -26.60
N GLY F 99 31.23 -56.79 -26.99
CA GLY F 99 30.33 -57.76 -27.56
C GLY F 99 30.24 -57.76 -29.04
N PHE F 100 31.23 -57.23 -29.72
CA PHE F 100 31.18 -57.18 -31.18
C PHE F 100 32.02 -58.27 -31.79
N SER F 101 31.50 -59.47 -31.82
CA SER F 101 32.21 -60.60 -32.37
C SER F 101 32.04 -60.69 -33.87
N THR F 102 30.91 -60.25 -34.33
CA THR F 102 30.58 -60.26 -35.71
C THR F 102 31.46 -59.35 -36.52
N ARG F 103 31.77 -58.21 -35.94
CA ARG F 103 32.52 -57.17 -36.61
C ARG F 103 33.96 -57.41 -36.98
N GLU F 104 34.38 -56.63 -37.95
CA GLU F 104 35.73 -56.68 -38.45
C GLU F 104 36.58 -55.69 -37.76
N GLU F 105 37.86 -55.96 -37.73
CA GLU F 105 38.79 -55.06 -37.03
C GLU F 105 38.89 -53.66 -37.69
N GLY F 106 38.78 -52.61 -36.87
CA GLY F 106 38.71 -51.23 -37.34
C GLY F 106 37.30 -50.63 -37.44
N ASP F 107 36.28 -51.48 -37.42
CA ASP F 107 34.90 -51.03 -37.55
C ASP F 107 34.40 -50.49 -36.23
N LEU F 108 34.36 -49.18 -36.12
CA LEU F 108 33.93 -48.51 -34.91
C LEU F 108 32.44 -48.38 -34.78
N GLY F 109 31.71 -48.87 -35.76
CA GLY F 109 30.28 -48.77 -35.73
C GLY F 109 29.83 -47.44 -36.24
N PRO F 110 28.60 -47.10 -35.98
CA PRO F 110 28.05 -45.84 -36.46
C PRO F 110 28.50 -44.60 -35.71
N VAL F 111 29.76 -44.25 -35.76
CA VAL F 111 30.24 -43.08 -35.07
C VAL F 111 30.12 -41.80 -35.89
N TYR F 112 30.83 -40.78 -35.46
CA TYR F 112 30.83 -39.45 -36.03
C TYR F 112 30.60 -39.28 -37.50
N GLY F 113 31.38 -39.97 -38.29
CA GLY F 113 31.25 -39.88 -39.71
C GLY F 113 29.88 -40.25 -40.16
N PHE F 114 29.43 -41.41 -39.80
CA PHE F 114 28.13 -41.89 -40.17
C PHE F 114 26.99 -40.94 -39.83
N GLN F 115 26.97 -40.47 -38.61
CA GLN F 115 25.95 -39.60 -38.12
C GLN F 115 25.91 -38.28 -38.80
N TRP F 116 27.05 -37.67 -39.03
CA TRP F 116 27.06 -36.39 -39.72
C TRP F 116 26.46 -36.47 -41.13
N ARG F 117 26.69 -37.60 -41.79
CA ARG F 117 26.30 -37.80 -43.17
C ARG F 117 25.03 -38.63 -43.44
N HIS F 118 24.67 -39.52 -42.52
CA HIS F 118 23.60 -40.50 -42.72
C HIS F 118 22.79 -40.75 -41.42
N PHE F 119 22.48 -39.69 -40.68
CA PHE F 119 21.82 -39.85 -39.39
C PHE F 119 20.53 -40.61 -39.55
N GLY F 120 20.41 -41.71 -38.79
CA GLY F 120 19.20 -42.48 -38.73
C GLY F 120 19.07 -43.55 -39.80
N ALA F 121 20.01 -43.62 -40.74
CA ALA F 121 20.08 -44.78 -41.63
C ALA F 121 20.42 -46.03 -40.86
N GLU F 122 20.17 -47.18 -41.49
CA GLU F 122 20.42 -48.48 -40.88
C GLU F 122 21.85 -48.88 -41.15
N TYR F 123 22.64 -48.94 -40.08
CA TYR F 123 24.07 -49.22 -40.18
C TYR F 123 24.34 -50.71 -40.29
N ARG F 124 25.01 -51.10 -41.37
CA ARG F 124 25.37 -52.50 -41.61
C ARG F 124 26.82 -52.75 -41.24
N ASP F 125 27.76 -52.34 -42.08
CA ASP F 125 29.18 -52.36 -41.69
C ASP F 125 29.92 -51.14 -42.26
N MET F 126 31.19 -51.01 -41.88
CA MET F 126 32.00 -49.85 -42.28
C MET F 126 32.23 -49.70 -43.78
N GLU F 127 32.26 -50.82 -44.50
CA GLU F 127 32.53 -50.78 -45.95
C GLU F 127 31.25 -50.62 -46.80
N SER F 128 30.05 -50.65 -46.17
CA SER F 128 28.78 -50.62 -46.91
C SER F 128 28.51 -49.32 -47.64
N ASP F 129 27.53 -49.37 -48.54
CA ASP F 129 27.08 -48.23 -49.35
C ASP F 129 25.91 -47.60 -48.57
N TYR F 130 26.00 -46.29 -48.34
CA TYR F 130 24.93 -45.53 -47.68
C TYR F 130 24.46 -44.30 -48.49
N SER F 131 24.73 -44.24 -49.79
CA SER F 131 24.39 -43.03 -50.59
C SER F 131 22.89 -42.70 -50.55
N GLY F 132 22.58 -41.48 -50.09
CA GLY F 132 21.21 -41.01 -50.01
C GLY F 132 20.40 -41.52 -48.83
N GLN F 133 20.97 -42.44 -48.05
CA GLN F 133 20.30 -42.96 -46.88
C GLN F 133 20.54 -42.04 -45.70
N GLY F 134 19.49 -41.81 -44.90
CA GLY F 134 19.57 -40.97 -43.70
C GLY F 134 19.65 -39.49 -44.02
N VAL F 135 19.86 -38.70 -42.98
CA VAL F 135 19.95 -37.25 -43.08
C VAL F 135 21.41 -36.79 -43.18
N ASP F 136 21.73 -36.00 -44.19
CA ASP F 136 23.06 -35.41 -44.31
C ASP F 136 23.08 -34.08 -43.55
N GLN F 137 23.42 -34.17 -42.28
CA GLN F 137 23.40 -33.01 -41.41
C GLN F 137 24.43 -31.97 -41.83
N LEU F 138 25.62 -32.42 -42.22
CA LEU F 138 26.70 -31.49 -42.60
C LEU F 138 26.30 -30.63 -43.78
N GLN F 139 25.80 -31.27 -44.84
CA GLN F 139 25.31 -30.55 -46.00
C GLN F 139 24.13 -29.64 -45.64
N ARG F 140 23.17 -30.13 -44.85
CA ARG F 140 22.01 -29.30 -44.43
C ARG F 140 22.42 -28.06 -43.65
N VAL F 141 23.42 -28.19 -42.77
CA VAL F 141 24.02 -27.05 -42.08
C VAL F 141 24.52 -26.03 -43.09
N ILE F 142 25.32 -26.49 -44.06
CA ILE F 142 25.93 -25.63 -45.07
C ILE F 142 24.85 -24.94 -45.90
N ASP F 143 23.86 -25.68 -46.35
CA ASP F 143 22.76 -25.08 -47.12
C ASP F 143 21.94 -24.08 -46.33
N THR F 144 21.76 -24.30 -45.03
CA THR F 144 21.02 -23.36 -44.19
C THR F 144 21.80 -22.08 -43.93
N ILE F 145 23.10 -22.19 -43.67
CA ILE F 145 23.94 -21.00 -43.50
C ILE F 145 23.90 -20.09 -44.74
N LYS F 146 23.91 -20.70 -45.92
CA LYS F 146 23.79 -19.97 -47.16
C LYS F 146 22.43 -19.31 -47.39
N THR F 147 21.32 -20.02 -47.14
CA THR F 147 19.97 -19.52 -47.50
C THR F 147 19.25 -18.75 -46.38
N ASN F 148 19.57 -19.04 -45.13
CA ASN F 148 18.84 -18.48 -44.00
C ASN F 148 19.76 -18.42 -42.78
N PRO F 149 20.74 -17.52 -42.81
CA PRO F 149 21.74 -17.43 -41.73
C PRO F 149 21.21 -17.10 -40.33
N ASP F 150 20.08 -16.42 -40.22
CA ASP F 150 19.54 -16.02 -38.91
C ASP F 150 18.93 -17.19 -38.13
N ASP F 151 18.65 -18.26 -38.83
CA ASP F 151 18.15 -19.51 -38.24
C ASP F 151 18.90 -19.93 -36.97
N ARG F 152 18.15 -20.31 -35.95
CA ARG F 152 18.73 -20.81 -34.70
C ARG F 152 18.58 -22.31 -34.51
N ARG F 153 18.53 -23.05 -35.62
CA ARG F 153 18.46 -24.52 -35.61
C ARG F 153 19.60 -25.15 -36.40
N ILE F 154 20.67 -24.39 -36.65
CA ILE F 154 21.79 -24.90 -37.46
C ILE F 154 22.61 -25.77 -36.54
N ILE F 155 22.25 -27.06 -36.52
CA ILE F 155 22.75 -28.03 -35.56
C ILE F 155 23.17 -29.31 -36.24
N MET F 156 24.28 -29.85 -35.76
CA MET F 156 24.73 -31.17 -36.14
C MET F 156 24.81 -31.99 -34.85
N CYS F 157 24.22 -33.19 -34.83
CA CYS F 157 24.16 -34.03 -33.63
C CYS F 157 24.72 -35.40 -33.91
N ALA F 158 25.72 -35.83 -33.15
CA ALA F 158 26.28 -37.18 -33.27
C ALA F 158 25.70 -38.14 -32.25
N TRP F 159 24.95 -37.62 -31.27
CA TRP F 159 24.36 -38.44 -30.23
C TRP F 159 23.07 -39.01 -30.79
N ASN F 160 23.09 -40.30 -31.05
CA ASN F 160 21.94 -41.06 -31.54
C ASN F 160 21.72 -42.22 -30.59
N PRO F 161 20.74 -42.09 -29.67
CA PRO F 161 20.48 -43.15 -28.69
C PRO F 161 20.18 -44.51 -29.30
N ARG F 162 19.55 -44.53 -30.47
CA ARG F 162 19.21 -45.80 -31.12
C ARG F 162 20.45 -46.56 -31.53
N ASP F 163 21.48 -45.85 -31.96
CA ASP F 163 22.72 -46.45 -32.46
C ASP F 163 23.81 -46.62 -31.38
N LEU F 164 23.65 -46.00 -30.21
CA LEU F 164 24.65 -46.10 -29.13
C LEU F 164 25.18 -47.51 -28.90
N PRO F 165 24.31 -48.45 -28.66
CA PRO F 165 24.72 -49.81 -28.38
C PRO F 165 25.67 -50.39 -29.39
N LEU F 166 25.77 -49.77 -30.55
CA LEU F 166 26.62 -50.30 -31.57
C LEU F 166 27.95 -49.59 -31.79
N MET F 167 28.15 -48.48 -31.13
CA MET F 167 29.37 -47.71 -31.29
C MET F 167 30.47 -48.20 -30.38
N ALA F 168 31.70 -48.20 -30.88
CA ALA F 168 32.87 -48.64 -30.12
C ALA F 168 33.18 -47.67 -29.01
N LEU F 169 32.95 -46.41 -29.31
CA LEU F 169 33.11 -45.39 -28.32
C LEU F 169 31.95 -44.45 -28.51
N PRO F 170 31.12 -44.23 -27.49
CA PRO F 170 30.06 -43.22 -27.65
C PRO F 170 30.65 -41.79 -27.72
N PRO F 171 30.10 -40.92 -28.58
CA PRO F 171 30.73 -39.64 -28.87
C PRO F 171 30.89 -38.70 -27.69
N CYS F 172 32.06 -38.05 -27.61
CA CYS F 172 32.31 -36.93 -26.74
C CYS F 172 31.64 -35.67 -27.22
N HIS F 173 31.66 -35.44 -28.55
CA HIS F 173 31.10 -34.22 -29.14
C HIS F 173 29.67 -34.54 -29.51
N ALA F 174 28.80 -34.45 -28.52
CA ALA F 174 27.42 -34.80 -28.70
C ALA F 174 26.79 -33.94 -29.80
N LEU F 175 27.03 -32.65 -29.77
CA LEU F 175 26.51 -31.78 -30.80
C LEU F 175 27.26 -30.48 -30.93
N CYS F 176 27.02 -29.82 -32.06
CA CYS F 176 27.50 -28.49 -32.28
C CYS F 176 26.44 -27.66 -32.95
N GLN F 177 26.48 -26.36 -32.69
CA GLN F 177 25.55 -25.41 -33.25
C GLN F 177 26.33 -24.31 -33.94
N PHE F 178 25.79 -23.81 -35.03
CA PHE F 178 26.36 -22.66 -35.73
C PHE F 178 25.44 -21.47 -35.64
N TYR F 179 26.02 -20.30 -35.88
CA TYR F 179 25.35 -19.04 -35.64
C TYR F 179 26.02 -18.02 -36.57
N VAL F 180 25.23 -17.15 -37.15
CA VAL F 180 25.73 -16.21 -38.14
C VAL F 180 25.17 -14.85 -37.84
N VAL F 181 26.06 -13.87 -37.70
CA VAL F 181 25.66 -12.50 -37.50
C VAL F 181 26.78 -11.59 -38.01
N ASN F 182 26.39 -10.53 -38.73
CA ASN F 182 27.35 -9.62 -39.40
C ASN F 182 28.42 -10.32 -40.22
N SER F 183 28.01 -11.33 -41.01
CA SER F 183 28.92 -12.13 -41.84
C SER F 183 30.04 -12.90 -41.09
N GLU F 184 29.83 -13.17 -39.79
CA GLU F 184 30.77 -13.95 -39.00
C GLU F 184 30.15 -15.30 -38.57
N LEU F 185 30.82 -16.39 -38.92
CA LEU F 185 30.34 -17.72 -38.57
C LEU F 185 30.94 -18.11 -37.23
N SER F 186 30.09 -18.44 -36.26
CA SER F 186 30.54 -18.99 -34.99
C SER F 186 30.03 -20.42 -34.75
N CYS F 187 30.69 -21.11 -33.83
CA CYS F 187 30.37 -22.50 -33.54
C CYS F 187 30.41 -22.73 -32.06
N GLN F 188 29.39 -23.39 -31.52
CA GLN F 188 29.46 -23.89 -30.15
C GLN F 188 29.43 -25.40 -30.15
N LEU F 189 30.27 -26.00 -29.32
CA LEU F 189 30.38 -27.43 -29.20
C LEU F 189 29.94 -27.85 -27.81
N TYR F 190 28.99 -28.78 -27.70
CA TYR F 190 28.72 -29.43 -26.42
C TYR F 190 29.51 -30.72 -26.36
N GLN F 191 30.52 -30.73 -25.51
CA GLN F 191 31.37 -31.87 -25.30
C GLN F 191 31.02 -32.46 -23.97
N ARG F 192 30.42 -33.65 -23.97
CA ARG F 192 29.92 -34.26 -22.73
C ARG F 192 31.01 -34.58 -21.71
N SER F 193 32.21 -34.84 -22.21
CA SER F 193 33.30 -35.33 -21.40
C SER F 193 34.60 -34.95 -22.05
N GLY F 194 35.48 -34.34 -21.27
CA GLY F 194 36.71 -33.73 -21.79
C GLY F 194 37.88 -34.00 -20.87
N ASP F 195 38.90 -34.65 -21.42
CA ASP F 195 40.18 -34.87 -20.75
C ASP F 195 41.02 -33.64 -21.03
N MET F 196 41.19 -32.79 -20.04
CA MET F 196 41.82 -31.49 -20.26
C MET F 196 43.29 -31.63 -20.67
N GLY F 197 43.94 -32.68 -20.21
CA GLY F 197 45.34 -32.94 -20.54
C GLY F 197 45.63 -33.26 -22.00
N LEU F 198 44.83 -34.15 -22.59
CA LEU F 198 45.09 -34.71 -23.91
C LEU F 198 44.09 -34.27 -24.97
N GLY F 199 42.84 -34.67 -24.83
CA GLY F 199 41.84 -34.49 -25.87
C GLY F 199 41.39 -33.06 -26.11
N VAL F 200 41.17 -32.32 -25.04
CA VAL F 200 40.47 -31.03 -25.16
C VAL F 200 41.16 -30.06 -26.14
N PRO F 201 42.48 -29.86 -26.02
CA PRO F 201 43.17 -29.02 -26.99
C PRO F 201 43.02 -29.48 -28.46
N PHE F 202 43.11 -30.79 -28.66
CA PHE F 202 42.81 -31.43 -29.94
C PHE F 202 41.38 -31.09 -30.38
N ASN F 203 40.43 -31.25 -29.48
CA ASN F 203 39.01 -31.02 -29.80
C ASN F 203 38.73 -29.56 -30.14
N ILE F 204 39.33 -28.65 -29.41
CA ILE F 204 39.20 -27.23 -29.71
C ILE F 204 39.66 -26.97 -31.14
N ALA F 205 40.80 -27.51 -31.52
CA ALA F 205 41.34 -27.36 -32.86
C ALA F 205 40.49 -27.98 -33.97
N SER F 206 39.85 -29.13 -33.69
CA SER F 206 38.97 -29.80 -34.65
C SER F 206 37.81 -28.91 -35.08
N TYR F 207 37.12 -28.33 -34.11
CA TYR F 207 35.90 -27.54 -34.39
C TYR F 207 36.24 -26.14 -34.85
N ALA F 208 37.38 -25.63 -34.39
CA ALA F 208 37.90 -24.39 -34.92
C ALA F 208 38.15 -24.55 -36.41
N LEU F 209 38.77 -25.66 -36.79
CA LEU F 209 39.03 -25.99 -38.19
C LEU F 209 37.74 -26.20 -39.01
N LEU F 210 36.79 -26.94 -38.45
CA LEU F 210 35.48 -27.11 -39.08
C LEU F 210 34.87 -25.75 -39.39
N THR F 211 34.96 -24.82 -38.45
CA THR F 211 34.32 -23.54 -38.60
C THR F 211 35.01 -22.78 -39.72
N TYR F 212 36.34 -22.81 -39.76
CA TYR F 212 37.13 -22.22 -40.89
C TYR F 212 36.72 -22.81 -42.24
N MET F 213 36.59 -24.13 -42.31
CA MET F 213 36.14 -24.80 -43.51
C MET F 213 34.78 -24.29 -43.98
N ILE F 214 33.78 -24.32 -43.09
CA ILE F 214 32.42 -23.94 -43.47
C ILE F 214 32.32 -22.45 -43.77
N ALA F 215 33.01 -21.63 -42.99
CA ALA F 215 33.07 -20.19 -43.27
C ALA F 215 33.56 -19.93 -44.70
N HIS F 216 34.60 -20.65 -45.11
CA HIS F 216 35.18 -20.53 -46.44
C HIS F 216 34.19 -20.91 -47.54
N ILE F 217 33.56 -22.08 -47.40
CA ILE F 217 32.51 -22.57 -48.31
C ILE F 217 31.36 -21.56 -48.45
N THR F 218 30.97 -20.94 -47.34
CA THR F 218 29.80 -20.08 -47.31
C THR F 218 30.10 -18.61 -47.58
N GLY F 219 31.37 -18.24 -47.73
CA GLY F 219 31.78 -16.85 -47.93
C GLY F 219 31.72 -15.94 -46.70
N LEU F 220 31.97 -16.49 -45.51
CA LEU F 220 31.86 -15.74 -44.25
C LEU F 220 33.21 -15.67 -43.55
N LYS F 221 33.36 -14.74 -42.61
CA LYS F 221 34.60 -14.62 -41.83
C LYS F 221 34.42 -15.46 -40.56
N PRO F 222 35.43 -16.25 -40.17
CA PRO F 222 35.32 -16.96 -38.90
C PRO F 222 35.11 -16.02 -37.74
N GLY F 223 34.27 -16.42 -36.78
CA GLY F 223 33.89 -15.56 -35.63
C GLY F 223 34.47 -16.07 -34.31
N ASP F 224 33.60 -16.56 -33.41
CA ASP F 224 34.04 -17.24 -32.17
C ASP F 224 33.86 -18.77 -32.25
N PHE F 225 34.62 -19.51 -31.45
CA PHE F 225 34.32 -20.91 -31.17
C PHE F 225 34.05 -21.01 -29.68
N ILE F 226 32.86 -21.48 -29.31
CA ILE F 226 32.50 -21.62 -27.91
C ILE F 226 32.59 -23.08 -27.55
N HIS F 227 33.35 -23.35 -26.51
CA HIS F 227 33.59 -24.69 -26.06
C HIS F 227 32.90 -24.88 -24.75
N THR F 228 31.87 -25.72 -24.72
CA THR F 228 31.09 -26.00 -23.54
C THR F 228 31.36 -27.43 -23.11
N LEU F 229 31.63 -27.64 -21.83
CA LEU F 229 31.98 -28.96 -21.31
C LEU F 229 30.97 -29.46 -20.31
N GLY F 230 30.74 -30.76 -20.33
CA GLY F 230 30.01 -31.47 -19.28
C GLY F 230 30.99 -31.81 -18.20
N ASP F 231 31.45 -33.07 -18.16
CA ASP F 231 32.44 -33.53 -17.20
C ASP F 231 33.83 -33.09 -17.68
N ALA F 232 34.29 -31.93 -17.24
CA ALA F 232 35.65 -31.47 -17.47
C ALA F 232 36.57 -32.03 -16.40
N HIS F 233 37.55 -32.83 -16.79
CA HIS F 233 38.40 -33.45 -15.80
C HIS F 233 39.86 -33.57 -16.15
N ILE F 234 40.62 -33.95 -15.15
CA ILE F 234 42.03 -34.17 -15.27
C ILE F 234 42.34 -35.48 -14.59
N TYR F 235 42.97 -36.40 -15.28
CA TYR F 235 43.33 -37.65 -14.67
C TYR F 235 44.41 -37.40 -13.64
N LEU F 236 44.31 -38.07 -12.50
CA LEU F 236 45.24 -37.87 -11.39
C LEU F 236 46.69 -37.92 -11.78
N ASN F 237 47.10 -39.01 -12.39
CA ASN F 237 48.48 -39.13 -12.85
C ASN F 237 48.94 -38.03 -13.85
N HIS F 238 48.03 -37.18 -14.33
CA HIS F 238 48.40 -36.01 -15.14
C HIS F 238 48.57 -34.72 -14.34
N ILE F 239 48.28 -34.71 -13.04
CA ILE F 239 48.36 -33.46 -12.25
C ILE F 239 49.75 -32.83 -12.32
N GLU F 240 50.79 -33.60 -12.02
CA GLU F 240 52.16 -33.05 -11.98
C GLU F 240 52.58 -32.48 -13.34
N PRO F 241 52.47 -33.24 -14.44
CA PRO F 241 52.77 -32.65 -15.77
C PRO F 241 51.95 -31.40 -16.14
N LEU F 242 50.67 -31.33 -15.74
CA LEU F 242 49.84 -30.14 -16.03
C LEU F 242 50.23 -28.92 -15.24
N LYS F 243 50.66 -29.10 -14.00
CA LYS F 243 51.22 -28.00 -13.19
C LYS F 243 52.48 -27.39 -13.81
N ILE F 244 53.28 -28.23 -14.43
CA ILE F 244 54.46 -27.78 -15.20
C ILE F 244 53.97 -26.93 -16.37
N GLN F 245 52.95 -27.41 -17.07
CA GLN F 245 52.39 -26.67 -18.21
C GLN F 245 51.87 -25.29 -17.82
N LEU F 246 51.22 -25.18 -16.66
CA LEU F 246 50.72 -23.89 -16.14
C LEU F 246 51.80 -22.86 -15.87
N GLN F 247 53.02 -23.30 -15.63
CA GLN F 247 54.14 -22.39 -15.48
C GLN F 247 54.49 -21.64 -16.76
N ARG F 248 54.17 -22.18 -17.92
CA ARG F 248 54.67 -21.65 -19.19
C ARG F 248 53.80 -20.52 -19.69
N GLU F 249 54.43 -19.42 -20.11
CA GLU F 249 53.69 -18.27 -20.63
C GLU F 249 53.32 -18.59 -22.08
N PRO F 250 52.04 -18.44 -22.45
CA PRO F 250 51.62 -18.73 -23.80
C PRO F 250 52.24 -17.82 -24.82
N ARG F 251 52.42 -18.34 -26.03
CA ARG F 251 52.84 -17.53 -27.16
C ARG F 251 51.62 -17.26 -28.00
N PRO F 252 51.68 -16.20 -28.82
CA PRO F 252 50.52 -15.89 -29.63
C PRO F 252 50.11 -17.07 -30.54
N PHE F 253 48.83 -17.13 -30.82
CA PHE F 253 48.26 -18.16 -31.67
C PHE F 253 48.81 -18.06 -33.10
N PRO F 254 48.87 -19.18 -33.82
CA PRO F 254 49.22 -19.14 -35.24
C PRO F 254 48.04 -18.72 -36.09
N LYS F 255 48.26 -18.63 -37.38
CA LYS F 255 47.22 -18.33 -38.34
C LYS F 255 46.98 -19.56 -39.18
N LEU F 256 45.78 -19.67 -39.72
CA LEU F 256 45.45 -20.73 -40.65
C LEU F 256 45.17 -20.12 -42.02
N ARG F 257 45.99 -20.47 -43.00
CA ARG F 257 45.75 -20.08 -44.38
C ARG F 257 45.11 -21.26 -45.10
N ILE F 258 44.10 -20.99 -45.91
CA ILE F 258 43.52 -21.96 -46.85
C ILE F 258 44.03 -21.63 -48.27
N LEU F 259 44.75 -22.55 -48.88
CA LEU F 259 45.56 -22.27 -50.07
C LEU F 259 44.86 -22.28 -51.43
N ARG F 260 43.54 -22.46 -51.47
CA ARG F 260 42.78 -22.35 -52.74
C ARG F 260 41.27 -22.17 -52.49
N LYS F 261 40.54 -21.81 -53.54
CA LYS F 261 39.09 -21.66 -53.50
C LYS F 261 38.45 -23.05 -53.66
N VAL F 262 37.74 -23.52 -52.63
CA VAL F 262 37.06 -24.82 -52.62
C VAL F 262 35.54 -24.57 -52.55
N GLU F 263 34.78 -25.20 -53.44
CA GLU F 263 33.35 -24.89 -53.59
C GLU F 263 32.46 -25.78 -52.70
N LYS F 264 32.85 -27.04 -52.49
CA LYS F 264 32.09 -27.99 -51.68
C LYS F 264 32.98 -28.60 -50.58
N ILE F 265 32.37 -28.87 -49.42
CA ILE F 265 33.08 -29.40 -48.25
C ILE F 265 33.77 -30.76 -48.51
N ASP F 266 33.21 -31.59 -49.38
CA ASP F 266 33.80 -32.90 -49.73
C ASP F 266 35.15 -32.77 -50.47
N ASP F 267 35.42 -31.61 -51.08
CA ASP F 267 36.62 -31.33 -51.90
C ASP F 267 37.87 -30.88 -51.10
N PHE F 268 37.72 -30.49 -49.85
CA PHE F 268 38.89 -30.16 -49.04
C PHE F 268 39.84 -31.34 -48.91
N LYS F 269 41.13 -31.08 -49.12
CA LYS F 269 42.21 -32.08 -48.95
C LYS F 269 43.24 -31.51 -47.96
N ALA F 270 44.04 -32.36 -47.32
CA ALA F 270 45.03 -31.88 -46.30
C ALA F 270 46.02 -30.82 -46.84
N GLU F 271 46.32 -30.91 -48.12
CA GLU F 271 47.27 -30.03 -48.80
C GLU F 271 46.75 -28.60 -48.91
N ASP F 272 45.43 -28.43 -48.84
CA ASP F 272 44.80 -27.11 -48.87
C ASP F 272 45.05 -26.22 -47.64
N PHE F 273 45.54 -26.79 -46.53
CA PHE F 273 45.69 -26.06 -45.26
C PHE F 273 47.17 -25.88 -44.88
N GLN F 274 47.46 -24.74 -44.25
CA GLN F 274 48.81 -24.38 -43.84
C GLN F 274 48.74 -23.55 -42.54
N ILE F 275 49.38 -24.07 -41.51
CA ILE F 275 49.53 -23.40 -40.23
C ILE F 275 50.78 -22.53 -40.30
N GLU F 276 50.61 -21.25 -39.99
CA GLU F 276 51.64 -20.22 -40.15
C GLU F 276 52.00 -19.66 -38.77
N GLY F 277 53.24 -19.88 -38.33
CA GLY F 277 53.72 -19.26 -37.09
C GLY F 277 53.40 -19.99 -35.79
N TYR F 278 53.34 -21.31 -35.84
CA TYR F 278 53.00 -22.11 -34.66
C TYR F 278 54.29 -22.41 -33.89
N ASN F 279 54.42 -21.83 -32.70
CA ASN F 279 55.64 -21.92 -31.90
C ASN F 279 55.31 -22.47 -30.52
N PRO F 280 54.96 -23.76 -30.45
CA PRO F 280 54.64 -24.36 -29.16
C PRO F 280 55.84 -24.69 -28.29
N HIS F 281 55.60 -24.84 -27.00
CA HIS F 281 56.63 -25.21 -26.06
C HIS F 281 56.93 -26.70 -26.22
N PRO F 282 58.07 -27.13 -25.75
CA PRO F 282 58.52 -28.51 -25.86
C PRO F 282 57.74 -29.42 -24.95
#